data_4AWK
# 
_entry.id   4AWK 
# 
_audit_conform.dict_name       mmcif_pdbx.dic 
_audit_conform.dict_version    5.383 
_audit_conform.dict_location   http://mmcif.pdb.org/dictionaries/ascii/mmcif_pdbx.dic 
# 
loop_
_database_2.database_id 
_database_2.database_code 
_database_2.pdbx_database_accession 
_database_2.pdbx_DOI 
PDB   4AWK         pdb_00004awk 10.2210/pdb4awk/pdb 
PDBE  EBI-52754    ?            ?                   
WWPDB D_1290052754 ?            ?                   
# 
loop_
_pdbx_database_related.db_name 
_pdbx_database_related.db_id 
_pdbx_database_related.content_type 
_pdbx_database_related.details 
PDB 4AVG unspecified 'INFLUENZA STRAIN PH1N1 2009 POLYMERASE SUBUNIT PA ENDONUCLEASE IN COMPLEX WITH DIKETO COMPOUND 2' 
PDB 4AVL unspecified 'INFLUENZA STRAIN PH1N1 2009 POLYMERASE SUBUNIT PA ENDONUCLEASE IN COMPLEX WITH DTMP' 
PDB 4AVQ unspecified 'INFLUENZA STRAIN PH1N1 2009 POLYMERASE SUBUNIT PA ENDONUCLEASE' 
PDB 4AWF unspecified 
'INFLUENZA STRAIN PH1N1 2009 POLYMERASE SUBUNIT PA ENDONUCLEASE IN COMPLEX WITH 2 4-DIOXO-4- PHENYLBUTANOIC ACID DPBA'       
PDB 4AWG unspecified 'INFLUENZA STRAIN PH1N1 2009 POLYMERASE SUBUNIT PA ENDONUCLEASE IN COMPLEX WITH DIKETO COMPOUND 3' 
PDB 4AWH unspecified 'INFLUENZA STRAIN PH1N1 2009 POLYMERASE SUBUNIT PA ENDONUCLEASE IN COMPLEX WITH RUMP' 
PDB 4AWM unspecified 
'INFLUENZA STRAIN PH1N1 2009 POLYMERASE SUBUNIT PA ENDONUCLEASE IN COMPLEX WITH (-)-EPIGALLOCATECHIN GALLATE FROM GREEN TEA' 
# 
_pdbx_database_status.status_code                     REL 
_pdbx_database_status.entry_id                        4AWK 
_pdbx_database_status.deposit_site                    PDBE 
_pdbx_database_status.process_site                    PDBE 
_pdbx_database_status.SG_entry                        . 
_pdbx_database_status.recvd_initial_deposition_date   2012-06-04 
_pdbx_database_status.pdb_format_compatible           Y 
_pdbx_database_status.status_code_sf                  REL 
_pdbx_database_status.status_code_mr                  ? 
_pdbx_database_status.status_code_cs                  ? 
_pdbx_database_status.methods_development_category    ? 
_pdbx_database_status.status_code_nmr_data            ? 
# 
loop_
_audit_author.name 
_audit_author.pdbx_ordinal 
'Kowalinski, E.'    1 
'Zubieta, C.'       2 
'Wolkerstorfer, A.' 3 
'Szolar, O.H.'      4 
'Ruigrok, R.W.'     5 
'Cusack, S.'        6 
# 
_citation.id                        primary 
_citation.title                     
'Structural Analysis of Specific Metal Chelating Inhibitor Binding to the Endonuclease Domain of Influenza Ph1N1 (2009) Polymerase.' 
_citation.journal_abbrev            'Plos Pathog.' 
_citation.journal_volume            8 
_citation.page_first                2831 
_citation.page_last                 ? 
_citation.year                      2012 
_citation.journal_id_ASTM           ? 
_citation.country                   US 
_citation.journal_id_ISSN           1553-7366 
_citation.journal_id_CSD            ? 
_citation.book_publisher            ? 
_citation.pdbx_database_id_PubMed   22876177 
_citation.pdbx_database_id_DOI      10.1371/JOURNAL.PPAT.1002831 
# 
loop_
_citation_author.citation_id 
_citation_author.name 
_citation_author.ordinal 
_citation_author.identifier_ORCID 
primary 'Kowalinski, E.'    1 ? 
primary 'Zubieta, C.'       2 ? 
primary 'Wolkerstorfer, A.' 3 ? 
primary 'Szolar, O.H.'      4 ? 
primary 'Ruigrok, R.W.'     5 ? 
primary 'Cusack, S.'        6 ? 
# 
_cell.entry_id           4AWK 
_cell.length_a           75.060 
_cell.length_b           75.060 
_cell.length_c           120.050 
_cell.angle_alpha        90.00 
_cell.angle_beta         90.00 
_cell.angle_gamma        120.00 
_cell.Z_PDB              12 
_cell.pdbx_unique_axis   ? 
# 
_symmetry.entry_id                         4AWK 
_symmetry.space_group_name_H-M             'P 62 2 2' 
_symmetry.pdbx_full_space_group_name_H-M   ? 
_symmetry.cell_setting                     ? 
_symmetry.Int_Tables_number                180 
# 
loop_
_entity.id 
_entity.type 
_entity.src_method 
_entity.pdbx_description 
_entity.formula_weight 
_entity.pdbx_number_of_molecules 
_entity.pdbx_ec 
_entity.pdbx_mutation 
_entity.pdbx_fragment 
_entity.details 
1 polymer     man 'POLYMERASE PA'                                                                                     21571.656 1  
? ? 'ENDONUCLEASE, RESIDUES 1-198' ? 
2 non-polymer syn '(2Z)-4-[(3S)-1-(benzylsulfonyl)-3-(4-chlorobenzyl)piperidin-3-yl]-2-hydroxy-4-oxobut-2-enoic acid' 477.958   1  
? ? ?                              ? 
3 non-polymer syn 'MANGANESE (II) ION'                                                                                54.938    2  
? ? ?                              ? 
4 water       nat water                                                                                               18.015    92 
? ? ?                              ? 
# 
_entity_poly.entity_id                      1 
_entity_poly.type                           'polypeptide(L)' 
_entity_poly.nstd_linkage                   no 
_entity_poly.nstd_monomer                   no 
_entity_poly.pdbx_seq_one_letter_code       
;MGSGMAMEDFVRQCFNPMIVELAEKAMKEYGEDPKIETNKFAAICTHLEVCFMYSDFGHRFEIIEGRDRIMAWTVVNSIC
NTTGVEKPKFLPDLYDYKENRFIEIGVTRREVHIYYLEKANKIKSEKTHIHIFSFTGEEMATKADYTLDEESRARIKTRL
FTIRQEMASRSLWDSFRQSERGE
;
_entity_poly.pdbx_seq_one_letter_code_can   
;MGSGMAMEDFVRQCFNPMIVELAEKAMKEYGEDPKIETNKFAAICTHLEVCFMYSDFGHRFEIIEGRDRIMAWTVVNSIC
NTTGVEKPKFLPDLYDYKENRFIEIGVTRREVHIYYLEKANKIKSEKTHIHIFSFTGEEMATKADYTLDEESRARIKTRL
FTIRQEMASRSLWDSFRQSERGE
;
_entity_poly.pdbx_strand_id                 A 
_entity_poly.pdbx_target_identifier         ? 
# 
loop_
_entity_poly_seq.entity_id 
_entity_poly_seq.num 
_entity_poly_seq.mon_id 
_entity_poly_seq.hetero 
1 1   MET n 
1 2   GLY n 
1 3   SER n 
1 4   GLY n 
1 5   MET n 
1 6   ALA n 
1 7   MET n 
1 8   GLU n 
1 9   ASP n 
1 10  PHE n 
1 11  VAL n 
1 12  ARG n 
1 13  GLN n 
1 14  CYS n 
1 15  PHE n 
1 16  ASN n 
1 17  PRO n 
1 18  MET n 
1 19  ILE n 
1 20  VAL n 
1 21  GLU n 
1 22  LEU n 
1 23  ALA n 
1 24  GLU n 
1 25  LYS n 
1 26  ALA n 
1 27  MET n 
1 28  LYS n 
1 29  GLU n 
1 30  TYR n 
1 31  GLY n 
1 32  GLU n 
1 33  ASP n 
1 34  PRO n 
1 35  LYS n 
1 36  ILE n 
1 37  GLU n 
1 38  THR n 
1 39  ASN n 
1 40  LYS n 
1 41  PHE n 
1 42  ALA n 
1 43  ALA n 
1 44  ILE n 
1 45  CYS n 
1 46  THR n 
1 47  HIS n 
1 48  LEU n 
1 49  GLU n 
1 50  VAL n 
1 51  CYS n 
1 52  PHE n 
1 53  MET n 
1 54  TYR n 
1 55  SER n 
1 56  ASP n 
1 57  PHE n 
1 58  GLY n 
1 59  HIS n 
1 60  ARG n 
1 61  PHE n 
1 62  GLU n 
1 63  ILE n 
1 64  ILE n 
1 65  GLU n 
1 66  GLY n 
1 67  ARG n 
1 68  ASP n 
1 69  ARG n 
1 70  ILE n 
1 71  MET n 
1 72  ALA n 
1 73  TRP n 
1 74  THR n 
1 75  VAL n 
1 76  VAL n 
1 77  ASN n 
1 78  SER n 
1 79  ILE n 
1 80  CYS n 
1 81  ASN n 
1 82  THR n 
1 83  THR n 
1 84  GLY n 
1 85  VAL n 
1 86  GLU n 
1 87  LYS n 
1 88  PRO n 
1 89  LYS n 
1 90  PHE n 
1 91  LEU n 
1 92  PRO n 
1 93  ASP n 
1 94  LEU n 
1 95  TYR n 
1 96  ASP n 
1 97  TYR n 
1 98  LYS n 
1 99  GLU n 
1 100 ASN n 
1 101 ARG n 
1 102 PHE n 
1 103 ILE n 
1 104 GLU n 
1 105 ILE n 
1 106 GLY n 
1 107 VAL n 
1 108 THR n 
1 109 ARG n 
1 110 ARG n 
1 111 GLU n 
1 112 VAL n 
1 113 HIS n 
1 114 ILE n 
1 115 TYR n 
1 116 TYR n 
1 117 LEU n 
1 118 GLU n 
1 119 LYS n 
1 120 ALA n 
1 121 ASN n 
1 122 LYS n 
1 123 ILE n 
1 124 LYS n 
1 125 SER n 
1 126 GLU n 
1 127 LYS n 
1 128 THR n 
1 129 HIS n 
1 130 ILE n 
1 131 HIS n 
1 132 ILE n 
1 133 PHE n 
1 134 SER n 
1 135 PHE n 
1 136 THR n 
1 137 GLY n 
1 138 GLU n 
1 139 GLU n 
1 140 MET n 
1 141 ALA n 
1 142 THR n 
1 143 LYS n 
1 144 ALA n 
1 145 ASP n 
1 146 TYR n 
1 147 THR n 
1 148 LEU n 
1 149 ASP n 
1 150 GLU n 
1 151 GLU n 
1 152 SER n 
1 153 ARG n 
1 154 ALA n 
1 155 ARG n 
1 156 ILE n 
1 157 LYS n 
1 158 THR n 
1 159 ARG n 
1 160 LEU n 
1 161 PHE n 
1 162 THR n 
1 163 ILE n 
1 164 ARG n 
1 165 GLN n 
1 166 GLU n 
1 167 MET n 
1 168 ALA n 
1 169 SER n 
1 170 ARG n 
1 171 SER n 
1 172 LEU n 
1 173 TRP n 
1 174 ASP n 
1 175 SER n 
1 176 PHE n 
1 177 ARG n 
1 178 GLN n 
1 179 SER n 
1 180 GLU n 
1 181 ARG n 
1 182 GLY n 
1 183 GLU n 
# 
_entity_src_gen.entity_id                          1 
_entity_src_gen.pdbx_src_id                        1 
_entity_src_gen.pdbx_alt_source_flag               sample 
_entity_src_gen.pdbx_seq_type                      ? 
_entity_src_gen.pdbx_beg_seq_num                   ? 
_entity_src_gen.pdbx_end_seq_num                   ? 
_entity_src_gen.gene_src_common_name               ? 
_entity_src_gen.gene_src_genus                     ? 
_entity_src_gen.pdbx_gene_src_gene                 ? 
_entity_src_gen.gene_src_species                   ? 
_entity_src_gen.gene_src_strain                    'A/CALIFORNIA/04/2009(H1N1)' 
_entity_src_gen.gene_src_tissue                    ? 
_entity_src_gen.gene_src_tissue_fraction           ? 
_entity_src_gen.gene_src_details                   ? 
_entity_src_gen.pdbx_gene_src_fragment             ? 
_entity_src_gen.pdbx_gene_src_scientific_name      'INFLUENZA A VIRUS' 
_entity_src_gen.pdbx_gene_src_ncbi_taxonomy_id     641501 
_entity_src_gen.pdbx_gene_src_variant              ? 
_entity_src_gen.pdbx_gene_src_cell_line            ? 
_entity_src_gen.pdbx_gene_src_atcc                 ? 
_entity_src_gen.pdbx_gene_src_organ                ? 
_entity_src_gen.pdbx_gene_src_organelle            ? 
_entity_src_gen.pdbx_gene_src_cell                 ? 
_entity_src_gen.pdbx_gene_src_cellular_location    ? 
_entity_src_gen.host_org_common_name               ? 
_entity_src_gen.pdbx_host_org_scientific_name      'ESCHERICHIA COLI' 
_entity_src_gen.pdbx_host_org_ncbi_taxonomy_id     469008 
_entity_src_gen.host_org_genus                     ? 
_entity_src_gen.pdbx_host_org_gene                 ? 
_entity_src_gen.pdbx_host_org_organ                ? 
_entity_src_gen.host_org_species                   ? 
_entity_src_gen.pdbx_host_org_tissue               ? 
_entity_src_gen.pdbx_host_org_tissue_fraction      ? 
_entity_src_gen.pdbx_host_org_strain               'BL21(DE3)' 
_entity_src_gen.pdbx_host_org_variant              ? 
_entity_src_gen.pdbx_host_org_cell_line            ? 
_entity_src_gen.pdbx_host_org_atcc                 ? 
_entity_src_gen.pdbx_host_org_culture_collection   ? 
_entity_src_gen.pdbx_host_org_cell                 ? 
_entity_src_gen.pdbx_host_org_organelle            ? 
_entity_src_gen.pdbx_host_org_cellular_location    ? 
_entity_src_gen.pdbx_host_org_vector_type          ? 
_entity_src_gen.pdbx_host_org_vector               ? 
_entity_src_gen.host_org_details                   ? 
_entity_src_gen.expression_system_id               ? 
_entity_src_gen.plasmid_name                       ? 
_entity_src_gen.plasmid_details                    ? 
_entity_src_gen.pdbx_description                   'SYNTHETIC GENE' 
# 
_struct_ref.id                         1 
_struct_ref.db_name                    UNP 
_struct_ref.db_code                    C3W5S0_I09A0 
_struct_ref.entity_id                  1 
_struct_ref.pdbx_seq_one_letter_code   ? 
_struct_ref.pdbx_align_begin           ? 
_struct_ref.pdbx_db_accession          C3W5S0 
_struct_ref.pdbx_db_isoform            ? 
# 
_struct_ref_seq.align_id                      1 
_struct_ref_seq.ref_id                        1 
_struct_ref_seq.pdbx_PDB_id_code              4AWK 
_struct_ref_seq.pdbx_strand_id                A 
_struct_ref_seq.seq_align_beg                 7 
_struct_ref_seq.pdbx_seq_align_beg_ins_code   ? 
_struct_ref_seq.seq_align_end                 183 
_struct_ref_seq.pdbx_seq_align_end_ins_code   ? 
_struct_ref_seq.pdbx_db_accession             C3W5S0 
_struct_ref_seq.db_align_beg                  1 
_struct_ref_seq.pdbx_db_align_beg_ins_code    ? 
_struct_ref_seq.db_align_end                  198 
_struct_ref_seq.pdbx_db_align_end_ins_code    ? 
_struct_ref_seq.pdbx_auth_seq_align_beg       1 
_struct_ref_seq.pdbx_auth_seq_align_end       198 
# 
loop_
_struct_ref_seq_dif.align_id 
_struct_ref_seq_dif.pdbx_pdb_id_code 
_struct_ref_seq_dif.mon_id 
_struct_ref_seq_dif.pdbx_pdb_strand_id 
_struct_ref_seq_dif.seq_num 
_struct_ref_seq_dif.pdbx_pdb_ins_code 
_struct_ref_seq_dif.pdbx_seq_db_name 
_struct_ref_seq_dif.pdbx_seq_db_accession_code 
_struct_ref_seq_dif.db_mon_id 
_struct_ref_seq_dif.pdbx_seq_db_seq_num 
_struct_ref_seq_dif.details 
_struct_ref_seq_dif.pdbx_auth_seq_num 
_struct_ref_seq_dif.pdbx_ordinal 
1 4AWK MET A 1  ? UNP C3W5S0 ?   ?  'expression tag' -5 1  
1 4AWK GLY A 2  ? UNP C3W5S0 ?   ?  'expression tag' -4 2  
1 4AWK SER A 3  ? UNP C3W5S0 ?   ?  'expression tag' -3 3  
1 4AWK GLY A 4  ? UNP C3W5S0 ?   ?  'expression tag' -2 4  
1 4AWK MET A 5  ? UNP C3W5S0 ?   ?  'expression tag' -1 5  
1 4AWK ALA A 6  ? UNP C3W5S0 ?   ?  'expression tag' 0  6  
1 4AWK GLY A 58 ? UNP C3W5S0 HIS 52 'SEE REMARK 999' 52 7  
1 4AWK ?   A ?  ? UNP C3W5S0 PHE 53 deletion         ?  8  
1 4AWK ?   A ?  ? UNP C3W5S0 ILE 54 deletion         ?  9  
1 4AWK ?   A ?  ? UNP C3W5S0 ASP 55 deletion         ?  10 
1 4AWK ?   A ?  ? UNP C3W5S0 GLU 56 deletion         ?  11 
1 4AWK ?   A ?  ? UNP C3W5S0 ARG 57 deletion         ?  12 
1 4AWK ?   A ?  ? UNP C3W5S0 GLY 58 deletion         ?  13 
1 4AWK ?   A ?  ? UNP C3W5S0 GLU 59 deletion         ?  14 
1 4AWK ?   A ?  ? UNP C3W5S0 SER 60 deletion         ?  15 
1 4AWK ?   A ?  ? UNP C3W5S0 ILE 61 deletion         ?  16 
1 4AWK ?   A ?  ? UNP C3W5S0 ILE 62 deletion         ?  17 
1 4AWK ?   A ?  ? UNP C3W5S0 VAL 63 deletion         ?  18 
1 4AWK ?   A ?  ? UNP C3W5S0 GLU 64 deletion         ?  19 
1 4AWK ?   A ?  ? UNP C3W5S0 SER 65 deletion         ?  20 
1 4AWK ?   A ?  ? UNP C3W5S0 GLY 66 deletion         ?  21 
1 4AWK ?   A ?  ? UNP C3W5S0 ASP 67 deletion         ?  22 
1 4AWK ?   A ?  ? UNP C3W5S0 PRO 68 deletion         ?  23 
1 4AWK ?   A ?  ? UNP C3W5S0 ASN 69 deletion         ?  24 
1 4AWK ?   A ?  ? UNP C3W5S0 ALA 70 deletion         ?  25 
1 4AWK ?   A ?  ? UNP C3W5S0 LEU 71 deletion         ?  26 
1 4AWK ?   A ?  ? UNP C3W5S0 LEU 72 deletion         ?  27 
1 4AWK ?   A ?  ? UNP C3W5S0 LYS 73 deletion         ?  28 
# 
loop_
_chem_comp.id 
_chem_comp.type 
_chem_comp.mon_nstd_flag 
_chem_comp.name 
_chem_comp.pdbx_synonyms 
_chem_comp.formula 
_chem_comp.formula_weight 
ALA 'L-peptide linking' y ALANINE                                                                                             ? 
'C3 H7 N O2'        89.093  
ARG 'L-peptide linking' y ARGININE                                                                                            ? 
'C6 H15 N4 O2 1'    175.209 
ASN 'L-peptide linking' y ASPARAGINE                                                                                          ? 
'C4 H8 N2 O3'       132.118 
ASP 'L-peptide linking' y 'ASPARTIC ACID'                                                                                     ? 
'C4 H7 N O4'        133.103 
CI1 non-polymer         . '(2Z)-4-[(3S)-1-(benzylsulfonyl)-3-(4-chlorobenzyl)piperidin-3-yl]-2-hydroxy-4-oxobut-2-enoic acid' ? 
'C23 H24 Cl N O6 S' 477.958 
CYS 'L-peptide linking' y CYSTEINE                                                                                            ? 
'C3 H7 N O2 S'      121.158 
GLN 'L-peptide linking' y GLUTAMINE                                                                                           ? 
'C5 H10 N2 O3'      146.144 
GLU 'L-peptide linking' y 'GLUTAMIC ACID'                                                                                     ? 
'C5 H9 N O4'        147.129 
GLY 'peptide linking'   y GLYCINE                                                                                             ? 
'C2 H5 N O2'        75.067  
HIS 'L-peptide linking' y HISTIDINE                                                                                           ? 
'C6 H10 N3 O2 1'    156.162 
HOH non-polymer         . WATER                                                                                               ? 
'H2 O'              18.015  
ILE 'L-peptide linking' y ISOLEUCINE                                                                                          ? 
'C6 H13 N O2'       131.173 
LEU 'L-peptide linking' y LEUCINE                                                                                             ? 
'C6 H13 N O2'       131.173 
LYS 'L-peptide linking' y LYSINE                                                                                              ? 
'C6 H15 N2 O2 1'    147.195 
MET 'L-peptide linking' y METHIONINE                                                                                          ? 
'C5 H11 N O2 S'     149.211 
MN  non-polymer         . 'MANGANESE (II) ION'                                                                                ? 
'Mn 2'              54.938  
PHE 'L-peptide linking' y PHENYLALANINE                                                                                       ? 
'C9 H11 N O2'       165.189 
PRO 'L-peptide linking' y PROLINE                                                                                             ? 
'C5 H9 N O2'        115.130 
SER 'L-peptide linking' y SERINE                                                                                              ? 
'C3 H7 N O3'        105.093 
THR 'L-peptide linking' y THREONINE                                                                                           ? 
'C4 H9 N O3'        119.119 
TRP 'L-peptide linking' y TRYPTOPHAN                                                                                          ? 
'C11 H12 N2 O2'     204.225 
TYR 'L-peptide linking' y TYROSINE                                                                                            ? 
'C9 H11 N O3'       181.189 
VAL 'L-peptide linking' y VALINE                                                                                              ? 
'C5 H11 N O2'       117.146 
# 
_exptl.entry_id          4AWK 
_exptl.method            'X-RAY DIFFRACTION' 
_exptl.crystals_number   1 
# 
_exptl_crystal.id                    1 
_exptl_crystal.density_meas          ? 
_exptl_crystal.density_Matthews      2.18 
_exptl_crystal.density_percent_sol   43.5 
_exptl_crystal.description           NONE 
# 
_exptl_crystal_grow.crystal_id      1 
_exptl_crystal_grow.method          ? 
_exptl_crystal_grow.temp            ? 
_exptl_crystal_grow.temp_details    ? 
_exptl_crystal_grow.pH              8.5 
_exptl_crystal_grow.pdbx_pH_range   ? 
_exptl_crystal_grow.pdbx_details    '25-30% PEG 4K, 0.1 M TRIS PH8.5, 0.2 M NACL' 
# 
_diffrn.id                     1 
_diffrn.ambient_temp           100 
_diffrn.ambient_temp_details   ? 
_diffrn.crystal_id             1 
# 
_diffrn_detector.diffrn_id              1 
_diffrn_detector.detector               CCD 
_diffrn_detector.type                   'ADSC QUANTUM 315r' 
_diffrn_detector.pdbx_collection_date   2010-04-14 
_diffrn_detector.details                ? 
# 
_diffrn_radiation.diffrn_id                        1 
_diffrn_radiation.wavelength_id                    1 
_diffrn_radiation.pdbx_monochromatic_or_laue_m_l   M 
_diffrn_radiation.monochromator                    ? 
_diffrn_radiation.pdbx_diffrn_protocol             'SINGLE WAVELENGTH' 
_diffrn_radiation.pdbx_scattering_type             x-ray 
# 
_diffrn_radiation_wavelength.id           1 
_diffrn_radiation_wavelength.wavelength   0.9724 
_diffrn_radiation_wavelength.wt           1.0 
# 
_diffrn_source.diffrn_id                   1 
_diffrn_source.source                      SYNCHROTRON 
_diffrn_source.type                        'ESRF BEAMLINE ID29' 
_diffrn_source.pdbx_synchrotron_site       ESRF 
_diffrn_source.pdbx_synchrotron_beamline   ID29 
_diffrn_source.pdbx_wavelength             0.9724 
_diffrn_source.pdbx_wavelength_list        ? 
# 
_reflns.pdbx_diffrn_id               1 
_reflns.pdbx_ordinal                 1 
_reflns.entry_id                     4AWK 
_reflns.observed_criterion_sigma_I   0.0 
_reflns.observed_criterion_sigma_F   ? 
_reflns.d_resolution_low             50.00 
_reflns.d_resolution_high            1.90 
_reflns.number_obs                   16410 
_reflns.number_all                   ? 
_reflns.percent_possible_obs         99.9 
_reflns.pdbx_Rmerge_I_obs            0.05 
_reflns.pdbx_Rsym_value              ? 
_reflns.pdbx_netI_over_sigmaI        22.20 
_reflns.B_iso_Wilson_estimate        ? 
_reflns.pdbx_redundancy              8.09 
# 
_reflns_shell.pdbx_diffrn_id         1 
_reflns_shell.pdbx_ordinal           1 
_reflns_shell.d_res_high             1.90 
_reflns_shell.d_res_low              1.95 
_reflns_shell.percent_possible_all   100.0 
_reflns_shell.Rmerge_I_obs           0.54 
_reflns_shell.pdbx_Rsym_value        ? 
_reflns_shell.meanI_over_sigI_obs    2.95 
_reflns_shell.pdbx_redundancy        6.3 
# 
_refine.pdbx_refine_id                           'X-RAY DIFFRACTION' 
_refine.entry_id                                 4AWK 
_refine.pdbx_diffrn_id                           1 
_refine.pdbx_TLS_residual_ADP_flag               ? 
_refine.ls_number_reflns_obs                     15580 
_refine.ls_number_reflns_all                     ? 
_refine.pdbx_ls_sigma_I                          ? 
_refine.pdbx_ls_sigma_F                          . 
_refine.pdbx_data_cutoff_high_absF               ? 
_refine.pdbx_data_cutoff_low_absF                ? 
_refine.pdbx_data_cutoff_high_rms_absF           ? 
_refine.ls_d_res_low                             65.01 
_refine.ls_d_res_high                            1.90 
_refine.ls_percent_reflns_obs                    99.79 
_refine.ls_R_factor_obs                          0.20971 
_refine.ls_R_factor_all                          ? 
_refine.ls_R_factor_R_work                       0.20840 
_refine.ls_R_factor_R_free                       0.23568 
_refine.ls_R_factor_R_free_error                 ? 
_refine.ls_R_factor_R_free_error_details         ? 
_refine.ls_percent_reflns_R_free                 5.1 
_refine.ls_number_reflns_R_free                  830 
_refine.ls_number_parameters                     ? 
_refine.ls_number_restraints                     ? 
_refine.occupancy_min                            ? 
_refine.occupancy_max                            ? 
_refine.correlation_coeff_Fo_to_Fc               0.953 
_refine.correlation_coeff_Fo_to_Fc_free          0.947 
_refine.B_iso_mean                               34.398 
_refine.aniso_B[1][1]                            2.06 
_refine.aniso_B[2][2]                            2.06 
_refine.aniso_B[3][3]                            -4.12 
_refine.aniso_B[1][2]                            0.00 
_refine.aniso_B[1][3]                            0.00 
_refine.aniso_B[2][3]                            0.00 
_refine.solvent_model_details                    MASK 
_refine.solvent_model_param_ksol                 ? 
_refine.solvent_model_param_bsol                 ? 
_refine.pdbx_solvent_vdw_probe_radii             1.20 
_refine.pdbx_solvent_ion_probe_radii             0.80 
_refine.pdbx_solvent_shrinkage_radii             0.80 
_refine.pdbx_ls_cross_valid_method               THROUGHOUT 
_refine.details                                  'HYDROGENS HAVE BEEN ADDED IN THE RIDING POSITIONS. U VALUES REFINED INDIVIDUALLY' 
_refine.pdbx_starting_model                      'PDB ENTRY 2W69' 
_refine.pdbx_method_to_determine_struct          'MOLECULAR REPLACEMENT' 
_refine.pdbx_isotropic_thermal_model             ? 
_refine.pdbx_stereochemistry_target_values       'MAXIMUM LIKELIHOOD' 
_refine.pdbx_stereochem_target_val_spec_case     ? 
_refine.pdbx_R_Free_selection_details            RANDOM 
_refine.pdbx_overall_ESU_R                       0.035 
_refine.pdbx_overall_ESU_R_Free                  0.031 
_refine.overall_SU_ML                            0.083 
_refine.pdbx_overall_phase_error                 ? 
_refine.overall_SU_B                             3.124 
_refine.overall_SU_R_Cruickshank_DPI             ? 
_refine.pdbx_overall_SU_R_free_Cruickshank_DPI   ? 
_refine.pdbx_overall_SU_R_Blow_DPI               ? 
_refine.pdbx_overall_SU_R_free_Blow_DPI          ? 
# 
_refine_hist.pdbx_refine_id                   'X-RAY DIFFRACTION' 
_refine_hist.cycle_id                         LAST 
_refine_hist.pdbx_number_atoms_protein        1449 
_refine_hist.pdbx_number_atoms_nucleic_acid   0 
_refine_hist.pdbx_number_atoms_ligand         34 
_refine_hist.number_atoms_solvent             92 
_refine_hist.number_atoms_total               1575 
_refine_hist.d_res_high                       1.90 
_refine_hist.d_res_low                        65.01 
# 
loop_
_refine_ls_restr.type 
_refine_ls_restr.dev_ideal 
_refine_ls_restr.dev_ideal_target 
_refine_ls_restr.weight 
_refine_ls_restr.number 
_refine_ls_restr.pdbx_refine_id 
_refine_ls_restr.pdbx_restraint_function 
r_bond_refined_d             0.008  0.020  ? 1512 'X-RAY DIFFRACTION' ? 
r_bond_other_d               0.001  0.020  ? 1071 'X-RAY DIFFRACTION' ? 
r_angle_refined_deg          1.171  1.967  ? 2031 'X-RAY DIFFRACTION' ? 
r_angle_other_deg            0.813  3.000  ? 2578 'X-RAY DIFFRACTION' ? 
r_dihedral_angle_1_deg       4.900  5.000  ? 171  'X-RAY DIFFRACTION' ? 
r_dihedral_angle_2_deg       35.200 23.333 ? 78   'X-RAY DIFFRACTION' ? 
r_dihedral_angle_3_deg       13.518 15.000 ? 279  'X-RAY DIFFRACTION' ? 
r_dihedral_angle_4_deg       17.830 15.000 ? 13   'X-RAY DIFFRACTION' ? 
r_chiral_restr               0.062  0.200  ? 213  'X-RAY DIFFRACTION' ? 
r_gen_planes_refined         0.005  0.020  ? 1644 'X-RAY DIFFRACTION' ? 
r_gen_planes_other           0.003  0.020  ? 340  'X-RAY DIFFRACTION' ? 
r_nbd_refined                ?      ?      ? ?    'X-RAY DIFFRACTION' ? 
r_nbd_other                  ?      ?      ? ?    'X-RAY DIFFRACTION' ? 
r_nbtor_refined              ?      ?      ? ?    'X-RAY DIFFRACTION' ? 
r_nbtor_other                ?      ?      ? ?    'X-RAY DIFFRACTION' ? 
r_xyhbond_nbd_refined        ?      ?      ? ?    'X-RAY DIFFRACTION' ? 
r_xyhbond_nbd_other          ?      ?      ? ?    'X-RAY DIFFRACTION' ? 
r_metal_ion_refined          ?      ?      ? ?    'X-RAY DIFFRACTION' ? 
r_metal_ion_other            ?      ?      ? ?    'X-RAY DIFFRACTION' ? 
r_symmetry_vdw_refined       ?      ?      ? ?    'X-RAY DIFFRACTION' ? 
r_symmetry_vdw_other         ?      ?      ? ?    'X-RAY DIFFRACTION' ? 
r_symmetry_hbond_refined     ?      ?      ? ?    'X-RAY DIFFRACTION' ? 
r_symmetry_hbond_other       ?      ?      ? ?    'X-RAY DIFFRACTION' ? 
r_symmetry_metal_ion_refined ?      ?      ? ?    'X-RAY DIFFRACTION' ? 
r_symmetry_metal_ion_other   ?      ?      ? ?    'X-RAY DIFFRACTION' ? 
r_mcbond_it                  ?      ?      ? ?    'X-RAY DIFFRACTION' ? 
r_mcbond_other               ?      ?      ? ?    'X-RAY DIFFRACTION' ? 
r_mcangle_it                 ?      ?      ? ?    'X-RAY DIFFRACTION' ? 
r_mcangle_other              ?      ?      ? ?    'X-RAY DIFFRACTION' ? 
r_scbond_it                  ?      ?      ? ?    'X-RAY DIFFRACTION' ? 
r_scbond_other               ?      ?      ? ?    'X-RAY DIFFRACTION' ? 
r_scangle_it                 ?      ?      ? ?    'X-RAY DIFFRACTION' ? 
r_scangle_other              ?      ?      ? ?    'X-RAY DIFFRACTION' ? 
r_long_range_B_refined       ?      ?      ? ?    'X-RAY DIFFRACTION' ? 
r_long_range_B_other         ?      ?      ? ?    'X-RAY DIFFRACTION' ? 
r_rigid_bond_restr           ?      ?      ? ?    'X-RAY DIFFRACTION' ? 
r_sphericity_free            ?      ?      ? ?    'X-RAY DIFFRACTION' ? 
r_sphericity_bonded          ?      ?      ? ?    'X-RAY DIFFRACTION' ? 
# 
_refine_ls_shell.pdbx_refine_id                   'X-RAY DIFFRACTION' 
_refine_ls_shell.pdbx_total_number_of_bins_used   20 
_refine_ls_shell.d_res_high                       1.899 
_refine_ls_shell.d_res_low                        1.949 
_refine_ls_shell.number_reflns_R_work             1092 
_refine_ls_shell.R_factor_R_work                  0.297 
_refine_ls_shell.percent_reflns_obs               98.15 
_refine_ls_shell.R_factor_R_free                  0.337 
_refine_ls_shell.R_factor_R_free_error            ? 
_refine_ls_shell.percent_reflns_R_free            ? 
_refine_ls_shell.number_reflns_R_free             77 
_refine_ls_shell.number_reflns_all                ? 
_refine_ls_shell.R_factor_all                     ? 
# 
_struct.entry_id                  4AWK 
_struct.title                     
'Influenza strain pH1N1 2009 polymerase subunit PA endonuclease in complex with diketo compound 1' 
_struct.pdbx_model_details        ? 
_struct.pdbx_CASP_flag            ? 
_struct.pdbx_model_type_details   ? 
# 
_struct_keywords.entry_id        4AWK 
_struct_keywords.pdbx_keywords   HYDROLASE 
_struct_keywords.text            'HYDROLASE, MANGANESE-DEPENDENT, PD...D-E...K SUPERFAMILY' 
# 
loop_
_struct_asym.id 
_struct_asym.pdbx_blank_PDB_chainid_flag 
_struct_asym.pdbx_modified 
_struct_asym.entity_id 
_struct_asym.details 
A N N 1 ? 
B N N 2 ? 
C N N 3 ? 
D N N 3 ? 
E N N 4 ? 
# 
_struct_biol.id   1 
# 
loop_
_struct_conf.conf_type_id 
_struct_conf.id 
_struct_conf.pdbx_PDB_helix_id 
_struct_conf.beg_label_comp_id 
_struct_conf.beg_label_asym_id 
_struct_conf.beg_label_seq_id 
_struct_conf.pdbx_beg_PDB_ins_code 
_struct_conf.end_label_comp_id 
_struct_conf.end_label_asym_id 
_struct_conf.end_label_seq_id 
_struct_conf.pdbx_end_PDB_ins_code 
_struct_conf.beg_auth_comp_id 
_struct_conf.beg_auth_asym_id 
_struct_conf.beg_auth_seq_id 
_struct_conf.end_auth_comp_id 
_struct_conf.end_auth_asym_id 
_struct_conf.end_auth_seq_id 
_struct_conf.pdbx_PDB_helix_class 
_struct_conf.details 
_struct_conf.pdbx_PDB_helix_length 
HELX_P HELX_P1 1 ALA A 6   ? PHE A 15  ? ALA A 0   PHE A 9   1 ? 10 
HELX_P HELX_P2 2 ASN A 16  ? TYR A 30  ? ASN A 10  TYR A 24  1 ? 15 
HELX_P HELX_P3 3 GLU A 37  ? PHE A 57  ? GLU A 31  PHE A 51  1 ? 21 
HELX_P HELX_P4 4 ASP A 68  ? GLY A 84  ? ASP A 83  GLY A 99  1 ? 17 
HELX_P HELX_P5 5 GLU A 111 ? LYS A 124 ? GLU A 126 LYS A 139 1 ? 14 
HELX_P HELX_P6 6 LYS A 143 ? ASP A 145 ? LYS A 158 ASP A 160 5 ? 3  
HELX_P HELX_P7 7 ASP A 149 ? ARG A 170 ? ASP A 164 ARG A 185 1 ? 22 
HELX_P HELX_P8 8 LEU A 172 ? SER A 179 ? LEU A 187 SER A 194 1 ? 8  
# 
_struct_conf_type.id          HELX_P 
_struct_conf_type.criteria    ? 
_struct_conf_type.reference   ? 
# 
loop_
_struct_conn.id 
_struct_conn.conn_type_id 
_struct_conn.pdbx_leaving_atom_flag 
_struct_conn.pdbx_PDB_id 
_struct_conn.ptnr1_label_asym_id 
_struct_conn.ptnr1_label_comp_id 
_struct_conn.ptnr1_label_seq_id 
_struct_conn.ptnr1_label_atom_id 
_struct_conn.pdbx_ptnr1_label_alt_id 
_struct_conn.pdbx_ptnr1_PDB_ins_code 
_struct_conn.pdbx_ptnr1_standard_comp_id 
_struct_conn.ptnr1_symmetry 
_struct_conn.ptnr2_label_asym_id 
_struct_conn.ptnr2_label_comp_id 
_struct_conn.ptnr2_label_seq_id 
_struct_conn.ptnr2_label_atom_id 
_struct_conn.pdbx_ptnr2_label_alt_id 
_struct_conn.pdbx_ptnr2_PDB_ins_code 
_struct_conn.ptnr1_auth_asym_id 
_struct_conn.ptnr1_auth_comp_id 
_struct_conn.ptnr1_auth_seq_id 
_struct_conn.ptnr2_auth_asym_id 
_struct_conn.ptnr2_auth_comp_id 
_struct_conn.ptnr2_auth_seq_id 
_struct_conn.ptnr2_symmetry 
_struct_conn.pdbx_ptnr3_label_atom_id 
_struct_conn.pdbx_ptnr3_label_seq_id 
_struct_conn.pdbx_ptnr3_label_comp_id 
_struct_conn.pdbx_ptnr3_label_asym_id 
_struct_conn.pdbx_ptnr3_label_alt_id 
_struct_conn.pdbx_ptnr3_PDB_ins_code 
_struct_conn.details 
_struct_conn.pdbx_dist_value 
_struct_conn.pdbx_value_order 
_struct_conn.pdbx_role 
metalc1 metalc ? ? B CI1 . O14 ? ? ? 1_555 C MN . MN ? ? A CI1 801 A MN 901 1_555 ? ? ? ? ? ? ? 2.228 ? ? 
metalc2 metalc ? ? B CI1 . OAO ? ? ? 1_555 C MN . MN ? ? A CI1 801 A MN 901 1_555 ? ? ? ? ? ? ? 2.144 ? ? 
metalc3 metalc ? ? B CI1 . O13 ? ? ? 1_555 D MN . MN ? ? A CI1 801 A MN 902 1_555 ? ? ? ? ? ? ? 2.098 ? ? 
metalc4 metalc ? ? B CI1 . O14 ? ? ? 1_555 D MN . MN ? ? A CI1 801 A MN 902 1_555 ? ? ? ? ? ? ? 2.031 ? ? 
# 
_struct_conn_type.id          metalc 
_struct_conn_type.criteria    ? 
_struct_conn_type.reference   ? 
# 
_struct_sheet.id               AA 
_struct_sheet.type             ? 
_struct_sheet.number_strands   5 
_struct_sheet.details          ? 
# 
loop_
_struct_sheet_order.sheet_id 
_struct_sheet_order.range_id_1 
_struct_sheet_order.range_id_2 
_struct_sheet_order.offset 
_struct_sheet_order.sense 
AA 1 2 ? anti-parallel 
AA 2 3 ? anti-parallel 
AA 3 4 ? parallel      
AA 4 5 ? anti-parallel 
# 
loop_
_struct_sheet_range.sheet_id 
_struct_sheet_range.id 
_struct_sheet_range.beg_label_comp_id 
_struct_sheet_range.beg_label_asym_id 
_struct_sheet_range.beg_label_seq_id 
_struct_sheet_range.pdbx_beg_PDB_ins_code 
_struct_sheet_range.end_label_comp_id 
_struct_sheet_range.end_label_asym_id 
_struct_sheet_range.end_label_seq_id 
_struct_sheet_range.pdbx_end_PDB_ins_code 
_struct_sheet_range.beg_auth_comp_id 
_struct_sheet_range.beg_auth_asym_id 
_struct_sheet_range.beg_auth_seq_id 
_struct_sheet_range.end_auth_comp_id 
_struct_sheet_range.end_auth_asym_id 
_struct_sheet_range.end_auth_seq_id 
AA 1 PHE A 61  ? ILE A 63  ? PHE A 76  ILE A 78  
AA 2 LEU A 94  ? ASP A 96  ? LEU A 109 ASP A 111 
AA 3 ARG A 101 ? THR A 108 ? ARG A 116 THR A 123 
AA 4 HIS A 129 ? SER A 134 ? HIS A 144 SER A 149 
AA 5 GLU A 139 ? ALA A 141 ? GLU A 154 ALA A 156 
# 
loop_
_pdbx_struct_sheet_hbond.sheet_id 
_pdbx_struct_sheet_hbond.range_id_1 
_pdbx_struct_sheet_hbond.range_id_2 
_pdbx_struct_sheet_hbond.range_1_label_atom_id 
_pdbx_struct_sheet_hbond.range_1_label_comp_id 
_pdbx_struct_sheet_hbond.range_1_label_asym_id 
_pdbx_struct_sheet_hbond.range_1_label_seq_id 
_pdbx_struct_sheet_hbond.range_1_PDB_ins_code 
_pdbx_struct_sheet_hbond.range_1_auth_atom_id 
_pdbx_struct_sheet_hbond.range_1_auth_comp_id 
_pdbx_struct_sheet_hbond.range_1_auth_asym_id 
_pdbx_struct_sheet_hbond.range_1_auth_seq_id 
_pdbx_struct_sheet_hbond.range_2_label_atom_id 
_pdbx_struct_sheet_hbond.range_2_label_comp_id 
_pdbx_struct_sheet_hbond.range_2_label_asym_id 
_pdbx_struct_sheet_hbond.range_2_label_seq_id 
_pdbx_struct_sheet_hbond.range_2_PDB_ins_code 
_pdbx_struct_sheet_hbond.range_2_auth_atom_id 
_pdbx_struct_sheet_hbond.range_2_auth_comp_id 
_pdbx_struct_sheet_hbond.range_2_auth_asym_id 
_pdbx_struct_sheet_hbond.range_2_auth_seq_id 
AA 1 2 N GLU A 62  ? N GLU A 77  O TYR A 95  ? O TYR A 110 
AA 2 3 N ASP A 96  ? N ASP A 111 O ARG A 101 ? O ARG A 116 
AA 3 4 N GLU A 104 ? N GLU A 119 O HIS A 129 ? O HIS A 144 
AA 4 5 N ILE A 132 ? N ILE A 147 O MET A 140 ? O MET A 155 
# 
loop_
_struct_site.id 
_struct_site.pdbx_evidence_code 
_struct_site.pdbx_auth_asym_id 
_struct_site.pdbx_auth_comp_id 
_struct_site.pdbx_auth_seq_id 
_struct_site.pdbx_auth_ins_code 
_struct_site.pdbx_num_residues 
_struct_site.details 
AC1 Software A CI1 801 ? 19 'BINDING SITE FOR RESIDUE CI1 A 801' 
AC2 Software A MN  901 ? 5  'BINDING SITE FOR RESIDUE MN A 901'  
AC3 Software A MN  902 ? 5  'BINDING SITE FOR RESIDUE MN A 902'  
# 
loop_
_struct_site_gen.id 
_struct_site_gen.site_id 
_struct_site_gen.pdbx_num_res 
_struct_site_gen.label_comp_id 
_struct_site_gen.label_asym_id 
_struct_site_gen.label_seq_id 
_struct_site_gen.pdbx_auth_ins_code 
_struct_site_gen.auth_comp_id 
_struct_site_gen.auth_asym_id 
_struct_site_gen.auth_seq_id 
_struct_site_gen.label_atom_id 
_struct_site_gen.label_alt_id 
_struct_site_gen.symmetry 
_struct_site_gen.details 
1  AC1 19 ALA A 26  ? ALA A 20   . ? 1_555 ? 
2  AC1 19 GLU A 29  ? GLU A 23   . ? 1_555 ? 
3  AC1 19 TYR A 30  ? TYR A 24   . ? 1_555 ? 
4  AC1 19 GLU A 32  ? GLU A 26   . ? 1_555 ? 
5  AC1 19 LYS A 40  ? LYS A 34   . ? 1_555 ? 
6  AC1 19 HIS A 47  ? HIS A 41   . ? 1_555 ? 
7  AC1 19 GLU A 65  ? GLU A 80   . ? 1_555 ? 
8  AC1 19 ARG A 69  ? ARG A 84   . ? 1_555 ? 
9  AC1 19 LEU A 91  ? LEU A 106  . ? 1_555 ? 
10 AC1 19 ASP A 93  ? ASP A 108  . ? 1_555 ? 
11 AC1 19 GLU A 104 ? GLU A 119  . ? 1_555 ? 
12 AC1 19 ILE A 105 ? ILE A 120  . ? 1_555 ? 
13 AC1 19 LYS A 119 ? LYS A 134  . ? 1_555 ? 
14 AC1 19 MN  C .   ? MN  A 901  . ? 1_555 ? 
15 AC1 19 MN  D .   ? MN  A 902  . ? 1_555 ? 
16 AC1 19 HOH E .   ? HOH A 2020 . ? 1_555 ? 
17 AC1 19 HOH E .   ? HOH A 2036 . ? 1_555 ? 
18 AC1 19 HOH E .   ? HOH A 2037 . ? 1_555 ? 
19 AC1 19 HOH E .   ? HOH A 2047 . ? 1_555 ? 
20 AC2 5  HIS A 47  ? HIS A 41   . ? 1_555 ? 
21 AC2 5  ASP A 93  ? ASP A 108  . ? 1_555 ? 
22 AC2 5  GLU A 104 ? GLU A 119  . ? 1_555 ? 
23 AC2 5  ILE A 105 ? ILE A 120  . ? 1_555 ? 
24 AC2 5  CI1 B .   ? CI1 A 801  . ? 1_555 ? 
25 AC3 5  GLU A 65  ? GLU A 80   . ? 1_555 ? 
26 AC3 5  ASP A 93  ? ASP A 108  . ? 1_555 ? 
27 AC3 5  CI1 B .   ? CI1 A 801  . ? 1_555 ? 
28 AC3 5  HOH E .   ? HOH A 2021 . ? 1_555 ? 
29 AC3 5  HOH E .   ? HOH A 2037 . ? 1_555 ? 
# 
_atom_sites.entry_id                    4AWK 
_atom_sites.fract_transf_matrix[1][1]   -0.00784556 
_atom_sites.fract_transf_matrix[1][2]   0.01322848 
_atom_sites.fract_transf_matrix[1][3]   0.00035186 
_atom_sites.fract_transf_matrix[2][1]   -0.01147583 
_atom_sites.fract_transf_matrix[2][2]   0.00187134 
_atom_sites.fract_transf_matrix[2][3]   0.01007327 
_atom_sites.fract_transf_matrix[3][1]   0.00538893 
_atom_sites.fract_transf_matrix[3][2]   0.00304784 
_atom_sites.fract_transf_matrix[3][3]   0.00557306 
_atom_sites.fract_transf_vector[1]      0.813464 
_atom_sites.fract_transf_vector[2]      0.221310 
_atom_sites.fract_transf_vector[3]      0.075707 
# 
loop_
_atom_type.symbol 
C  
CL 
MN 
N  
O  
S  
# 
loop_
_atom_site.group_PDB 
_atom_site.id 
_atom_site.type_symbol 
_atom_site.label_atom_id 
_atom_site.label_alt_id 
_atom_site.label_comp_id 
_atom_site.label_asym_id 
_atom_site.label_entity_id 
_atom_site.label_seq_id 
_atom_site.pdbx_PDB_ins_code 
_atom_site.Cartn_x 
_atom_site.Cartn_y 
_atom_site.Cartn_z 
_atom_site.occupancy 
_atom_site.B_iso_or_equiv 
_atom_site.pdbx_formal_charge 
_atom_site.auth_seq_id 
_atom_site.auth_comp_id 
_atom_site.auth_asym_id 
_atom_site.auth_atom_id 
_atom_site.pdbx_PDB_model_num 
ATOM   1    N  N   . ALA A 1 6   ? 14.276  -14.611 11.996  1.00 48.56 ? 0    ALA A N   1 
ATOM   2    C  CA  . ALA A 1 6   ? 14.431  -13.130 12.123  1.00 48.74 ? 0    ALA A CA  1 
ATOM   3    C  C   . ALA A 1 6   ? 13.658  -12.390 11.022  1.00 47.22 ? 0    ALA A C   1 
ATOM   4    O  O   . ALA A 1 6   ? 13.936  -12.550 9.827   1.00 53.79 ? 0    ALA A O   1 
ATOM   5    C  CB  . ALA A 1 6   ? 15.897  -12.734 12.094  1.00 47.88 ? 0    ALA A CB  1 
ATOM   6    N  N   . MET A 1 7   ? 12.705  -11.569 11.435  1.00 46.36 ? 1    MET A N   1 
ATOM   7    C  CA  . MET A 1 7   ? 11.836  -10.853 10.488  1.00 45.99 ? 1    MET A CA  1 
ATOM   8    C  C   . MET A 1 7   ? 12.621  -9.953  9.543   1.00 45.05 ? 1    MET A C   1 
ATOM   9    O  O   . MET A 1 7   ? 12.312  -9.866  8.355   1.00 44.22 ? 1    MET A O   1 
ATOM   10   C  CB  . MET A 1 7   ? 10.795  -10.034 11.241  1.00 43.41 ? 1    MET A CB  1 
ATOM   11   C  CG  . MET A 1 7   ? 9.890   -9.207  10.340  1.00 43.46 ? 1    MET A CG  1 
ATOM   12   S  SD  . MET A 1 7   ? 8.970   -10.237 9.170   1.00 40.11 ? 1    MET A SD  1 
ATOM   13   C  CE  . MET A 1 7   ? 7.532   -10.458 10.191  1.00 35.36 ? 1    MET A CE  1 
ATOM   14   N  N   . GLU A 1 8   ? 13.650  -9.289  10.060  1.00 47.43 ? 2    GLU A N   1 
ATOM   15   C  CA  . GLU A 1 8   ? 14.470  -8.434  9.214   1.00 47.72 ? 2    GLU A CA  1 
ATOM   16   C  C   . GLU A 1 8   ? 15.059  -9.229  8.058   1.00 46.52 ? 2    GLU A C   1 
ATOM   17   O  O   . GLU A 1 8   ? 15.023  -8.775  6.919   1.00 45.49 ? 2    GLU A O   1 
ATOM   18   C  CB  . GLU A 1 8   ? 15.585  -7.753  10.017  1.00 51.93 ? 2    GLU A CB  1 
ATOM   19   C  CG  . GLU A 1 8   ? 16.230  -6.600  9.268   1.00 52.39 ? 2    GLU A CG  1 
ATOM   20   C  CD  . GLU A 1 8   ? 17.569  -6.174  9.852   1.00 53.79 ? 2    GLU A CD  1 
ATOM   21   O  OE1 . GLU A 1 8   ? 17.735  -6.245  11.088  1.00 53.61 ? 2    GLU A OE1 1 
ATOM   22   O  OE2 . GLU A 1 8   ? 18.449  -5.760  9.065   1.00 54.55 ? 2    GLU A OE2 1 
ATOM   23   N  N   . ASP A 1 9   ? 15.595  -10.417 8.344   1.00 44.72 ? 3    ASP A N   1 
ATOM   24   C  CA  . ASP A 1 9   ? 16.148  -11.278 7.287   1.00 44.76 ? 3    ASP A CA  1 
ATOM   25   C  C   . ASP A 1 9   ? 15.062  -11.823 6.351   1.00 40.14 ? 3    ASP A C   1 
ATOM   26   O  O   . ASP A 1 9   ? 15.251  -11.889 5.150   1.00 36.79 ? 3    ASP A O   1 
ATOM   27   C  CB  . ASP A 1 9   ? 16.970  -12.426 7.885   1.00 47.27 ? 3    ASP A CB  1 
ATOM   28   C  CG  . ASP A 1 9   ? 18.316  -11.949 8.434   1.00 49.80 ? 3    ASP A CG  1 
ATOM   29   O  OD1 . ASP A 1 9   ? 19.137  -11.420 7.650   1.00 47.98 ? 3    ASP A OD1 1 
ATOM   30   O  OD2 . ASP A 1 9   ? 18.530  -12.080 9.650   1.00 53.20 ? 3    ASP A OD2 1 
ATOM   31   N  N   . PHE A 1 10  ? 13.920  -12.204 6.903   1.00 42.88 ? 4    PHE A N   1 
ATOM   32   C  CA  . PHE A 1 10  ? 12.774  -12.534 6.059   1.00 41.85 ? 4    PHE A CA  1 
ATOM   33   C  C   . PHE A 1 10  ? 12.455  -11.454 5.004   1.00 39.80 ? 4    PHE A C   1 
ATOM   34   O  O   . PHE A 1 10  ? 12.362  -11.737 3.800   1.00 39.06 ? 4    PHE A O   1 
ATOM   35   C  CB  . PHE A 1 10  ? 11.530  -12.773 6.892   1.00 41.83 ? 4    PHE A CB  1 
ATOM   36   C  CG  . PHE A 1 10  ? 10.320  -12.983 6.052   1.00 42.92 ? 4    PHE A CG  1 
ATOM   37   C  CD1 . PHE A 1 10  ? 10.121  -14.200 5.428   1.00 44.64 ? 4    PHE A CD1 1 
ATOM   38   C  CD2 . PHE A 1 10  ? 9.424   -11.947 5.815   1.00 42.15 ? 4    PHE A CD2 1 
ATOM   39   C  CE1 . PHE A 1 10  ? 9.027   -14.403 4.609   1.00 44.56 ? 4    PHE A CE1 1 
ATOM   40   C  CE2 . PHE A 1 10  ? 8.324   -12.147 5.002   1.00 42.29 ? 4    PHE A CE2 1 
ATOM   41   C  CZ  . PHE A 1 10  ? 8.129   -13.373 4.397   1.00 42.83 ? 4    PHE A CZ  1 
ATOM   42   N  N   . VAL A 1 11  ? 12.287  -10.218 5.463   1.00 42.33 ? 5    VAL A N   1 
ATOM   43   C  CA  . VAL A 1 11  ? 11.976  -9.096  4.566   1.00 40.75 ? 5    VAL A CA  1 
ATOM   44   C  C   . VAL A 1 11  ? 12.997  -8.970  3.446   1.00 41.63 ? 5    VAL A C   1 
ATOM   45   O  O   . VAL A 1 11  ? 12.647  -8.763  2.281   1.00 40.63 ? 5    VAL A O   1 
ATOM   46   C  CB  . VAL A 1 11  ? 11.916  -7.765  5.333   1.00 41.03 ? 5    VAL A CB  1 
ATOM   47   C  CG1 . VAL A 1 11  ? 11.743  -6.596  4.363   1.00 36.84 ? 5    VAL A CG1 1 
ATOM   48   C  CG2 . VAL A 1 11  ? 10.794  -7.798  6.367   1.00 38.20 ? 5    VAL A CG2 1 
ATOM   49   N  N   . ARG A 1 12  ? 14.271  -9.127  3.787   1.00 44.46 ? 6    ARG A N   1 
ATOM   50   C  CA  . ARG A 1 12  ? 15.323  -9.028  2.781   1.00 43.97 ? 6    ARG A CA  1 
ATOM   51   C  C   . ARG A 1 12  ? 15.323  -10.180 1.765   1.00 44.25 ? 6    ARG A C   1 
ATOM   52   O  O   . ARG A 1 12  ? 15.818  -10.018 0.657   1.00 46.22 ? 6    ARG A O   1 
ATOM   53   C  CB  . ARG A 1 12  ? 16.684  -8.850  3.462   1.00 45.78 ? 6    ARG A CB  1 
ATOM   54   C  CG  . ARG A 1 12  ? 16.756  -7.523  4.205   1.00 47.87 ? 6    ARG A CG  1 
ATOM   55   C  CD  . ARG A 1 12  ? 18.001  -7.348  5.059   1.00 49.16 ? 6    ARG A CD  1 
ATOM   56   N  NE  . ARG A 1 12  ? 17.853  -6.187  5.939   1.00 48.10 ? 6    ARG A NE  1 
ATOM   57   C  CZ  . ARG A 1 12  ? 17.938  -4.916  5.546   1.00 47.12 ? 6    ARG A CZ  1 
ATOM   58   N  NH1 . ARG A 1 12  ? 18.187  -4.601  4.277   1.00 47.07 ? 6    ARG A NH1 1 
ATOM   59   N  NH2 . ARG A 1 12  ? 17.778  -3.941  6.443   1.00 51.43 ? 6    ARG A NH2 1 
ATOM   60   N  N   . GLN A 1 13  ? 14.743  -11.325 2.118   1.00 46.30 ? 7    GLN A N   1 
ATOM   61   C  CA  . GLN A 1 13  ? 14.663  -12.458 1.178   1.00 46.54 ? 7    GLN A CA  1 
ATOM   62   C  C   . GLN A 1 13  ? 13.322  -12.547 0.419   1.00 45.12 ? 7    GLN A C   1 
ATOM   63   O  O   . GLN A 1 13  ? 13.255  -13.144 -0.651  1.00 43.67 ? 7    GLN A O   1 
ATOM   64   C  CB  . GLN A 1 13  ? 14.961  -13.778 1.901   1.00 50.40 ? 7    GLN A CB  1 
ATOM   65   C  CG  . GLN A 1 13  ? 13.849  -14.323 2.794   1.00 55.22 ? 7    GLN A CG  1 
ATOM   66   C  CD  . GLN A 1 13  ? 13.106  -15.515 2.199   1.00 60.20 ? 7    GLN A CD  1 
ATOM   67   O  OE1 . GLN A 1 13  ? 13.675  -16.312 1.444   1.00 66.33 ? 7    GLN A OE1 1 
ATOM   68   N  NE2 . GLN A 1 13  ? 11.830  -15.651 2.553   1.00 66.76 ? 7    GLN A NE2 1 
ATOM   69   N  N   . CYS A 1 14  ? 12.278  -11.945 0.978   1.00 43.40 ? 8    CYS A N   1 
ATOM   70   C  CA  . CYS A 1 14  ? 10.899  -12.044 0.449   1.00 41.62 ? 8    CYS A CA  1 
ATOM   71   C  C   . CYS A 1 14  ? 10.605  -10.988 -0.637  1.00 40.74 ? 8    CYS A C   1 
ATOM   72   O  O   . CYS A 1 14  ? 9.922   -11.261 -1.631  1.00 41.67 ? 8    CYS A O   1 
ATOM   73   C  CB  . CYS A 1 14  ? 9.919   -11.924 1.630   1.00 41.63 ? 8    CYS A CB  1 
ATOM   74   S  SG  . CYS A 1 14  ? 8.134   -11.877 1.269   1.00 43.50 ? 8    CYS A SG  1 
ATOM   75   N  N   . PHE A 1 15  ? 11.165  -9.794  -0.467  1.00 39.56 ? 9    PHE A N   1 
ATOM   76   C  CA  . PHE A 1 15  ? 10.918  -8.685  -1.368  1.00 37.95 ? 9    PHE A CA  1 
ATOM   77   C  C   . PHE A 1 15  ? 12.099  -8.360  -2.247  1.00 41.57 ? 9    PHE A C   1 
ATOM   78   O  O   . PHE A 1 15  ? 13.250  -8.540  -1.848  1.00 39.52 ? 9    PHE A O   1 
ATOM   79   C  CB  . PHE A 1 15  ? 10.540  -7.470  -0.540  1.00 37.61 ? 9    PHE A CB  1 
ATOM   80   C  CG  . PHE A 1 15  ? 9.292   -7.675  0.234   1.00 33.47 ? 9    PHE A CG  1 
ATOM   81   C  CD1 . PHE A 1 15  ? 8.068   -7.492  -0.374  1.00 34.46 ? 9    PHE A CD1 1 
ATOM   82   C  CD2 . PHE A 1 15  ? 9.335   -8.082  1.545   1.00 33.08 ? 9    PHE A CD2 1 
ATOM   83   C  CE1 . PHE A 1 15  ? 6.904   -7.690  0.327   1.00 31.59 ? 9    PHE A CE1 1 
ATOM   84   C  CE2 . PHE A 1 15  ? 8.174   -8.295  2.253   1.00 34.11 ? 9    PHE A CE2 1 
ATOM   85   C  CZ  . PHE A 1 15  ? 6.953   -8.095  1.635   1.00 34.13 ? 9    PHE A CZ  1 
ATOM   86   N  N   . ASN A 1 16  ? 11.819  -7.860  -3.440  1.00 42.57 ? 10   ASN A N   1 
ATOM   87   C  CA  . ASN A 1 16  ? 12.887  -7.552  -4.359  1.00 45.81 ? 10   ASN A CA  1 
ATOM   88   C  C   . ASN A 1 16  ? 13.731  -6.401  -3.802  1.00 46.71 ? 10   ASN A C   1 
ATOM   89   O  O   . ASN A 1 16  ? 13.286  -5.675  -2.894  1.00 41.19 ? 10   ASN A O   1 
ATOM   90   C  CB  . ASN A 1 16  ? 12.369  -7.323  -5.793  1.00 50.30 ? 10   ASN A CB  1 
ATOM   91   C  CG  . ASN A 1 16  ? 11.801  -5.937  -6.027  1.00 53.46 ? 10   ASN A CG  1 
ATOM   92   O  OD1 . ASN A 1 16  ? 12.144  -4.970  -5.347  1.00 56.53 ? 10   ASN A OD1 1 
ATOM   93   N  ND2 . ASN A 1 16  ? 10.936  -5.833  -7.033  1.00 57.64 ? 10   ASN A ND2 1 
ATOM   94   N  N   . PRO A 1 17  ? 14.973  -6.271  -4.293  1.00 46.40 ? 11   PRO A N   1 
ATOM   95   C  CA  . PRO A 1 17  ? 15.883  -5.279  -3.729  1.00 45.69 ? 11   PRO A CA  1 
ATOM   96   C  C   . PRO A 1 17  ? 15.370  -3.847  -3.809  1.00 42.38 ? 11   PRO A C   1 
ATOM   97   O  O   . PRO A 1 17  ? 15.545  -3.099  -2.854  1.00 42.43 ? 11   PRO A O   1 
ATOM   98   C  CB  . PRO A 1 17  ? 17.151  -5.437  -4.581  1.00 47.12 ? 11   PRO A CB  1 
ATOM   99   C  CG  . PRO A 1 17  ? 17.104  -6.828  -5.099  1.00 48.06 ? 11   PRO A CG  1 
ATOM   100  C  CD  . PRO A 1 17  ? 15.656  -7.181  -5.237  1.00 47.74 ? 11   PRO A CD  1 
ATOM   101  N  N   . MET A 1 18  ? 14.766  -3.477  -4.940  1.00 42.01 ? 12   MET A N   1 
ATOM   102  C  CA  . MET A 1 18  ? 14.205  -2.138  -5.123  1.00 41.92 ? 12   MET A CA  1 
ATOM   103  C  C   . MET A 1 18  ? 13.222  -1.805  -4.005  1.00 39.62 ? 12   MET A C   1 
ATOM   104  O  O   . MET A 1 18  ? 13.273  -0.715  -3.442  1.00 36.70 ? 12   MET A O   1 
ATOM   105  C  CB  . MET A 1 18  ? 13.517  -2.024  -6.486  1.00 46.73 ? 12   MET A CB  1 
ATOM   106  C  CG  . MET A 1 18  ? 12.707  -0.748  -6.698  1.00 52.14 ? 12   MET A CG  1 
ATOM   107  S  SD  . MET A 1 18  ? 11.676  -0.819  -8.184  1.00 65.08 ? 12   MET A SD  1 
ATOM   108  C  CE  . MET A 1 18  ? 10.533  -2.140  -7.765  1.00 60.75 ? 12   MET A CE  1 
ATOM   109  N  N   . ILE A 1 19  ? 12.337  -2.754  -3.695  1.00 37.05 ? 13   ILE A N   1 
ATOM   110  C  CA  . ILE A 1 19  ? 11.298  -2.571  -2.676  1.00 37.46 ? 13   ILE A CA  1 
ATOM   111  C  C   . ILE A 1 19  ? 11.935  -2.399  -1.303  1.00 36.33 ? 13   ILE A C   1 
ATOM   112  O  O   . ILE A 1 19  ? 11.587  -1.478  -0.554  1.00 35.86 ? 13   ILE A O   1 
ATOM   113  C  CB  . ILE A 1 19  ? 10.309  -3.761  -2.638  1.00 35.99 ? 13   ILE A CB  1 
ATOM   114  C  CG1 . ILE A 1 19  ? 9.469   -3.839  -3.915  1.00 37.63 ? 13   ILE A CG1 1 
ATOM   115  C  CG2 . ILE A 1 19  ? 9.390   -3.683  -1.411  1.00 36.04 ? 13   ILE A CG2 1 
ATOM   116  C  CD1 . ILE A 1 19  ? 8.342   -2.843  -3.963  1.00 40.57 ? 13   ILE A CD1 1 
ATOM   117  N  N   . VAL A 1 20  ? 12.875  -3.279  -0.968  1.00 34.20 ? 14   VAL A N   1 
ATOM   118  C  CA  . VAL A 1 20  ? 13.549  -3.195  0.316   1.00 35.32 ? 14   VAL A CA  1 
ATOM   119  C  C   . VAL A 1 20  ? 14.252  -1.843  0.472   1.00 36.64 ? 14   VAL A C   1 
ATOM   120  O  O   . VAL A 1 20  ? 14.144  -1.212  1.526   1.00 37.87 ? 14   VAL A O   1 
ATOM   121  C  CB  . VAL A 1 20  ? 14.547  -4.349  0.536   1.00 35.67 ? 14   VAL A CB  1 
ATOM   122  C  CG1 . VAL A 1 20  ? 15.203  -4.230  1.907   1.00 35.07 ? 14   VAL A CG1 1 
ATOM   123  C  CG2 . VAL A 1 20  ? 13.842  -5.693  0.417   1.00 37.08 ? 14   VAL A CG2 1 
ATOM   124  N  N   . GLU A 1 21  ? 14.942  -1.396  -0.579  1.00 38.32 ? 15   GLU A N   1 
ATOM   125  C  CA  . GLU A 1 21  ? 15.620  -0.090  -0.564  1.00 42.51 ? 15   GLU A CA  1 
ATOM   126  C  C   . GLU A 1 21  ? 14.625  1.034   -0.260  1.00 42.04 ? 15   GLU A C   1 
ATOM   127  O  O   . GLU A 1 21  ? 14.852  1.845   0.637   1.00 39.67 ? 15   GLU A O   1 
ATOM   128  C  CB  . GLU A 1 21  ? 16.292  0.218   -1.911  1.00 46.01 ? 15   GLU A CB  1 
ATOM   129  C  CG  . GLU A 1 21  ? 17.705  -0.315  -2.075  1.00 53.10 ? 15   GLU A CG  1 
ATOM   130  C  CD  . GLU A 1 21  ? 18.460  0.332   -3.235  1.00 57.88 ? 15   GLU A CD  1 
ATOM   131  O  OE1 . GLU A 1 21  ? 17.867  1.147   -3.985  1.00 60.07 ? 15   GLU A OE1 1 
ATOM   132  O  OE2 . GLU A 1 21  ? 19.659  0.018   -3.400  1.00 62.97 ? 15   GLU A OE2 1 
ATOM   133  N  N   . LEU A 1 22  ? 13.537  1.080   -1.028  1.00 42.63 ? 16   LEU A N   1 
ATOM   134  C  CA  . LEU A 1 22  ? 12.518  2.122   -0.854  1.00 43.11 ? 16   LEU A CA  1 
ATOM   135  C  C   . LEU A 1 22  ? 11.908  2.093   0.544   1.00 42.13 ? 16   LEU A C   1 
ATOM   136  O  O   . LEU A 1 22  ? 11.675  3.155   1.139   1.00 39.61 ? 16   LEU A O   1 
ATOM   137  C  CB  . LEU A 1 22  ? 11.422  2.012   -1.918  1.00 43.28 ? 16   LEU A CB  1 
ATOM   138  C  CG  . LEU A 1 22  ? 11.901  2.230   -3.353  1.00 43.49 ? 16   LEU A CG  1 
ATOM   139  C  CD1 . LEU A 1 22  ? 10.779  1.917   -4.327  1.00 42.97 ? 16   LEU A CD1 1 
ATOM   140  C  CD2 . LEU A 1 22  ? 12.439  3.642   -3.558  1.00 43.99 ? 16   LEU A CD2 1 
ATOM   141  N  N   . ALA A 1 23  ? 11.672  0.896   1.075   1.00 38.42 ? 17   ALA A N   1 
ATOM   142  C  CA  . ALA A 1 23  ? 11.159  0.747   2.443   1.00 40.50 ? 17   ALA A CA  1 
ATOM   143  C  C   . ALA A 1 23  ? 12.141  1.282   3.494   1.00 41.46 ? 17   ALA A C   1 
ATOM   144  O  O   . ALA A 1 23  ? 11.746  1.968   4.439   1.00 39.07 ? 17   ALA A O   1 
ATOM   145  C  CB  . ALA A 1 23  ? 10.814  -0.702  2.741   1.00 38.83 ? 17   ALA A CB  1 
ATOM   146  N  N   . GLU A 1 24  ? 13.419  0.967   3.332   1.00 43.88 ? 18   GLU A N   1 
ATOM   147  C  CA  . GLU A 1 24  ? 14.429  1.475   4.259   1.00 45.62 ? 18   GLU A CA  1 
ATOM   148  C  C   . GLU A 1 24  ? 14.482  3.005   4.218   1.00 45.54 ? 18   GLU A C   1 
ATOM   149  O  O   . GLU A 1 24  ? 14.507  3.642   5.267   1.00 44.61 ? 18   GLU A O   1 
ATOM   150  C  CB  . GLU A 1 24  ? 15.795  0.870   3.957   1.00 47.88 ? 18   GLU A CB  1 
ATOM   151  C  CG  . GLU A 1 24  ? 15.902  -0.584  4.386   1.00 49.69 ? 18   GLU A CG  1 
ATOM   152  C  CD  . GLU A 1 24  ? 17.316  -1.119  4.291   1.00 50.88 ? 18   GLU A CD  1 
ATOM   153  O  OE1 . GLU A 1 24  ? 17.823  -1.251  3.162   1.00 51.40 ? 18   GLU A OE1 1 
ATOM   154  O  OE2 . GLU A 1 24  ? 17.913  -1.415  5.349   1.00 55.10 ? 18   GLU A OE2 1 
ATOM   155  N  N   . LYS A 1 25  ? 14.474  3.571   3.012   1.00 47.27 ? 19   LYS A N   1 
ATOM   156  C  CA  . LYS A 1 25  ? 14.470  5.031   2.815   1.00 49.82 ? 19   LYS A CA  1 
ATOM   157  C  C   . LYS A 1 25  ? 13.238  5.703   3.431   1.00 50.48 ? 19   LYS A C   1 
ATOM   158  O  O   . LYS A 1 25  ? 13.344  6.755   4.065   1.00 49.17 ? 19   LYS A O   1 
ATOM   159  C  CB  . LYS A 1 25  ? 14.506  5.374   1.325   1.00 52.73 ? 19   LYS A CB  1 
ATOM   160  C  CG  . LYS A 1 25  ? 15.832  5.129   0.619   1.00 54.83 ? 19   LYS A CG  1 
ATOM   161  C  CD  . LYS A 1 25  ? 15.749  5.637   -0.818  1.00 58.21 ? 19   LYS A CD  1 
ATOM   162  C  CE  . LYS A 1 25  ? 16.964  5.251   -1.650  1.00 61.18 ? 19   LYS A CE  1 
ATOM   163  N  NZ  . LYS A 1 25  ? 16.956  5.954   -2.963  1.00 60.72 ? 19   LYS A NZ  1 
ATOM   164  N  N   . ALA A 1 26  ? 12.069  5.105   3.221   1.00 46.18 ? 20   ALA A N   1 
ATOM   165  C  CA  . ALA A 1 26  ? 10.828  5.630   3.770   1.00 49.19 ? 20   ALA A CA  1 
ATOM   166  C  C   . ALA A 1 26  ? 10.892  5.638   5.288   1.00 49.49 ? 20   ALA A C   1 
ATOM   167  O  O   . ALA A 1 26  ? 10.462  6.595   5.923   1.00 50.19 ? 20   ALA A O   1 
ATOM   168  C  CB  . ALA A 1 26  ? 9.621   4.814   3.289   1.00 48.63 ? 20   ALA A CB  1 
ATOM   169  N  N   . MET A 1 27  ? 11.447  4.579   5.868   1.00 51.28 ? 21   MET A N   1 
ATOM   170  C  CA  . MET A 1 27  ? 11.496  4.463   7.317   1.00 52.15 ? 21   MET A CA  1 
ATOM   171  C  C   . MET A 1 27  ? 12.367  5.551   7.935   1.00 58.08 ? 21   MET A C   1 
ATOM   172  O  O   . MET A 1 27  ? 11.958  6.196   8.900   1.00 60.03 ? 21   MET A O   1 
ATOM   173  C  CB  . MET A 1 27  ? 11.948  3.068   7.746   1.00 50.51 ? 21   MET A CB  1 
ATOM   174  C  CG  . MET A 1 27  ? 10.845  2.037   7.563   1.00 48.96 ? 21   MET A CG  1 
ATOM   175  S  SD  . MET A 1 27  ? 11.210  0.411   8.229   1.00 45.26 ? 21   MET A SD  1 
ATOM   176  C  CE  . MET A 1 27  ? 10.450  0.491   9.843   1.00 43.80 ? 21   MET A CE  1 
ATOM   177  N  N   . LYS A 1 28  ? 13.536  5.785   7.351   1.00 63.66 ? 22   LYS A N   1 
ATOM   178  C  CA  . LYS A 1 28  ? 14.448  6.805   7.866   1.00 66.13 ? 22   LYS A CA  1 
ATOM   179  C  C   . LYS A 1 28  ? 13.880  8.217   7.677   1.00 64.80 ? 22   LYS A C   1 
ATOM   180  O  O   . LYS A 1 28  ? 13.877  9.006   8.626   1.00 63.18 ? 22   LYS A O   1 
ATOM   181  C  CB  . LYS A 1 28  ? 15.827  6.649   7.232   1.00 70.67 ? 22   LYS A CB  1 
ATOM   182  C  CG  . LYS A 1 28  ? 16.465  5.312   7.589   1.00 74.62 ? 22   LYS A CG  1 
ATOM   183  C  CD  . LYS A 1 28  ? 17.872  5.166   7.037   1.00 77.69 ? 22   LYS A CD  1 
ATOM   184  C  CE  . LYS A 1 28  ? 18.386  3.746   7.235   1.00 79.48 ? 22   LYS A CE  1 
ATOM   185  N  NZ  . LYS A 1 28  ? 19.862  3.660   7.065   1.00 81.27 ? 22   LYS A NZ  1 
ATOM   186  N  N   . GLU A 1 29  ? 13.354  8.506   6.483   1.00 61.78 ? 23   GLU A N   1 
ATOM   187  C  CA  . GLU A 1 29  ? 12.644  9.772   6.202   1.00 62.40 ? 23   GLU A CA  1 
ATOM   188  C  C   . GLU A 1 29  ? 11.547  10.067  7.238   1.00 60.84 ? 23   GLU A C   1 
ATOM   189  O  O   . GLU A 1 29  ? 11.228  11.228  7.510   1.00 61.49 ? 23   GLU A O   1 
ATOM   190  C  CB  . GLU A 1 29  ? 12.031  9.749   4.782   1.00 60.27 ? 23   GLU A CB  1 
ATOM   191  C  CG  . GLU A 1 29  ? 11.546  11.100  4.262   1.00 62.31 ? 23   GLU A CG  1 
ATOM   192  C  CD  . GLU A 1 29  ? 10.992  11.046  2.838   1.00 62.32 ? 23   GLU A CD  1 
ATOM   193  O  OE1 . GLU A 1 29  ? 10.472  9.993   2.422   1.00 64.68 ? 23   GLU A OE1 1 
ATOM   194  O  OE2 . GLU A 1 29  ? 11.063  12.068  2.127   1.00 61.38 ? 23   GLU A OE2 1 
ATOM   195  N  N   . TYR A 1 30  ? 10.984  9.006   7.812   1.00 61.96 ? 24   TYR A N   1 
ATOM   196  C  CA  . TYR A 1 30  ? 9.910   9.101   8.791   1.00 61.52 ? 24   TYR A CA  1 
ATOM   197  C  C   . TYR A 1 30  ? 10.378  8.666   10.191  1.00 60.05 ? 24   TYR A C   1 
ATOM   198  O  O   . TYR A 1 30  ? 9.556   8.348   11.048  1.00 61.92 ? 24   TYR A O   1 
ATOM   199  C  CB  . TYR A 1 30  ? 8.738   8.237   8.310   1.00 62.78 ? 24   TYR A CB  1 
ATOM   200  C  CG  . TYR A 1 30  ? 7.363   8.680   8.766   1.00 64.06 ? 24   TYR A CG  1 
ATOM   201  C  CD1 . TYR A 1 30  ? 6.785   9.846   8.274   1.00 64.17 ? 24   TYR A CD1 1 
ATOM   202  C  CD2 . TYR A 1 30  ? 6.621   7.909   9.665   1.00 65.43 ? 24   TYR A CD2 1 
ATOM   203  C  CE1 . TYR A 1 30  ? 5.518   10.244  8.679   1.00 65.15 ? 24   TYR A CE1 1 
ATOM   204  C  CE2 . TYR A 1 30  ? 5.355   8.300   10.076  1.00 65.24 ? 24   TYR A CE2 1 
ATOM   205  C  CZ  . TYR A 1 30  ? 4.807   9.469   9.580   1.00 64.46 ? 24   TYR A CZ  1 
ATOM   206  O  OH  . TYR A 1 30  ? 3.551   9.868   9.981   1.00 65.54 ? 24   TYR A OH  1 
ATOM   207  N  N   . GLY A 1 31  ? 11.696  8.634   10.403  1.00 62.05 ? 25   GLY A N   1 
ATOM   208  C  CA  . GLY A 1 31  ? 12.288  8.454   11.740  1.00 61.88 ? 25   GLY A CA  1 
ATOM   209  C  C   . GLY A 1 31  ? 12.668  7.056   12.229  1.00 63.56 ? 25   GLY A C   1 
ATOM   210  O  O   . GLY A 1 31  ? 13.403  6.939   13.212  1.00 64.96 ? 25   GLY A O   1 
ATOM   211  N  N   . GLU A 1 32  ? 12.207  6.005   11.542  1.00 61.56 ? 26   GLU A N   1 
ATOM   212  C  CA  . GLU A 1 32  ? 12.225  4.625   12.079  1.00 59.53 ? 26   GLU A CA  1 
ATOM   213  C  C   . GLU A 1 32  ? 13.416  3.752   11.663  1.00 60.79 ? 26   GLU A C   1 
ATOM   214  O  O   . GLU A 1 32  ? 14.019  3.955   10.604  1.00 63.20 ? 26   GLU A O   1 
ATOM   215  C  CB  . GLU A 1 32  ? 10.942  3.899   11.659  1.00 59.61 ? 26   GLU A CB  1 
ATOM   216  C  CG  . GLU A 1 32  ? 9.656   4.590   12.076  1.00 59.69 ? 26   GLU A CG  1 
ATOM   217  C  CD  . GLU A 1 32  ? 9.499   4.664   13.578  1.00 59.90 ? 26   GLU A CD  1 
ATOM   218  O  OE1 . GLU A 1 32  ? 9.683   3.621   14.243  1.00 62.63 ? 26   GLU A OE1 1 
ATOM   219  O  OE2 . GLU A 1 32  ? 9.187   5.761   14.089  1.00 60.38 ? 26   GLU A OE2 1 
ATOM   220  N  N   . ASP A 1 33  ? 13.716  2.755   12.499  1.00 58.96 ? 27   ASP A N   1 
ATOM   221  C  CA  . ASP A 1 33  ? 14.819  1.821   12.265  1.00 57.72 ? 27   ASP A CA  1 
ATOM   222  C  C   . ASP A 1 33  ? 14.278  0.445   11.853  1.00 54.81 ? 27   ASP A C   1 
ATOM   223  O  O   . ASP A 1 33  ? 13.616  -0.216  12.657  1.00 51.25 ? 27   ASP A O   1 
ATOM   224  C  CB  . ASP A 1 33  ? 15.668  1.672   13.532  1.00 58.70 ? 27   ASP A CB  1 
ATOM   225  C  CG  . ASP A 1 33  ? 16.860  0.726   13.347  1.00 60.83 ? 27   ASP A CG  1 
ATOM   226  O  OD1 . ASP A 1 33  ? 17.098  0.234   12.220  1.00 60.62 ? 27   ASP A OD1 1 
ATOM   227  O  OD2 . ASP A 1 33  ? 17.571  0.473   14.343  1.00 63.35 ? 27   ASP A OD2 1 
ATOM   228  N  N   . PRO A 1 34  ? 14.588  -0.003  10.617  1.00 54.85 ? 28   PRO A N   1 
ATOM   229  C  CA  . PRO A 1 34  ? 14.130  -1.320  10.143  1.00 55.42 ? 28   PRO A CA  1 
ATOM   230  C  C   . PRO A 1 34  ? 14.689  -2.498  10.934  1.00 54.72 ? 28   PRO A C   1 
ATOM   231  O  O   . PRO A 1 34  ? 14.106  -3.583  10.908  1.00 51.73 ? 28   PRO A O   1 
ATOM   232  C  CB  . PRO A 1 34  ? 14.644  -1.379  8.695   1.00 54.67 ? 28   PRO A CB  1 
ATOM   233  C  CG  . PRO A 1 34  ? 15.758  -0.398  8.636   1.00 55.89 ? 28   PRO A CG  1 
ATOM   234  C  CD  . PRO A 1 34  ? 15.371  0.701   9.579   1.00 54.97 ? 28   PRO A CD  1 
ATOM   235  N  N   . LYS A 1 35  ? 15.811  -2.290  11.619  1.00 56.13 ? 29   LYS A N   1 
ATOM   236  C  CA  . LYS A 1 35  ? 16.401  -3.334  12.451  1.00 56.30 ? 29   LYS A CA  1 
ATOM   237  C  C   . LYS A 1 35  ? 15.610  -3.571  13.745  1.00 53.64 ? 29   LYS A C   1 
ATOM   238  O  O   . LYS A 1 35  ? 15.662  -4.661  14.303  1.00 52.86 ? 29   LYS A O   1 
ATOM   239  C  CB  . LYS A 1 35  ? 17.867  -3.014  12.770  1.00 59.72 ? 29   LYS A CB  1 
ATOM   240  C  CG  . LYS A 1 35  ? 18.792  -3.063  11.560  1.00 63.37 ? 29   LYS A CG  1 
ATOM   241  C  CD  . LYS A 1 35  ? 20.226  -3.410  11.951  1.00 66.84 ? 29   LYS A CD  1 
ATOM   242  C  CE  . LYS A 1 35  ? 21.069  -3.787  10.736  1.00 67.94 ? 29   LYS A CE  1 
ATOM   243  N  NZ  . LYS A 1 35  ? 22.465  -4.157  11.104  1.00 66.21 ? 29   LYS A NZ  1 
ATOM   244  N  N   . ILE A 1 36  ? 14.876  -2.564  14.210  1.00 53.16 ? 30   ILE A N   1 
ATOM   245  C  CA  . ILE A 1 36  ? 14.100  -2.674  15.445  1.00 53.83 ? 30   ILE A CA  1 
ATOM   246  C  C   . ILE A 1 36  ? 12.633  -2.936  15.133  1.00 50.79 ? 30   ILE A C   1 
ATOM   247  O  O   . ILE A 1 36  ? 12.043  -3.901  15.621  1.00 50.87 ? 30   ILE A O   1 
ATOM   248  C  CB  . ILE A 1 36  ? 14.208  -1.385  16.298  1.00 56.46 ? 30   ILE A CB  1 
ATOM   249  C  CG1 . ILE A 1 36  ? 15.644  -1.186  16.791  1.00 58.35 ? 30   ILE A CG1 1 
ATOM   250  C  CG2 . ILE A 1 36  ? 13.255  -1.438  17.489  1.00 55.67 ? 30   ILE A CG2 1 
ATOM   251  C  CD1 . ILE A 1 36  ? 15.812  -0.014  17.738  1.00 58.89 ? 30   ILE A CD1 1 
ATOM   252  N  N   . GLU A 1 37  ? 12.050  -2.057  14.324  1.00 48.99 ? 31   GLU A N   1 
ATOM   253  C  CA  . GLU A 1 37  ? 10.657  -2.158  13.939  1.00 46.55 ? 31   GLU A CA  1 
ATOM   254  C  C   . GLU A 1 37  ? 10.603  -3.058  12.709  1.00 44.25 ? 31   GLU A C   1 
ATOM   255  O  O   . GLU A 1 37  ? 10.436  -2.588  11.584  1.00 40.71 ? 31   GLU A O   1 
ATOM   256  C  CB  . GLU A 1 37  ? 10.076  -0.767  13.645  1.00 50.22 ? 31   GLU A CB  1 
ATOM   257  C  CG  . GLU A 1 37  ? 10.089  0.178   14.841  1.00 52.23 ? 31   GLU A CG  1 
ATOM   258  C  CD  . GLU A 1 37  ? 9.572   -0.498  16.094  1.00 54.52 ? 31   GLU A CD  1 
ATOM   259  O  OE1 . GLU A 1 37  ? 8.390   -0.905  16.094  1.00 53.50 ? 31   GLU A OE1 1 
ATOM   260  O  OE2 . GLU A 1 37  ? 10.351  -0.650  17.065  1.00 56.32 ? 31   GLU A OE2 1 
ATOM   261  N  N   . THR A 1 38  ? 10.775  -4.355  12.934  1.00 40.17 ? 32   THR A N   1 
ATOM   262  C  CA  . THR A 1 38  ? 10.887  -5.291  11.830  1.00 38.96 ? 32   THR A CA  1 
ATOM   263  C  C   . THR A 1 38  ? 9.518   -5.615  11.248  1.00 36.14 ? 32   THR A C   1 
ATOM   264  O  O   . THR A 1 38  ? 9.402   -5.833  10.056  1.00 35.21 ? 32   THR A O   1 
ATOM   265  C  CB  . THR A 1 38  ? 11.646  -6.573  12.217  1.00 39.96 ? 32   THR A CB  1 
ATOM   266  O  OG1 . THR A 1 38  ? 10.984  -7.225  13.300  1.00 41.00 ? 32   THR A OG1 1 
ATOM   267  C  CG2 . THR A 1 38  ? 13.097  -6.240  12.609  1.00 40.95 ? 32   THR A CG2 1 
ATOM   268  N  N   . ASN A 1 39  ? 8.479   -5.612  12.069  1.00 35.89 ? 33   ASN A N   1 
ATOM   269  C  CA  . ASN A 1 39  ? 7.139   -5.869  11.555  1.00 35.02 ? 33   ASN A CA  1 
ATOM   270  C  C   . ASN A 1 39  ? 6.678   -4.710  10.691  1.00 35.93 ? 33   ASN A C   1 
ATOM   271  O  O   . ASN A 1 39  ? 6.129   -4.918  9.622   1.00 33.03 ? 33   ASN A O   1 
ATOM   272  C  CB  . ASN A 1 39  ? 6.144   -6.115  12.665  1.00 35.59 ? 33   ASN A CB  1 
ATOM   273  C  CG  . ASN A 1 39  ? 6.313   -7.466  13.328  1.00 36.37 ? 33   ASN A CG  1 
ATOM   274  O  OD1 . ASN A 1 39  ? 7.078   -8.366  12.708  1.00 39.01 ? 33   ASN A OD1 1 
ATOM   275  N  ND2 . ASN A 1 39  ? 5.731   -7.701  14.382  1.00 34.61 ? 33   ASN A ND2 1 
ATOM   276  N  N   . LYS A 1 40  ? 6.929   -3.494  11.159  1.00 37.53 ? 34   LYS A N   1 
ATOM   277  C  CA  . LYS A 1 40  ? 6.673   -2.284  10.380  1.00 38.31 ? 34   LYS A CA  1 
ATOM   278  C  C   . LYS A 1 40  ? 7.413   -2.313  9.039   1.00 35.25 ? 34   LYS A C   1 
ATOM   279  O  O   . LYS A 1 40  ? 6.810   -2.056  8.000   1.00 32.97 ? 34   LYS A O   1 
ATOM   280  C  CB  . LYS A 1 40  ? 7.096   -1.068  11.202  1.00 42.81 ? 34   LYS A CB  1 
ATOM   281  C  CG  . LYS A 1 40  ? 6.733   0.281   10.612  1.00 46.26 ? 34   LYS A CG  1 
ATOM   282  C  CD  . LYS A 1 40  ? 6.800   1.340   11.714  1.00 51.09 ? 34   LYS A CD  1 
ATOM   283  C  CE  . LYS A 1 40  ? 6.208   2.665   11.268  1.00 55.04 ? 34   LYS A CE  1 
ATOM   284  N  NZ  . LYS A 1 40  ? 6.279   3.702   12.336  1.00 59.28 ? 34   LYS A NZ  1 
ATOM   285  N  N   . PHE A 1 41  ? 8.706   -2.655  9.077   1.00 34.45 ? 35   PHE A N   1 
ATOM   286  C  CA  . PHE A 1 41  ? 9.548   -2.844  7.875   1.00 34.78 ? 35   PHE A CA  1 
ATOM   287  C  C   . PHE A 1 41  ? 8.891   -3.820  6.884   1.00 33.43 ? 35   PHE A C   1 
ATOM   288  O  O   . PHE A 1 41  ? 8.839   -3.559  5.682   1.00 31.96 ? 35   PHE A O   1 
ATOM   289  C  CB  . PHE A 1 41  ? 10.937  -3.364  8.322   1.00 34.06 ? 35   PHE A CB  1 
ATOM   290  C  CG  . PHE A 1 41  ? 11.977  -3.505  7.226   1.00 34.05 ? 35   PHE A CG  1 
ATOM   291  C  CD1 . PHE A 1 41  ? 12.003  -2.687  6.108   1.00 33.59 ? 35   PHE A CD1 1 
ATOM   292  C  CD2 . PHE A 1 41  ? 13.003  -4.433  7.380   1.00 36.62 ? 35   PHE A CD2 1 
ATOM   293  C  CE1 . PHE A 1 41  ? 12.992  -2.828  5.141   1.00 34.48 ? 35   PHE A CE1 1 
ATOM   294  C  CE2 . PHE A 1 41  ? 13.990  -4.581  6.415   1.00 35.78 ? 35   PHE A CE2 1 
ATOM   295  C  CZ  . PHE A 1 41  ? 13.989  -3.767  5.299   1.00 36.75 ? 35   PHE A CZ  1 
ATOM   296  N  N   . ALA A 1 42  ? 8.390   -4.940  7.402   1.00 33.61 ? 36   ALA A N   1 
ATOM   297  C  CA  . ALA A 1 42  ? 7.685   -5.918  6.565   1.00 31.61 ? 36   ALA A CA  1 
ATOM   298  C  C   . ALA A 1 42  ? 6.390   -5.341  5.992   1.00 31.32 ? 36   ALA A C   1 
ATOM   299  O  O   . ALA A 1 42  ? 6.082   -5.558  4.817   1.00 29.79 ? 36   ALA A O   1 
ATOM   300  C  CB  . ALA A 1 42  ? 7.393   -7.187  7.351   1.00 30.68 ? 36   ALA A CB  1 
ATOM   301  N  N   . ALA A 1 43  ? 5.641   -4.600  6.814   1.00 28.94 ? 37   ALA A N   1 
ATOM   302  C  CA  . ALA A 1 43  ? 4.380   -4.008  6.380   1.00 28.21 ? 37   ALA A CA  1 
ATOM   303  C  C   . ALA A 1 43  ? 4.603   -2.976  5.286   1.00 28.21 ? 37   ALA A C   1 
ATOM   304  O  O   . ALA A 1 43  ? 3.836   -2.912  4.326   1.00 28.54 ? 37   ALA A O   1 
ATOM   305  C  CB  . ALA A 1 43  ? 3.642   -3.381  7.564   1.00 27.64 ? 37   ALA A CB  1 
ATOM   306  N  N   . ILE A 1 44  ? 5.647   -2.168  5.436   1.00 28.25 ? 38   ILE A N   1 
ATOM   307  C  CA  . ILE A 1 44  ? 5.965   -1.115  4.467   1.00 29.74 ? 38   ILE A CA  1 
ATOM   308  C  C   . ILE A 1 44  ? 6.338   -1.733  3.129   1.00 30.13 ? 38   ILE A C   1 
ATOM   309  O  O   . ILE A 1 44  ? 5.866   -1.281  2.083   1.00 28.56 ? 38   ILE A O   1 
ATOM   310  C  CB  . ILE A 1 44  ? 7.107   -0.208  4.977   1.00 31.72 ? 38   ILE A CB  1 
ATOM   311  C  CG1 . ILE A 1 44  ? 6.608   0.629   6.159   1.00 32.32 ? 38   ILE A CG1 1 
ATOM   312  C  CG2 . ILE A 1 44  ? 7.633   0.697   3.859   1.00 29.39 ? 38   ILE A CG2 1 
ATOM   313  C  CD1 . ILE A 1 44  ? 7.736   1.249   6.968   1.00 34.29 ? 38   ILE A CD1 1 
ATOM   314  N  N   . CYS A 1 45  ? 7.150   -2.794  3.158   1.00 28.23 ? 39   CYS A N   1 
ATOM   315  C  CA  . CYS A 1 45  ? 7.495   -3.510  1.923   1.00 28.58 ? 39   CYS A CA  1 
ATOM   316  C  C   . CYS A 1 45  ? 6.263   -4.076  1.240   1.00 26.25 ? 39   CYS A C   1 
ATOM   317  O  O   . CYS A 1 45  ? 6.103   -3.941  0.040   1.00 26.91 ? 39   CYS A O   1 
ATOM   318  C  CB  . CYS A 1 45  ? 8.460   -4.658  2.211   1.00 30.69 ? 39   CYS A CB  1 
ATOM   319  S  SG  . CYS A 1 45  ? 10.111  -4.074  2.608   1.00 33.71 ? 39   CYS A SG  1 
ATOM   320  N  N   . THR A 1 46  ? 5.413   -4.732  2.017   1.00 26.89 ? 40   THR A N   1 
ATOM   321  C  CA  . THR A 1 46  ? 4.201   -5.347  1.492   1.00 27.40 ? 40   THR A CA  1 
ATOM   322  C  C   . THR A 1 46  ? 3.327   -4.289  0.821   1.00 27.15 ? 40   THR A C   1 
ATOM   323  O  O   . THR A 1 46  ? 2.853   -4.470  -0.302  1.00 27.59 ? 40   THR A O   1 
ATOM   324  C  CB  . THR A 1 46  ? 3.408   -6.035  2.613   1.00 27.41 ? 40   THR A CB  1 
ATOM   325  O  OG1 . THR A 1 46  ? 4.237   -7.015  3.263   1.00 28.16 ? 40   THR A OG1 1 
ATOM   326  C  CG2 . THR A 1 46  ? 2.175   -6.707  2.064   1.00 26.61 ? 40   THR A CG2 1 
ATOM   327  N  N   . HIS A 1 47  ? 3.103   -3.192  1.528   1.00 26.31 ? 41   HIS A N   1 
ATOM   328  C  CA  . HIS A 1 47  ? 2.269   -2.097  1.010   1.00 27.26 ? 41   HIS A CA  1 
ATOM   329  C  C   . HIS A 1 47  ? 2.883   -1.479  -0.226  1.00 26.58 ? 41   HIS A C   1 
ATOM   330  O  O   . HIS A 1 47  ? 2.199   -1.252  -1.224  1.00 25.81 ? 41   HIS A O   1 
ATOM   331  C  CB  . HIS A 1 47  ? 1.994   -1.063  2.115   1.00 26.89 ? 41   HIS A CB  1 
ATOM   332  C  CG  . HIS A 1 47  ? 1.307   0.185   1.637   1.00 26.34 ? 41   HIS A CG  1 
ATOM   333  N  ND1 . HIS A 1 47  ? 1.981   1.211   1.104   1.00 26.61 ? 41   HIS A ND1 1 
ATOM   334  C  CD2 . HIS A 1 47  ? -0.040  0.561   1.642   1.00 26.89 ? 41   HIS A CD2 1 
ATOM   335  C  CE1 . HIS A 1 47  ? 1.119   2.187   0.775   1.00 27.46 ? 41   HIS A CE1 1 
ATOM   336  N  NE2 . HIS A 1 47  ? -0.115  1.783   1.093   1.00 25.54 ? 41   HIS A NE2 1 
ATOM   337  N  N   . LEU A 1 48  ? 4.183   -1.234  -0.205  1.00 26.77 ? 42   LEU A N   1 
ATOM   338  C  CA  . LEU A 1 48  ? 4.861   -0.795  -1.428  1.00 29.40 ? 42   LEU A CA  1 
ATOM   339  C  C   . LEU A 1 48  ? 4.624   -1.757  -2.588  1.00 27.93 ? 42   LEU A C   1 
ATOM   340  O  O   . LEU A 1 48  ? 4.313   -1.338  -3.703  1.00 28.63 ? 42   LEU A O   1 
ATOM   341  C  CB  . LEU A 1 48  ? 6.367   -0.620  -1.214  1.00 30.46 ? 42   LEU A CB  1 
ATOM   342  C  CG  . LEU A 1 48  ? 6.894   0.661   -0.591  1.00 32.68 ? 42   LEU A CG  1 
ATOM   343  C  CD1 . LEU A 1 48  ? 8.356   0.459   -0.190  1.00 34.49 ? 42   LEU A CD1 1 
ATOM   344  C  CD2 . LEU A 1 48  ? 6.754   1.831   -1.560  1.00 34.16 ? 42   LEU A CD2 1 
ATOM   345  N  N   . GLU A 1 49  ? 4.768   -3.055  -2.347  1.00 28.43 ? 43   GLU A N   1 
ATOM   346  C  CA  . GLU A 1 49  ? 4.648   -4.005  -3.455  1.00 28.71 ? 43   GLU A CA  1 
ATOM   347  C  C   . GLU A 1 49  ? 3.228   -4.016  -4.020  1.00 27.51 ? 43   GLU A C   1 
ATOM   348  O  O   . GLU A 1 49  ? 3.025   -4.133  -5.227  1.00 27.41 ? 43   GLU A O   1 
ATOM   349  C  CB  . GLU A 1 49  ? 5.059   -5.422  -3.021  1.00 31.48 ? 43   GLU A CB  1 
ATOM   350  C  CG  . GLU A 1 49  ? 5.096   -6.376  -4.189  1.00 34.95 ? 43   GLU A CG  1 
ATOM   351  C  CD  . GLU A 1 49  ? 5.907   -7.631  -3.936  1.00 38.96 ? 43   GLU A CD  1 
ATOM   352  O  OE1 . GLU A 1 49  ? 6.157   -7.975  -2.773  1.00 42.11 ? 43   GLU A OE1 1 
ATOM   353  O  OE2 . GLU A 1 49  ? 6.264   -8.297  -4.923  1.00 43.55 ? 43   GLU A OE2 1 
ATOM   354  N  N   . VAL A 1 50  ? 2.235   -3.896  -3.150  1.00 25.17 ? 44   VAL A N   1 
ATOM   355  C  CA  . VAL A 1 50  ? 0.847   -3.869  -3.611  1.00 23.79 ? 44   VAL A CA  1 
ATOM   356  C  C   . VAL A 1 50  ? 0.603   -2.635  -4.467  1.00 24.11 ? 44   VAL A C   1 
ATOM   357  O  O   . VAL A 1 50  ? 0.000   -2.730  -5.540  1.00 24.88 ? 44   VAL A O   1 
ATOM   358  C  CB  . VAL A 1 50  ? -0.133  -3.944  -2.433  1.00 24.47 ? 44   VAL A CB  1 
ATOM   359  C  CG1 . VAL A 1 50  ? -1.556  -3.601  -2.866  1.00 24.38 ? 44   VAL A CG1 1 
ATOM   360  C  CG2 . VAL A 1 50  ? -0.048  -5.327  -1.795  1.00 24.85 ? 44   VAL A CG2 1 
ATOM   361  N  N   . CYS A 1 51  ? 1.099   -1.493  -4.014  1.00 23.63 ? 45   CYS A N   1 
ATOM   362  C  CA  . CYS A 1 51  ? 0.994   -0.260  -4.803  1.00 25.32 ? 45   CYS A CA  1 
ATOM   363  C  C   . CYS A 1 51  ? 1.628   -0.411  -6.207  1.00 25.49 ? 45   CYS A C   1 
ATOM   364  O  O   . CYS A 1 51  ? 1.048   0.003   -7.205  1.00 24.93 ? 45   CYS A O   1 
ATOM   365  C  CB  . CYS A 1 51  ? 1.604   0.922   -4.051  1.00 25.46 ? 45   CYS A CB  1 
ATOM   366  S  SG  . CYS A 1 51  ? 0.666   1.447   -2.572  1.00 27.52 ? 45   CYS A SG  1 
ATOM   367  N  N   . PHE A 1 52  ? 2.821   -0.981  -6.274  1.00 27.47 ? 46   PHE A N   1 
ATOM   368  C  CA  . PHE A 1 52  ? 3.474   -1.189  -7.550  1.00 28.40 ? 46   PHE A CA  1 
ATOM   369  C  C   . PHE A 1 52  ? 2.709   -2.184  -8.416  1.00 29.40 ? 46   PHE A C   1 
ATOM   370  O  O   . PHE A 1 52  ? 2.532   -1.952  -9.605  1.00 29.01 ? 46   PHE A O   1 
ATOM   371  C  CB  . PHE A 1 52  ? 4.934   -1.632  -7.376  1.00 31.71 ? 46   PHE A CB  1 
ATOM   372  C  CG  . PHE A 1 52  ? 5.812   -0.622  -6.659  1.00 34.46 ? 46   PHE A CG  1 
ATOM   373  C  CD1 . PHE A 1 52  ? 5.378   0.667   -6.387  1.00 37.05 ? 46   PHE A CD1 1 
ATOM   374  C  CD2 . PHE A 1 52  ? 7.086   -0.981  -6.249  1.00 39.42 ? 46   PHE A CD2 1 
ATOM   375  C  CE1 . PHE A 1 52  ? 6.193   1.571   -5.723  1.00 40.27 ? 46   PHE A CE1 1 
ATOM   376  C  CE2 . PHE A 1 52  ? 7.911   -0.078  -5.587  1.00 40.57 ? 46   PHE A CE2 1 
ATOM   377  C  CZ  . PHE A 1 52  ? 7.464   1.202   -5.328  1.00 40.58 ? 46   PHE A CZ  1 
ATOM   378  N  N   . MET A 1 53  ? 2.223   -3.271  -7.827  1.00 30.45 ? 47   MET A N   1 
ATOM   379  C  CA  . MET A 1 53  ? 1.421   -4.230  -8.587  1.00 30.24 ? 47   MET A CA  1 
ATOM   380  C  C   . MET A 1 53  ? 0.116   -3.629  -9.100  1.00 31.32 ? 47   MET A C   1 
ATOM   381  O  O   . MET A 1 53  ? -0.301  -3.915  -10.221 1.00 33.15 ? 47   MET A O   1 
ATOM   382  C  CB  . MET A 1 53  ? 1.073   -5.437  -7.743  1.00 30.00 ? 47   MET A CB  1 
ATOM   383  C  CG  . MET A 1 53  ? 2.247   -6.343  -7.424  1.00 31.52 ? 47   MET A CG  1 
ATOM   384  S  SD  . MET A 1 53  ? 1.658   -7.672  -6.360  1.00 32.79 ? 47   MET A SD  1 
ATOM   385  C  CE  . MET A 1 53  ? 0.670   -8.612  -7.505  1.00 31.36 ? 47   MET A CE  1 
ATOM   386  N  N   . TYR A 1 54  ? -0.519  -2.813  -8.265  1.00 30.15 ? 48   TYR A N   1 
ATOM   387  C  CA  . TYR A 1 54  ? -1.772  -2.166  -8.589  1.00 28.78 ? 48   TYR A CA  1 
ATOM   388  C  C   . TYR A 1 54  ? -1.541  -1.286  -9.798  1.00 28.77 ? 48   TYR A C   1 
ATOM   389  O  O   . TYR A 1 54  ? -2.326  -1.277  -10.726 1.00 29.32 ? 48   TYR A O   1 
ATOM   390  C  CB  . TYR A 1 54  ? -2.228  -1.316  -7.414  1.00 27.20 ? 48   TYR A CB  1 
ATOM   391  C  CG  . TYR A 1 54  ? -3.705  -1.015  -7.334  1.00 26.77 ? 48   TYR A CG  1 
ATOM   392  C  CD1 . TYR A 1 54  ? -4.313  -0.100  -8.184  1.00 25.95 ? 48   TYR A CD1 1 
ATOM   393  C  CD2 . TYR A 1 54  ? -4.488  -1.611  -6.352  1.00 26.90 ? 48   TYR A CD2 1 
ATOM   394  C  CE1 . TYR A 1 54  ? -5.667  0.182   -8.083  1.00 26.12 ? 48   TYR A CE1 1 
ATOM   395  C  CE2 . TYR A 1 54  ? -5.818  -1.308  -6.217  1.00 24.75 ? 48   TYR A CE2 1 
ATOM   396  C  CZ  . TYR A 1 54  ? -6.412  -0.431  -7.096  1.00 26.56 ? 48   TYR A CZ  1 
ATOM   397  O  OH  . TYR A 1 54  ? -7.740  -0.154  -6.926  1.00 27.71 ? 48   TYR A OH  1 
ATOM   398  N  N   . SER A 1 55  ? -0.454  -0.541  -9.747  1.00 32.07 ? 49   SER A N   1 
ATOM   399  C  CA  . SER A 1 55  ? -0.101  0.383   -10.806 1.00 36.21 ? 49   SER A CA  1 
ATOM   400  C  C   . SER A 1 55  ? 0.329   -0.342  -12.076 1.00 38.42 ? 49   SER A C   1 
ATOM   401  O  O   . SER A 1 55  ? -0.042  0.067   -13.165 1.00 39.98 ? 49   SER A O   1 
ATOM   402  C  CB  . SER A 1 55  ? 1.001   1.314   -10.355 1.00 36.10 ? 49   SER A CB  1 
ATOM   403  O  OG  . SER A 1 55  ? 1.340   2.191   -11.420 1.00 40.31 ? 49   SER A OG  1 
ATOM   404  N  N   . ASP A 1 56  ? 1.086   -1.427  -11.938 1.00 42.46 ? 50   ASP A N   1 
ATOM   405  C  CA  . ASP A 1 56  ? 1.555   -2.172  -13.118 1.00 46.54 ? 50   ASP A CA  1 
ATOM   406  C  C   . ASP A 1 56  ? 0.401   -2.839  -13.877 1.00 48.18 ? 50   ASP A C   1 
ATOM   407  O  O   . ASP A 1 56  ? 0.467   -3.012  -15.095 1.00 47.68 ? 50   ASP A O   1 
ATOM   408  C  CB  . ASP A 1 56  ? 2.659   -3.167  -12.724 1.00 48.32 ? 50   ASP A CB  1 
ATOM   409  C  CG  . ASP A 1 56  ? 3.977   -2.457  -12.377 1.00 52.49 ? 50   ASP A CG  1 
ATOM   410  O  OD1 . ASP A 1 56  ? 4.033   -1.207  -12.492 1.00 54.43 ? 50   ASP A OD1 1 
ATOM   411  O  OD2 . ASP A 1 56  ? 4.955   -3.131  -11.988 1.00 55.46 ? 50   ASP A OD2 1 
ATOM   412  N  N   . PHE A 1 57  ? -0.680  -3.150  -13.167 1.00 51.95 ? 51   PHE A N   1 
ATOM   413  C  CA  . PHE A 1 57  ? -1.916  -3.628  -13.796 1.00 56.84 ? 51   PHE A CA  1 
ATOM   414  C  C   . PHE A 1 57  ? -2.706  -2.500  -14.479 1.00 58.96 ? 51   PHE A C   1 
ATOM   415  O  O   . PHE A 1 57  ? -3.900  -2.347  -14.244 1.00 61.81 ? 51   PHE A O   1 
ATOM   416  C  CB  . PHE A 1 57  ? -2.808  -4.320  -12.749 1.00 54.19 ? 51   PHE A CB  1 
ATOM   417  C  CG  . PHE A 1 57  ? -2.191  -5.555  -12.135 1.00 55.30 ? 51   PHE A CG  1 
ATOM   418  C  CD1 . PHE A 1 57  ? -1.578  -6.519  -12.933 1.00 55.60 ? 51   PHE A CD1 1 
ATOM   419  C  CD2 . PHE A 1 57  ? -2.230  -5.761  -10.756 1.00 56.18 ? 51   PHE A CD2 1 
ATOM   420  C  CE1 . PHE A 1 57  ? -1.015  -7.652  -12.372 1.00 56.35 ? 51   PHE A CE1 1 
ATOM   421  C  CE2 . PHE A 1 57  ? -1.664  -6.894  -10.192 1.00 52.61 ? 51   PHE A CE2 1 
ATOM   422  C  CZ  . PHE A 1 57  ? -1.054  -7.838  -10.998 1.00 55.43 ? 51   PHE A CZ  1 
ATOM   423  N  N   . GLY A 1 58  ? -2.046  -1.727  -15.341 1.00 61.74 ? 52   GLY A N   1 
ATOM   424  C  CA  . GLY A 1 58  ? -2.701  -0.606  -16.023 1.00 61.79 ? 52   GLY A CA  1 
ATOM   425  C  C   . GLY A 1 58  ? -1.812  0.060   -17.058 1.00 61.29 ? 52   GLY A C   1 
ATOM   426  O  O   . GLY A 1 58  ? -0.666  -0.346  -17.263 1.00 63.25 ? 52   GLY A O   1 
ATOM   427  N  N   . HIS A 1 59  ? -0.899  3.439   -19.511 1.00 50.63 ? 74   HIS A N   1 
ATOM   428  C  CA  . HIS A 1 59  ? -0.458  3.998   -18.242 1.00 48.76 ? 74   HIS A CA  1 
ATOM   429  C  C   . HIS A 1 59  ? -1.635  4.610   -17.516 1.00 45.31 ? 74   HIS A C   1 
ATOM   430  O  O   . HIS A 1 59  ? -1.816  5.828   -17.499 1.00 46.82 ? 74   HIS A O   1 
ATOM   431  C  CB  . HIS A 1 59  ? 0.657   5.011   -18.492 1.00 51.45 ? 74   HIS A CB  1 
ATOM   432  C  CG  . HIS A 1 59  ? 1.176   5.701   -17.240 1.00 55.70 ? 74   HIS A CG  1 
ATOM   433  N  ND1 . HIS A 1 59  ? 1.122   7.043   -16.843 1.00 59.70 ? 74   HIS A ND1 1 
ATOM   434  C  CD2 . HIS A 1 59  ? 1.844   5.043   -16.264 1.00 55.82 ? 74   HIS A CD2 1 
ATOM   435  C  CE1 . HIS A 1 59  ? 1.747   7.137   -15.644 1.00 54.49 ? 74   HIS A CE1 1 
ATOM   436  N  NE2 . HIS A 1 59  ? 2.193   5.918   -15.290 1.00 52.13 ? 74   HIS A NE2 1 
ATOM   437  N  N   . ARG A 1 60  ? -2.459  3.753   -16.921 1.00 39.64 ? 75   ARG A N   1 
ATOM   438  C  CA  . ARG A 1 60  ? -3.639  4.197   -16.177 1.00 36.22 ? 75   ARG A CA  1 
ATOM   439  C  C   . ARG A 1 60  ? -3.302  4.870   -14.843 1.00 31.78 ? 75   ARG A C   1 
ATOM   440  O  O   . ARG A 1 60  ? -4.044  5.744   -14.380 1.00 33.11 ? 75   ARG A O   1 
ATOM   441  C  CB  . ARG A 1 60  ? -4.577  3.021   -15.908 1.00 33.96 ? 75   ARG A CB  1 
ATOM   442  C  CG  . ARG A 1 60  ? -5.754  3.388   -15.027 1.00 33.87 ? 75   ARG A CG  1 
ATOM   443  C  CD  . ARG A 1 60  ? -6.877  2.376   -15.089 1.00 33.45 ? 75   ARG A CD  1 
ATOM   444  N  NE  . ARG A 1 60  ? -7.982  2.768   -14.222 1.00 32.61 ? 75   ARG A NE  1 
ATOM   445  C  CZ  . ARG A 1 60  ? -9.097  2.069   -14.049 1.00 34.51 ? 75   ARG A CZ  1 
ATOM   446  N  NH1 . ARG A 1 60  ? -9.291  0.928   -14.705 1.00 37.84 ? 75   ARG A NH1 1 
ATOM   447  N  NH2 . ARG A 1 60  ? -10.032 2.512   -13.223 1.00 36.06 ? 75   ARG A NH2 1 
ATOM   448  N  N   . PHE A 1 61  ? -2.226  4.444   -14.192 1.00 30.95 ? 76   PHE A N   1 
ATOM   449  C  CA  . PHE A 1 61  ? -1.955  4.908   -12.840 1.00 29.26 ? 76   PHE A CA  1 
ATOM   450  C  C   . PHE A 1 61  ? -0.672  5.692   -12.739 1.00 31.27 ? 76   PHE A C   1 
ATOM   451  O  O   . PHE A 1 61  ? 0.278   5.417   -13.460 1.00 33.75 ? 76   PHE A O   1 
ATOM   452  C  CB  . PHE A 1 61  ? -1.923  3.742   -11.863 1.00 28.98 ? 76   PHE A CB  1 
ATOM   453  C  CG  . PHE A 1 61  ? -3.223  3.028   -11.770 1.00 28.36 ? 76   PHE A CG  1 
ATOM   454  C  CD1 . PHE A 1 61  ? -4.285  3.588   -11.066 1.00 28.77 ? 76   PHE A CD1 1 
ATOM   455  C  CD2 . PHE A 1 61  ? -3.414  1.836   -12.423 1.00 28.48 ? 76   PHE A CD2 1 
ATOM   456  C  CE1 . PHE A 1 61  ? -5.499  2.945   -11.010 1.00 28.19 ? 76   PHE A CE1 1 
ATOM   457  C  CE2 . PHE A 1 61  ? -4.624  1.190   -12.363 1.00 28.79 ? 76   PHE A CE2 1 
ATOM   458  C  CZ  . PHE A 1 61  ? -5.670  1.744   -11.660 1.00 29.08 ? 76   PHE A CZ  1 
ATOM   459  N  N   . GLU A 1 62  ? -0.677  6.683   -11.860 1.00 29.07 ? 77   GLU A N   1 
ATOM   460  C  CA  . GLU A 1 62  ? 0.550   7.361   -11.438 1.00 30.12 ? 77   GLU A CA  1 
ATOM   461  C  C   . GLU A 1 62  ? 0.843   6.832   -10.064 1.00 29.60 ? 77   GLU A C   1 
ATOM   462  O  O   . GLU A 1 62  ? -0.050  6.828   -9.218  1.00 30.90 ? 77   GLU A O   1 
ATOM   463  C  CB  . GLU A 1 62  ? 0.341   8.864   -11.365 1.00 29.28 ? 77   GLU A CB  1 
ATOM   464  C  CG  . GLU A 1 62  ? 1.615   9.658   -11.188 1.00 31.17 ? 77   GLU A CG  1 
ATOM   465  C  CD  . GLU A 1 62  ? 2.460   9.652   -12.443 1.00 33.57 ? 77   GLU A CD  1 
ATOM   466  O  OE1 . GLU A 1 62  ? 1.913   9.875   -13.557 1.00 36.32 ? 77   GLU A OE1 1 
ATOM   467  O  OE2 . GLU A 1 62  ? 3.663   9.389   -12.315 1.00 39.32 ? 77   GLU A OE2 1 
ATOM   468  N  N   . ILE A 1 63  ? 2.070   6.373   -9.835  1.00 29.34 ? 78   ILE A N   1 
ATOM   469  C  CA  . ILE A 1 63  ? 2.443   5.832   -8.529  1.00 29.98 ? 78   ILE A CA  1 
ATOM   470  C  C   . ILE A 1 63  ? 2.936   7.000   -7.716  1.00 30.61 ? 78   ILE A C   1 
ATOM   471  O  O   . ILE A 1 63  ? 3.813   7.738   -8.163  1.00 33.63 ? 78   ILE A O   1 
ATOM   472  C  CB  . ILE A 1 63  ? 3.559   4.779   -8.602  1.00 32.30 ? 78   ILE A CB  1 
ATOM   473  C  CG1 . ILE A 1 63  ? 3.196   3.682   -9.593  1.00 34.61 ? 78   ILE A CG1 1 
ATOM   474  C  CG2 . ILE A 1 63  ? 3.788   4.159   -7.227  1.00 33.86 ? 78   ILE A CG2 1 
ATOM   475  C  CD1 . ILE A 1 63  ? 4.186   2.534   -9.648  1.00 37.90 ? 78   ILE A CD1 1 
ATOM   476  N  N   . ILE A 1 64  ? 2.355   7.192   -6.537  1.00 28.16 ? 79   ILE A N   1 
ATOM   477  C  CA  . ILE A 1 64  ? 2.767   8.270   -5.663  1.00 28.34 ? 79   ILE A CA  1 
ATOM   478  C  C   . ILE A 1 64  ? 3.581   7.718   -4.498  1.00 28.89 ? 79   ILE A C   1 
ATOM   479  O  O   . ILE A 1 64  ? 4.624   8.289   -4.119  1.00 28.44 ? 79   ILE A O   1 
ATOM   480  C  CB  . ILE A 1 64  ? 1.542   9.079   -5.170  1.00 30.29 ? 79   ILE A CB  1 
ATOM   481  C  CG1 . ILE A 1 64  ? 0.897   9.792   -6.368  1.00 32.29 ? 79   ILE A CG1 1 
ATOM   482  C  CG2 . ILE A 1 64  ? 1.969   10.099  -4.114  1.00 27.28 ? 79   ILE A CG2 1 
ATOM   483  C  CD1 . ILE A 1 64  ? -0.559  10.148  -6.174  1.00 34.95 ? 79   ILE A CD1 1 
ATOM   484  N  N   . GLU A 1 65  ? 3.102   6.607   -3.947  1.00 28.01 ? 80   GLU A N   1 
ATOM   485  C  CA  . GLU A 1 65  ? 3.821   5.848   -2.944  1.00 29.94 ? 80   GLU A CA  1 
ATOM   486  C  C   . GLU A 1 65  ? 5.221   5.450   -3.465  1.00 30.13 ? 80   GLU A C   1 
ATOM   487  O  O   . GLU A 1 65  ? 5.406   5.184   -4.646  1.00 30.93 ? 80   GLU A O   1 
ATOM   488  C  CB  . GLU A 1 65  ? 3.004   4.608   -2.544  1.00 30.07 ? 80   GLU A CB  1 
ATOM   489  C  CG  . GLU A 1 65  ? 3.518   3.839   -1.326  1.00 33.03 ? 80   GLU A CG  1 
ATOM   490  C  CD  . GLU A 1 65  ? 3.681   4.713   -0.095  1.00 32.69 ? 80   GLU A CD  1 
ATOM   491  O  OE1 . GLU A 1 65  ? 4.762   5.307   0.021   1.00 38.74 ? 80   GLU A OE1 1 
ATOM   492  O  OE2 . GLU A 1 65  ? 2.739   4.838   0.749   1.00 31.79 ? 80   GLU A OE2 1 
ATOM   493  N  N   . GLY A 1 66  ? 6.207   5.441   -2.584  1.00 33.37 ? 81   GLY A N   1 
ATOM   494  C  CA  . GLY A 1 66  ? 7.564   5.066   -2.983  1.00 34.28 ? 81   GLY A CA  1 
ATOM   495  C  C   . GLY A 1 66  ? 8.441   6.231   -3.398  1.00 35.61 ? 81   GLY A C   1 
ATOM   496  O  O   . GLY A 1 66  ? 9.662   6.089   -3.486  1.00 40.46 ? 81   GLY A O   1 
ATOM   497  N  N   . ARG A 1 67  ? 7.842   7.385   -3.662  1.00 35.34 ? 82   ARG A N   1 
ATOM   498  C  CA  . ARG A 1 67  ? 8.618   8.585   -3.943  1.00 35.76 ? 82   ARG A CA  1 
ATOM   499  C  C   . ARG A 1 67  ? 8.970   9.282   -2.626  1.00 34.74 ? 82   ARG A C   1 
ATOM   500  O  O   . ARG A 1 67  ? 8.225   9.186   -1.651  1.00 34.61 ? 82   ARG A O   1 
ATOM   501  C  CB  . ARG A 1 67  ? 7.821   9.526   -4.828  1.00 36.33 ? 82   ARG A CB  1 
ATOM   502  C  CG  . ARG A 1 67  ? 7.370   8.918   -6.144  1.00 38.07 ? 82   ARG A CG  1 
ATOM   503  C  CD  . ARG A 1 67  ? 6.488   9.903   -6.862  1.00 39.82 ? 82   ARG A CD  1 
ATOM   504  N  NE  . ARG A 1 67  ? 5.885   9.375   -8.088  1.00 39.70 ? 82   ARG A NE  1 
ATOM   505  C  CZ  . ARG A 1 67  ? 6.429   9.437   -9.298  1.00 42.93 ? 82   ARG A CZ  1 
ATOM   506  N  NH1 . ARG A 1 67  ? 7.630   9.986   -9.483  1.00 44.31 ? 82   ARG A NH1 1 
ATOM   507  N  NH2 . ARG A 1 67  ? 5.762   8.942   -10.335 1.00 45.40 ? 82   ARG A NH2 1 
ATOM   508  N  N   . ASP A 1 68  ? 10.095  9.991   -2.588  1.00 36.39 ? 83   ASP A N   1 
ATOM   509  C  CA  . ASP A 1 68  ? 10.376  10.832  -1.430  1.00 37.19 ? 83   ASP A CA  1 
ATOM   510  C  C   . ASP A 1 68  ? 9.302   11.916  -1.348  1.00 36.20 ? 83   ASP A C   1 
ATOM   511  O  O   . ASP A 1 68  ? 8.637   12.229  -2.339  1.00 34.47 ? 83   ASP A O   1 
ATOM   512  C  CB  . ASP A 1 68  ? 11.810  11.409  -1.426  1.00 41.05 ? 83   ASP A CB  1 
ATOM   513  C  CG  . ASP A 1 68  ? 12.066  12.448  -2.522  1.00 44.75 ? 83   ASP A CG  1 
ATOM   514  O  OD1 . ASP A 1 68  ? 11.258  13.385  -2.703  1.00 44.15 ? 83   ASP A OD1 1 
ATOM   515  O  OD2 . ASP A 1 68  ? 13.133  12.359  -3.174  1.00 51.51 ? 83   ASP A OD2 1 
ATOM   516  N  N   . ARG A 1 69  ? 9.149   12.475  -0.161  1.00 37.58 ? 84   ARG A N   1 
ATOM   517  C  CA  . ARG A 1 69  ? 8.034   13.362  0.171   1.00 38.49 ? 84   ARG A CA  1 
ATOM   518  C  C   . ARG A 1 69  ? 7.848   14.508  -0.813  1.00 36.14 ? 84   ARG A C   1 
ATOM   519  O  O   . ARG A 1 69  ? 6.723   14.791  -1.245  1.00 35.26 ? 84   ARG A O   1 
ATOM   520  C  CB  . ARG A 1 69  ? 8.243   13.937  1.569   1.00 41.32 ? 84   ARG A CB  1 
ATOM   521  C  CG  . ARG A 1 69  ? 7.051   13.815  2.485   1.00 44.08 ? 84   ARG A CG  1 
ATOM   522  C  CD  . ARG A 1 69  ? 7.407   14.421  3.827   1.00 45.42 ? 84   ARG A CD  1 
ATOM   523  N  NE  . ARG A 1 69  ? 6.570   13.945  4.920   1.00 49.61 ? 84   ARG A NE  1 
ATOM   524  C  CZ  . ARG A 1 69  ? 7.014   13.419  6.064   1.00 52.89 ? 84   ARG A CZ  1 
ATOM   525  N  NH1 . ARG A 1 69  ? 8.314   13.281  6.320   1.00 55.81 ? 84   ARG A NH1 1 
ATOM   526  N  NH2 . ARG A 1 69  ? 6.136   13.044  6.982   1.00 56.27 ? 84   ARG A NH2 1 
ATOM   527  N  N   . ILE A 1 70  ? 8.952   15.159  -1.171  1.00 34.27 ? 85   ILE A N   1 
ATOM   528  C  CA  . ILE A 1 70  ? 8.924   16.312  -2.067  1.00 34.03 ? 85   ILE A CA  1 
ATOM   529  C  C   . ILE A 1 70  ? 8.457   15.936  -3.463  1.00 34.97 ? 85   ILE A C   1 
ATOM   530  O  O   . ILE A 1 70  ? 7.607   16.614  -4.055  1.00 28.99 ? 85   ILE A O   1 
ATOM   531  C  CB  . ILE A 1 70  ? 10.310  16.979  -2.157  1.00 37.17 ? 85   ILE A CB  1 
ATOM   532  C  CG1 . ILE A 1 70  ? 10.645  17.639  -0.813  1.00 37.12 ? 85   ILE A CG1 1 
ATOM   533  C  CG2 . ILE A 1 70  ? 10.353  17.984  -3.308  1.00 35.63 ? 85   ILE A CG2 1 
ATOM   534  C  CD1 . ILE A 1 70  ? 12.075  18.114  -0.713  1.00 40.48 ? 85   ILE A CD1 1 
ATOM   535  N  N   . MET A 1 71  ? 9.002   14.840  -3.981  1.00 33.02 ? 86   MET A N   1 
ATOM   536  C  CA  . MET A 1 71  ? 8.583   14.345  -5.282  1.00 35.94 ? 86   MET A CA  1 
ATOM   537  C  C   . MET A 1 71  ? 7.136   13.890  -5.299  1.00 32.00 ? 86   MET A C   1 
ATOM   538  O  O   . MET A 1 71  ? 6.447   14.098  -6.293  1.00 30.99 ? 86   MET A O   1 
ATOM   539  C  CB  . MET A 1 71  ? 9.508   13.232  -5.765  1.00 38.68 ? 86   MET A CB  1 
ATOM   540  C  CG  . MET A 1 71  ? 10.852  13.777  -6.221  1.00 44.20 ? 86   MET A CG  1 
ATOM   541  S  SD  . MET A 1 71  ? 10.662  15.235  -7.272  1.00 52.33 ? 86   MET A SD  1 
ATOM   542  C  CE  . MET A 1 71  ? 9.565   14.600  -8.548  1.00 43.80 ? 86   MET A CE  1 
ATOM   543  N  N   . ALA A 1 72  ? 6.694   13.279  -4.209  1.00 29.63 ? 87   ALA A N   1 
ATOM   544  C  CA  . ALA A 1 72  ? 5.329   12.813  -4.094  1.00 30.77 ? 87   ALA A CA  1 
ATOM   545  C  C   . ALA A 1 72  ? 4.366   13.995  -4.206  1.00 30.80 ? 87   ALA A C   1 
ATOM   546  O  O   . ALA A 1 72  ? 3.416   13.957  -4.993  1.00 28.88 ? 87   ALA A O   1 
ATOM   547  C  CB  . ALA A 1 72  ? 5.123   12.047  -2.790  1.00 29.45 ? 87   ALA A CB  1 
ATOM   548  N  N   . TRP A 1 73  ? 4.635   15.048  -3.441  1.00 29.56 ? 88   TRP A N   1 
ATOM   549  C  CA  . TRP A 1 73  ? 3.814   16.246  -3.484  1.00 30.00 ? 88   TRP A CA  1 
ATOM   550  C  C   . TRP A 1 73  ? 3.949   17.008  -4.779  1.00 30.42 ? 88   TRP A C   1 
ATOM   551  O  O   . TRP A 1 73  ? 2.990   17.632  -5.221  1.00 30.17 ? 88   TRP A O   1 
ATOM   552  C  CB  . TRP A 1 73  ? 4.087   17.140  -2.276  1.00 30.30 ? 88   TRP A CB  1 
ATOM   553  C  CG  . TRP A 1 73  ? 3.385   16.650  -1.035  1.00 30.02 ? 88   TRP A CG  1 
ATOM   554  C  CD1 . TRP A 1 73  ? 3.964   16.200  0.155   1.00 31.20 ? 88   TRP A CD1 1 
ATOM   555  C  CD2 . TRP A 1 73  ? 1.939   16.527  -0.827  1.00 30.77 ? 88   TRP A CD2 1 
ATOM   556  N  NE1 . TRP A 1 73  ? 3.001   15.825  1.057   1.00 31.14 ? 88   TRP A NE1 1 
ATOM   557  C  CE2 . TRP A 1 73  ? 1.763   15.992  0.527   1.00 32.00 ? 88   TRP A CE2 1 
ATOM   558  C  CE3 . TRP A 1 73  ? 0.812   16.795  -1.599  1.00 31.85 ? 88   TRP A CE3 1 
ATOM   559  C  CZ2 . TRP A 1 73  ? 0.504   15.764  1.067   1.00 32.74 ? 88   TRP A CZ2 1 
ATOM   560  C  CZ3 . TRP A 1 73  ? -0.455  16.558  -1.047  1.00 31.72 ? 88   TRP A CZ3 1 
ATOM   561  C  CH2 . TRP A 1 73  ? -0.604  16.047  0.255   1.00 32.76 ? 88   TRP A CH2 1 
ATOM   562  N  N   . THR A 1 74  ? 5.122   16.972  -5.402  1.00 29.68 ? 89   THR A N   1 
ATOM   563  C  CA  . THR A 1 74  ? 5.288   17.587  -6.702  1.00 29.40 ? 89   THR A CA  1 
ATOM   564  C  C   . THR A 1 74  ? 4.364   16.916  -7.710  1.00 29.17 ? 89   THR A C   1 
ATOM   565  O  O   . THR A 1 74  ? 3.704   17.593  -8.493  1.00 30.44 ? 89   THR A O   1 
ATOM   566  C  CB  . THR A 1 74  ? 6.741   17.475  -7.195  1.00 31.36 ? 89   THR A CB  1 
ATOM   567  O  OG1 . THR A 1 74  ? 7.616   18.095  -6.238  1.00 31.80 ? 89   THR A OG1 1 
ATOM   568  C  CG2 . THR A 1 74  ? 6.894   18.129  -8.543  1.00 29.38 ? 89   THR A CG2 1 
ATOM   569  N  N   . VAL A 1 75  ? 4.344   15.582  -7.697  1.00 27.87 ? 90   VAL A N   1 
ATOM   570  C  CA  . VAL A 1 75  ? 3.476   14.818  -8.591  1.00 29.61 ? 90   VAL A CA  1 
ATOM   571  C  C   . VAL A 1 75  ? 1.992   15.094  -8.313  1.00 27.12 ? 90   VAL A C   1 
ATOM   572  O  O   . VAL A 1 75  ? 1.206   15.287  -9.237  1.00 28.05 ? 90   VAL A O   1 
ATOM   573  C  CB  . VAL A 1 75  ? 3.769   13.304  -8.489  1.00 30.64 ? 90   VAL A CB  1 
ATOM   574  C  CG1 . VAL A 1 75  ? 2.744   12.506  -9.283  1.00 32.86 ? 90   VAL A CG1 1 
ATOM   575  C  CG2 . VAL A 1 75  ? 5.172   13.012  -9.013  1.00 33.62 ? 90   VAL A CG2 1 
ATOM   576  N  N   . VAL A 1 76  ? 1.619   15.095  -7.039  1.00 26.27 ? 91   VAL A N   1 
ATOM   577  C  CA  . VAL A 1 76  ? 0.242   15.325  -6.652  1.00 27.69 ? 91   VAL A CA  1 
ATOM   578  C  C   . VAL A 1 76  ? -0.167  16.719  -7.112  1.00 28.10 ? 91   VAL A C   1 
ATOM   579  O  O   . VAL A 1 76  ? -1.215  16.882  -7.710  1.00 26.64 ? 91   VAL A O   1 
ATOM   580  C  CB  . VAL A 1 76  ? 0.031   15.177  -5.131  1.00 27.97 ? 91   VAL A CB  1 
ATOM   581  C  CG1 . VAL A 1 76  ? -1.281  15.823  -4.708  1.00 27.30 ? 91   VAL A CG1 1 
ATOM   582  C  CG2 . VAL A 1 76  ? 0.089   13.714  -4.712  1.00 27.99 ? 91   VAL A CG2 1 
ATOM   583  N  N   . ASN A 1 77  ? 0.690   17.699  -6.849  1.00 30.55 ? 92   ASN A N   1 
ATOM   584  C  CA  . ASN A 1 77  ? 0.449   19.074  -7.291  1.00 32.21 ? 92   ASN A CA  1 
ATOM   585  C  C   . ASN A 1 77  ? 0.270   19.207  -8.792  1.00 31.50 ? 92   ASN A C   1 
ATOM   586  O  O   . ASN A 1 77  ? -0.642  19.893  -9.263  1.00 31.66 ? 92   ASN A O   1 
ATOM   587  C  CB  . ASN A 1 77  ? 1.590   19.964  -6.836  1.00 35.07 ? 92   ASN A CB  1 
ATOM   588  C  CG  . ASN A 1 77  ? 1.539   20.225  -5.359  1.00 40.73 ? 92   ASN A CG  1 
ATOM   589  O  OD1 . ASN A 1 77  ? 0.646   19.722  -4.669  1.00 42.48 ? 92   ASN A OD1 1 
ATOM   590  N  ND2 . ASN A 1 77  ? 2.497   21.001  -4.852  1.00 45.28 ? 92   ASN A ND2 1 
ATOM   591  N  N   . SER A 1 78  ? 1.144   18.540  -9.526  1.00 29.89 ? 93   SER A N   1 
ATOM   592  C  CA  . SER A 1 78  ? 1.095   18.536  -10.974 1.00 31.45 ? 93   SER A CA  1 
ATOM   593  C  C   . SER A 1 78  ? -0.230  17.969  -11.474 1.00 30.08 ? 93   SER A C   1 
ATOM   594  O  O   . SER A 1 78  ? -0.869  18.533  -12.382 1.00 29.38 ? 93   SER A O   1 
ATOM   595  C  CB  . SER A 1 78  ? 2.261   17.714  -11.519 1.00 33.26 ? 93   SER A CB  1 
ATOM   596  O  OG  . SER A 1 78  ? 2.264   17.760  -12.925 1.00 39.45 ? 93   SER A OG  1 
ATOM   597  N  N   . ILE A 1 79  ? -0.658  16.868  -10.867 1.00 27.20 ? 94   ILE A N   1 
ATOM   598  C  CA  . ILE A 1 79  ? -1.908  16.253  -11.257 1.00 27.74 ? 94   ILE A CA  1 
ATOM   599  C  C   . ILE A 1 79  ? -3.070  17.194  -10.933 1.00 28.21 ? 94   ILE A C   1 
ATOM   600  O  O   . ILE A 1 79  ? -3.968  17.408  -11.757 1.00 28.78 ? 94   ILE A O   1 
ATOM   601  C  CB  . ILE A 1 79  ? -2.114  14.888  -10.575 1.00 26.32 ? 94   ILE A CB  1 
ATOM   602  C  CG1 . ILE A 1 79  ? -1.162  13.845  -11.183 1.00 27.22 ? 94   ILE A CG1 1 
ATOM   603  C  CG2 . ILE A 1 79  ? -3.561  14.439  -10.745 1.00 25.62 ? 94   ILE A CG2 1 
ATOM   604  C  CD1 . ILE A 1 79  ? -1.086  12.574  -10.361 1.00 27.49 ? 94   ILE A CD1 1 
ATOM   605  N  N   . CYS A 1 80  ? -3.056  17.775  -9.748  1.00 29.52 ? 95   CYS A N   1 
ATOM   606  C  CA  . CYS A 1 80  ? -4.153  18.665  -9.363  1.00 29.14 ? 95   CYS A CA  1 
ATOM   607  C  C   . CYS A 1 80  ? -4.220  19.889  -10.284 1.00 30.06 ? 95   CYS A C   1 
ATOM   608  O  O   . CYS A 1 80  ? -5.300  20.320  -10.649 1.00 31.69 ? 95   CYS A O   1 
ATOM   609  C  CB  . CYS A 1 80  ? -4.016  19.100  -7.918  1.00 30.90 ? 95   CYS A CB  1 
ATOM   610  S  SG  . CYS A 1 80  ? -4.306  17.721  -6.790  1.00 31.98 ? 95   CYS A SG  1 
ATOM   611  N  N   . ASN A 1 81  ? -3.061  20.393  -10.678 1.00 31.73 ? 96   ASN A N   1 
ATOM   612  C  CA  . ASN A 1 81  ? -2.963  21.540  -11.575 1.00 32.49 ? 96   ASN A CA  1 
ATOM   613  C  C   . ASN A 1 81  ? -3.412  21.276  -13.002 1.00 32.06 ? 96   ASN A C   1 
ATOM   614  O  O   . ASN A 1 81  ? -3.780  22.206  -13.712 1.00 34.48 ? 96   ASN A O   1 
ATOM   615  C  CB  . ASN A 1 81  ? -1.537  22.059  -11.585 1.00 34.28 ? 96   ASN A CB  1 
ATOM   616  C  CG  . ASN A 1 81  ? -1.180  22.759  -10.309 1.00 35.73 ? 96   ASN A CG  1 
ATOM   617  O  OD1 . ASN A 1 81  ? -2.060  23.144  -9.548  1.00 38.20 ? 96   ASN A OD1 1 
ATOM   618  N  ND2 . ASN A 1 81  ? 0.114   22.955  -10.075 1.00 38.17 ? 96   ASN A ND2 1 
ATOM   619  N  N   . THR A 1 82  ? -3.390  20.019  -13.425 1.00 32.90 ? 97   THR A N   1 
ATOM   620  C  CA  . THR A 1 82  ? -3.772  19.666  -14.787 1.00 32.74 ? 97   THR A CA  1 
ATOM   621  C  C   . THR A 1 82  ? -5.123  18.959  -14.876 1.00 34.03 ? 97   THR A C   1 
ATOM   622  O  O   . THR A 1 82  ? -5.577  18.617  -15.973 1.00 35.19 ? 97   THR A O   1 
ATOM   623  C  CB  . THR A 1 82  ? -2.684  18.781  -15.424 1.00 34.66 ? 97   THR A CB  1 
ATOM   624  O  OG1 . THR A 1 82  ? -2.490  17.621  -14.618 1.00 32.70 ? 97   THR A OG1 1 
ATOM   625  C  CG2 . THR A 1 82  ? -1.364  19.536  -15.530 1.00 37.61 ? 97   THR A CG2 1 
ATOM   626  N  N   . THR A 1 83  ? -5.770  18.719  -13.736 1.00 33.32 ? 98   THR A N   1 
ATOM   627  C  CA  . THR A 1 83  ? -7.082  18.079  -13.708 1.00 31.61 ? 98   THR A CA  1 
ATOM   628  C  C   . THR A 1 83  ? -8.133  18.842  -12.923 1.00 32.71 ? 98   THR A C   1 
ATOM   629  O  O   . THR A 1 83  ? -9.339  18.581  -13.061 1.00 34.69 ? 98   THR A O   1 
ATOM   630  C  CB  . THR A 1 83  ? -6.993  16.686  -13.063 1.00 32.45 ? 98   THR A CB  1 
ATOM   631  O  OG1 . THR A 1 83  ? -6.700  16.839  -11.665 1.00 30.08 ? 98   THR A OG1 1 
ATOM   632  C  CG2 . THR A 1 83  ? -5.937  15.826  -13.765 1.00 30.87 ? 98   THR A CG2 1 
ATOM   633  N  N   . GLY A 1 84  ? -7.689  19.748  -12.064 1.00 32.45 ? 99   GLY A N   1 
ATOM   634  C  CA  . GLY A 1 84  ? -8.574  20.406  -11.129 1.00 37.11 ? 99   GLY A CA  1 
ATOM   635  C  C   . GLY A 1 84  ? -9.105  19.516  -10.014 1.00 37.35 ? 99   GLY A C   1 
ATOM   636  O  O   . GLY A 1 84  ? -9.868  19.991  -9.166  1.00 39.95 ? 99   GLY A O   1 
ATOM   637  N  N   . VAL A 1 85  ? -8.744  18.228  -10.004 1.00 36.16 ? 100  VAL A N   1 
ATOM   638  C  CA  . VAL A 1 85  ? -9.091  17.368  -8.871  1.00 35.08 ? 100  VAL A CA  1 
ATOM   639  C  C   . VAL A 1 85  ? -8.552  18.049  -7.622  1.00 35.23 ? 100  VAL A C   1 
ATOM   640  O  O   . VAL A 1 85  ? -7.456  18.598  -7.631  1.00 35.57 ? 100  VAL A O   1 
ATOM   641  C  CB  . VAL A 1 85  ? -8.510  15.933  -9.014  1.00 33.74 ? 100  VAL A CB  1 
ATOM   642  C  CG1 . VAL A 1 85  ? -8.640  15.150  -7.709  1.00 35.10 ? 100  VAL A CG1 1 
ATOM   643  C  CG2 . VAL A 1 85  ? -9.210  15.194  -10.135 1.00 34.52 ? 100  VAL A CG2 1 
ATOM   644  N  N   . GLU A 1 86  ? -9.352  18.034  -6.570  1.00 41.18 ? 101  GLU A N   1 
ATOM   645  C  CA  . GLU A 1 86  ? -9.034  18.673  -5.299  1.00 43.46 ? 101  GLU A CA  1 
ATOM   646  C  C   . GLU A 1 86  ? -7.749  18.088  -4.680  1.00 42.89 ? 101  GLU A C   1 
ATOM   647  O  O   . GLU A 1 86  ? -7.542  16.873  -4.713  1.00 37.85 ? 101  GLU A O   1 
ATOM   648  C  CB  . GLU A 1 86  ? -10.224 18.465  -4.358  1.00 48.34 ? 101  GLU A CB  1 
ATOM   649  C  CG  . GLU A 1 86  ? -10.114 19.107  -2.981  1.00 54.77 ? 101  GLU A CG  1 
ATOM   650  C  CD  . GLU A 1 86  ? -11.330 18.816  -2.111  1.00 58.31 ? 101  GLU A CD  1 
ATOM   651  O  OE1 . GLU A 1 86  ? -12.384 18.409  -2.657  1.00 61.93 ? 101  GLU A OE1 1 
ATOM   652  O  OE2 . GLU A 1 86  ? -11.229 18.985  -0.877  1.00 61.06 ? 101  GLU A OE2 1 
ATOM   653  N  N   . LYS A 1 87  ? -6.904  18.946  -4.109  1.00 42.75 ? 102  LYS A N   1 
ATOM   654  C  CA  . LYS A 1 87  ? -5.643  18.482  -3.519  1.00 43.32 ? 102  LYS A CA  1 
ATOM   655  C  C   . LYS A 1 87  ? -5.942  17.748  -2.219  1.00 40.90 ? 102  LYS A C   1 
ATOM   656  O  O   . LYS A 1 87  ? -6.641  18.282  -1.361  1.00 39.08 ? 102  LYS A O   1 
ATOM   657  C  CB  . LYS A 1 87  ? -4.664  19.635  -3.274  1.00 47.27 ? 102  LYS A CB  1 
ATOM   658  C  CG  . LYS A 1 87  ? -3.219  19.243  -3.548  1.00 50.22 ? 102  LYS A CG  1 
ATOM   659  C  CD  . LYS A 1 87  ? -2.214  20.304  -3.120  1.00 52.55 ? 102  LYS A CD  1 
ATOM   660  C  CE  . LYS A 1 87  ? -2.173  21.487  -4.072  1.00 52.22 ? 102  LYS A CE  1 
ATOM   661  N  NZ  . LYS A 1 87  ? -0.914  22.259  -3.910  1.00 52.81 ? 102  LYS A NZ  1 
ATOM   662  N  N   . PRO A 1 88  ? -5.444  16.506  -2.076  1.00 37.68 ? 103  PRO A N   1 
ATOM   663  C  CA  . PRO A 1 88  ? -5.772  15.779  -0.857  1.00 36.14 ? 103  PRO A CA  1 
ATOM   664  C  C   . PRO A 1 88  ? -5.013  16.339  0.334   1.00 34.67 ? 103  PRO A C   1 
ATOM   665  O  O   . PRO A 1 88  ? -3.939  16.923  0.166   1.00 32.01 ? 103  PRO A O   1 
ATOM   666  C  CB  . PRO A 1 88  ? -5.342  14.339  -1.169  1.00 36.28 ? 103  PRO A CB  1 
ATOM   667  C  CG  . PRO A 1 88  ? -4.284  14.490  -2.190  1.00 35.28 ? 103  PRO A CG  1 
ATOM   668  C  CD  . PRO A 1 88  ? -4.696  15.671  -3.027  1.00 37.07 ? 103  PRO A CD  1 
ATOM   669  N  N   . LYS A 1 89  ? -5.601  16.178  1.515   1.00 33.78 ? 104  LYS A N   1 
ATOM   670  C  CA  . LYS A 1 89  ? -4.994  16.599  2.774   1.00 37.78 ? 104  LYS A CA  1 
ATOM   671  C  C   . LYS A 1 89  ? -3.777  15.757  3.104   1.00 37.06 ? 104  LYS A C   1 
ATOM   672  O  O   . LYS A 1 89  ? -2.815  16.260  3.683   1.00 36.78 ? 104  LYS A O   1 
ATOM   673  C  CB  . LYS A 1 89  ? -6.005  16.468  3.919   1.00 41.82 ? 104  LYS A CB  1 
ATOM   674  C  CG  . LYS A 1 89  ? -7.201  17.389  3.761   1.00 47.35 ? 104  LYS A CG  1 
ATOM   675  C  CD  . LYS A 1 89  ? -8.093  17.398  4.995   1.00 51.40 ? 104  LYS A CD  1 
ATOM   676  C  CE  . LYS A 1 89  ? -9.501  17.836  4.626   1.00 55.77 ? 104  LYS A CE  1 
ATOM   677  N  NZ  . LYS A 1 89  ? -10.365 18.039  5.823   1.00 63.24 ? 104  LYS A NZ  1 
ATOM   678  N  N   . PHE A 1 90  ? -3.839  14.472  2.749   1.00 35.72 ? 105  PHE A N   1 
ATOM   679  C  CA  . PHE A 1 90  ? -2.746  13.526  3.020   1.00 35.18 ? 105  PHE A CA  1 
ATOM   680  C  C   . PHE A 1 90  ? -2.253  12.907  1.715   1.00 33.35 ? 105  PHE A C   1 
ATOM   681  O  O   . PHE A 1 90  ? -3.029  12.770  0.781   1.00 31.30 ? 105  PHE A O   1 
ATOM   682  C  CB  . PHE A 1 90  ? -3.244  12.438  3.956   1.00 37.71 ? 105  PHE A CB  1 
ATOM   683  C  CG  . PHE A 1 90  ? -3.796  12.972  5.247   1.00 41.58 ? 105  PHE A CG  1 
ATOM   684  C  CD1 . PHE A 1 90  ? -2.943  13.510  6.207   1.00 44.05 ? 105  PHE A CD1 1 
ATOM   685  C  CD2 . PHE A 1 90  ? -5.165  12.963  5.494   1.00 41.90 ? 105  PHE A CD2 1 
ATOM   686  C  CE1 . PHE A 1 90  ? -3.452  14.015  7.396   1.00 46.09 ? 105  PHE A CE1 1 
ATOM   687  C  CE2 . PHE A 1 90  ? -5.673  13.458  6.684   1.00 43.92 ? 105  PHE A CE2 1 
ATOM   688  C  CZ  . PHE A 1 90  ? -4.817  13.984  7.635   1.00 44.20 ? 105  PHE A CZ  1 
ATOM   689  N  N   . LEU A 1 91  ? -0.975  12.554  1.644   1.00 30.14 ? 106  LEU A N   1 
ATOM   690  C  CA  . LEU A 1 91  ? -0.448  11.908  0.437   1.00 30.35 ? 106  LEU A CA  1 
ATOM   691  C  C   . LEU A 1 91  ? -1.215  10.625  0.170   1.00 27.35 ? 106  LEU A C   1 
ATOM   692  O  O   . LEU A 1 91  ? -1.338  9.802   1.049   1.00 26.32 ? 106  LEU A O   1 
ATOM   693  C  CB  . LEU A 1 91  ? 1.040   11.546  0.590   1.00 31.67 ? 106  LEU A CB  1 
ATOM   694  C  CG  . LEU A 1 91  ? 2.141   12.504  0.143   1.00 35.05 ? 106  LEU A CG  1 
ATOM   695  C  CD1 . LEU A 1 91  ? 3.481   11.767  0.159   1.00 35.35 ? 106  LEU A CD1 1 
ATOM   696  C  CD2 . LEU A 1 91  ? 1.875   13.065  -1.236  1.00 30.79 ? 106  LEU A CD2 1 
ATOM   697  N  N   . PRO A 1 92  ? -1.748  10.445  -1.040  1.00 27.13 ? 107  PRO A N   1 
ATOM   698  C  CA  . PRO A 1 92  ? -2.344  9.155   -1.374  1.00 26.66 ? 107  PRO A CA  1 
ATOM   699  C  C   . PRO A 1 92  ? -1.283  8.255   -1.995  1.00 26.68 ? 107  PRO A C   1 
ATOM   700  O  O   . PRO A 1 92  ? -0.102  8.640   -2.060  1.00 26.91 ? 107  PRO A O   1 
ATOM   701  C  CB  . PRO A 1 92  ? -3.382  9.542   -2.421  1.00 28.47 ? 107  PRO A CB  1 
ATOM   702  C  CG  . PRO A 1 92  ? -2.728  10.663  -3.145  1.00 28.69 ? 107  PRO A CG  1 
ATOM   703  C  CD  . PRO A 1 92  ? -1.899  11.408  -2.142  1.00 28.46 ? 107  PRO A CD  1 
ATOM   704  N  N   . ASP A 1 93  ? -1.710  7.104   -2.496  1.00 24.58 ? 108  ASP A N   1 
ATOM   705  C  CA  . ASP A 1 93  ? -0.787  6.093   -3.004  1.00 26.11 ? 108  ASP A CA  1 
ATOM   706  C  C   . ASP A 1 93  ? -0.650  6.080   -4.509  1.00 25.73 ? 108  ASP A C   1 
ATOM   707  O  O   . ASP A 1 93  ? 0.436   5.796   -5.004  1.00 26.48 ? 108  ASP A O   1 
ATOM   708  C  CB  . ASP A 1 93  ? -1.235  4.721   -2.509  1.00 24.85 ? 108  ASP A CB  1 
ATOM   709  C  CG  . ASP A 1 93  ? -1.046  4.577   -1.034  1.00 25.78 ? 108  ASP A CG  1 
ATOM   710  O  OD1 . ASP A 1 93  ? 0.025   4.999   -0.548  1.00 25.27 ? 108  ASP A OD1 1 
ATOM   711  O  OD2 . ASP A 1 93  ? -1.945  4.043   -0.361  1.00 28.03 ? 108  ASP A OD2 1 
ATOM   712  N  N   . LEU A 1 94  ? -1.763  6.336   -5.207  1.00 24.68 ? 109  LEU A N   1 
ATOM   713  C  CA  . LEU A 1 94  ? -1.840  6.349   -6.665  1.00 25.68 ? 109  LEU A CA  1 
ATOM   714  C  C   . LEU A 1 94  ? -2.787  7.446   -7.158  1.00 25.04 ? 109  LEU A C   1 
ATOM   715  O  O   . LEU A 1 94  ? -3.637  7.928   -6.402  1.00 25.51 ? 109  LEU A O   1 
ATOM   716  C  CB  . LEU A 1 94  ? -2.373  5.014   -7.214  1.00 26.36 ? 109  LEU A CB  1 
ATOM   717  C  CG  . LEU A 1 94  ? -1.720  3.688   -6.775  1.00 28.09 ? 109  LEU A CG  1 
ATOM   718  C  CD1 . LEU A 1 94  ? -2.607  2.518   -7.159  1.00 29.66 ? 109  LEU A CD1 1 
ATOM   719  C  CD2 . LEU A 1 94  ? -0.327  3.526   -7.363  1.00 28.57 ? 109  LEU A CD2 1 
ATOM   720  N  N   . TYR A 1 95  ? -2.661  7.793   -8.436  1.00 24.38 ? 110  TYR A N   1 
ATOM   721  C  CA  . TYR A 1 95  ? -3.717  8.525   -9.147  1.00 25.99 ? 110  TYR A CA  1 
ATOM   722  C  C   . TYR A 1 95  ? -4.193  7.676   -10.310 1.00 27.43 ? 110  TYR A C   1 
ATOM   723  O  O   . TYR A 1 95  ? -3.385  7.100   -11.054 1.00 28.51 ? 110  TYR A O   1 
ATOM   724  C  CB  . TYR A 1 95  ? -3.237  9.892   -9.657  1.00 26.68 ? 110  TYR A CB  1 
ATOM   725  C  CG  . TYR A 1 95  ? -4.342  10.723  -10.285 1.00 26.33 ? 110  TYR A CG  1 
ATOM   726  C  CD1 . TYR A 1 95  ? -5.295  11.345  -9.499  1.00 28.13 ? 110  TYR A CD1 1 
ATOM   727  C  CD2 . TYR A 1 95  ? -4.437  10.867  -11.660 1.00 26.71 ? 110  TYR A CD2 1 
ATOM   728  C  CE1 . TYR A 1 95  ? -6.305  12.097  -10.062 1.00 28.91 ? 110  TYR A CE1 1 
ATOM   729  C  CE2 . TYR A 1 95  ? -5.445  11.614  -12.235 1.00 27.78 ? 110  TYR A CE2 1 
ATOM   730  C  CZ  . TYR A 1 95  ? -6.374  12.231  -11.429 1.00 27.97 ? 110  TYR A CZ  1 
ATOM   731  O  OH  . TYR A 1 95  ? -7.376  12.994  -11.998 1.00 29.94 ? 110  TYR A OH  1 
ATOM   732  N  N   . ASP A 1 96  ? -5.508  7.600   -10.445 1.00 25.48 ? 111  ASP A N   1 
ATOM   733  C  CA  . ASP A 1 96  ? -6.164  6.869   -11.504 1.00 26.05 ? 111  ASP A CA  1 
ATOM   734  C  C   . ASP A 1 96  ? -6.531  7.894   -12.581 1.00 28.38 ? 111  ASP A C   1 
ATOM   735  O  O   . ASP A 1 96  ? -7.425  8.711   -12.377 1.00 24.82 ? 111  ASP A O   1 
ATOM   736  C  CB  . ASP A 1 96  ? -7.403  6.203   -10.928 1.00 25.37 ? 111  ASP A CB  1 
ATOM   737  C  CG  . ASP A 1 96  ? -8.144  5.324   -11.929 1.00 26.70 ? 111  ASP A CG  1 
ATOM   738  O  OD1 . ASP A 1 96  ? -8.019  5.503   -13.166 1.00 25.49 ? 111  ASP A OD1 1 
ATOM   739  O  OD2 . ASP A 1 96  ? -8.878  4.443   -11.454 1.00 25.88 ? 111  ASP A OD2 1 
ATOM   740  N  N   . TYR A 1 97  ? -5.813  7.839   -13.700 1.00 28.85 ? 112  TYR A N   1 
ATOM   741  C  CA  . TYR A 1 97  ? -6.045  8.734   -14.849 1.00 32.16 ? 112  TYR A CA  1 
ATOM   742  C  C   . TYR A 1 97  ? -7.321  8.390   -15.606 1.00 34.23 ? 112  TYR A C   1 
ATOM   743  O  O   . TYR A 1 97  ? -7.850  9.231   -16.331 1.00 37.43 ? 112  TYR A O   1 
ATOM   744  C  CB  . TYR A 1 97  ? -4.860  8.696   -15.826 1.00 31.17 ? 112  TYR A CB  1 
ATOM   745  C  CG  . TYR A 1 97  ? -3.622  9.389   -15.324 1.00 33.26 ? 112  TYR A CG  1 
ATOM   746  C  CD1 . TYR A 1 97  ? -3.607  10.763  -15.129 1.00 32.27 ? 112  TYR A CD1 1 
ATOM   747  C  CD2 . TYR A 1 97  ? -2.465  8.678   -15.045 1.00 34.43 ? 112  TYR A CD2 1 
ATOM   748  C  CE1 . TYR A 1 97  ? -2.479  11.407  -14.664 1.00 32.75 ? 112  TYR A CE1 1 
ATOM   749  C  CE2 . TYR A 1 97  ? -1.321  9.317   -14.587 1.00 33.56 ? 112  TYR A CE2 1 
ATOM   750  C  CZ  . TYR A 1 97  ? -1.338  10.686  -14.401 1.00 33.30 ? 112  TYR A CZ  1 
ATOM   751  O  OH  . TYR A 1 97  ? -0.223  11.340  -13.926 1.00 34.00 ? 112  TYR A OH  1 
ATOM   752  N  N   . LYS A 1 98  ? -7.829  7.175   -15.447 1.00 32.48 ? 113  LYS A N   1 
ATOM   753  C  CA  . LYS A 1 98  ? -9.084  6.821   -16.106 1.00 35.23 ? 113  LYS A CA  1 
ATOM   754  C  C   . LYS A 1 98  ? -10.271 7.379   -15.343 1.00 34.00 ? 113  LYS A C   1 
ATOM   755  O  O   . LYS A 1 98  ? -11.101 8.078   -15.917 1.00 33.19 ? 113  LYS A O   1 
ATOM   756  C  CB  . LYS A 1 98  ? -9.223  5.308   -16.286 1.00 36.64 ? 113  LYS A CB  1 
ATOM   757  C  CG  . LYS A 1 98  ? -10.448 4.906   -17.100 1.00 39.53 ? 113  LYS A CG  1 
ATOM   758  C  CD  . LYS A 1 98  ? -10.506 3.404   -17.264 1.00 44.00 ? 113  LYS A CD  1 
ATOM   759  C  CE  . LYS A 1 98  ? -11.552 2.981   -18.282 1.00 46.33 ? 113  LYS A CE  1 
ATOM   760  N  NZ  . LYS A 1 98  ? -11.279 1.575   -18.690 1.00 51.39 ? 113  LYS A NZ  1 
ATOM   761  N  N   . GLU A 1 99  ? -10.345 7.100   -14.045 1.00 31.02 ? 114  GLU A N   1 
ATOM   762  C  CA  . GLU A 1 99  ? -11.425 7.642   -13.206 1.00 32.71 ? 114  GLU A CA  1 
ATOM   763  C  C   . GLU A 1 99  ? -11.162 9.050   -12.703 1.00 31.37 ? 114  GLU A C   1 
ATOM   764  O  O   . GLU A 1 99  ? -12.050 9.666   -12.129 1.00 34.18 ? 114  GLU A O   1 
ATOM   765  C  CB  . GLU A 1 99  ? -11.680 6.734   -11.996 1.00 35.01 ? 114  GLU A CB  1 
ATOM   766  C  CG  . GLU A 1 99  ? -12.078 5.328   -12.372 1.00 36.79 ? 114  GLU A CG  1 
ATOM   767  C  CD  . GLU A 1 99  ? -13.514 5.206   -12.849 1.00 40.47 ? 114  GLU A CD  1 
ATOM   768  O  OE1 . GLU A 1 99  ? -14.326 6.147   -12.646 1.00 36.78 ? 114  GLU A OE1 1 
ATOM   769  O  OE2 . GLU A 1 99  ? -13.820 4.139   -13.429 1.00 43.58 ? 114  GLU A OE2 1 
ATOM   770  N  N   . ASN A 1 100 ? -9.952  9.555   -12.917 1.00 30.41 ? 115  ASN A N   1 
ATOM   771  C  CA  . ASN A 1 100 ? -9.522  10.855  -12.398 1.00 31.21 ? 115  ASN A CA  1 
ATOM   772  C  C   . ASN A 1 100 ? -9.786  11.037  -10.914 1.00 30.62 ? 115  ASN A C   1 
ATOM   773  O  O   . ASN A 1 100 ? -10.482 11.960  -10.468 1.00 28.75 ? 115  ASN A O   1 
ATOM   774  C  CB  . ASN A 1 100 ? -10.107 11.986  -13.257 1.00 31.63 ? 115  ASN A CB  1 
ATOM   775  C  CG  . ASN A 1 100 ? -9.382  12.118  -14.584 1.00 31.37 ? 115  ASN A CG  1 
ATOM   776  O  OD1 . ASN A 1 100 ? -9.906  11.752  -15.637 1.00 34.88 ? 115  ASN A OD1 1 
ATOM   777  N  ND2 . ASN A 1 100 ? -8.148  12.568  -14.526 1.00 30.64 ? 115  ASN A ND2 1 
ATOM   778  N  N   . ARG A 1 101 ? -9.208  10.125  -10.133 1.00 30.32 ? 116  ARG A N   1 
ATOM   779  C  CA  . ARG A 1 101 ? -9.257  10.208  -8.702  1.00 27.41 ? 116  ARG A CA  1 
ATOM   780  C  C   . ARG A 1 101 ? -7.994  9.631   -8.083  1.00 26.80 ? 116  ARG A C   1 
ATOM   781  O  O   . ARG A 1 101 ? -7.346  8.752   -8.661  1.00 26.07 ? 116  ARG A O   1 
ATOM   782  C  CB  . ARG A 1 101 ? -10.470 9.465   -8.166  1.00 28.70 ? 116  ARG A CB  1 
ATOM   783  C  CG  . ARG A 1 101 ? -10.421 7.957   -8.383  1.00 28.85 ? 116  ARG A CG  1 
ATOM   784  C  CD  . ARG A 1 101 ? -11.827 7.382   -8.321  1.00 30.02 ? 116  ARG A CD  1 
ATOM   785  N  NE  . ARG A 1 101 ? -11.812 5.959   -8.586  1.00 30.82 ? 116  ARG A NE  1 
ATOM   786  C  CZ  . ARG A 1 101 ? -12.888 5.215   -8.827  1.00 31.47 ? 116  ARG A CZ  1 
ATOM   787  N  NH1 . ARG A 1 101 ? -14.099 5.753   -8.806  1.00 33.46 ? 116  ARG A NH1 1 
ATOM   788  N  NH2 . ARG A 1 101 ? -12.740 3.915   -9.060  1.00 32.05 ? 116  ARG A NH2 1 
ATOM   789  N  N   . PHE A 1 102 ? -7.632  10.166  -6.932  1.00 26.28 ? 117  PHE A N   1 
ATOM   790  C  CA  . PHE A 1 102 ? -6.541  9.605   -6.149  1.00 26.86 ? 117  PHE A CA  1 
ATOM   791  C  C   . PHE A 1 102 ? -7.040  8.352   -5.456  1.00 25.79 ? 117  PHE A C   1 
ATOM   792  O  O   . PHE A 1 102 ? -8.244  8.203   -5.183  1.00 26.37 ? 117  PHE A O   1 
ATOM   793  C  CB  . PHE A 1 102 ? -6.021  10.614  -5.141  1.00 27.10 ? 117  PHE A CB  1 
ATOM   794  C  CG  . PHE A 1 102 ? -5.214  11.706  -5.758  1.00 27.65 ? 117  PHE A CG  1 
ATOM   795  C  CD1 . PHE A 1 102 ? -3.925  11.463  -6.179  1.00 27.74 ? 117  PHE A CD1 1 
ATOM   796  C  CD2 . PHE A 1 102 ? -5.747  12.980  -5.935  1.00 27.31 ? 117  PHE A CD2 1 
ATOM   797  C  CE1 . PHE A 1 102 ? -3.166  12.466  -6.758  1.00 29.78 ? 117  PHE A CE1 1 
ATOM   798  C  CE2 . PHE A 1 102 ? -5.000  13.983  -6.532  1.00 28.56 ? 117  PHE A CE2 1 
ATOM   799  C  CZ  . PHE A 1 102 ? -3.703  13.732  -6.933  1.00 28.08 ? 117  PHE A CZ  1 
ATOM   800  N  N   . ILE A 1 103 ? -6.112  7.436   -5.198  1.00 26.12 ? 118  ILE A N   1 
ATOM   801  C  CA  . ILE A 1 103 ? -6.428  6.187   -4.513  1.00 26.10 ? 118  ILE A CA  1 
ATOM   802  C  C   . ILE A 1 103 ? -5.558  6.008   -3.272  1.00 25.48 ? 118  ILE A C   1 
ATOM   803  O  O   . ILE A 1 103 ? -4.338  6.189   -3.325  1.00 25.81 ? 118  ILE A O   1 
ATOM   804  C  CB  . ILE A 1 103 ? -6.172  4.962   -5.407  1.00 26.59 ? 118  ILE A CB  1 
ATOM   805  C  CG1 . ILE A 1 103 ? -7.018  5.007   -6.674  1.00 28.42 ? 118  ILE A CG1 1 
ATOM   806  C  CG2 . ILE A 1 103 ? -6.491  3.665   -4.667  1.00 25.38 ? 118  ILE A CG2 1 
ATOM   807  C  CD1 . ILE A 1 103 ? -6.536  4.024   -7.718  1.00 29.61 ? 118  ILE A CD1 1 
ATOM   808  N  N   . GLU A 1 104 ? -6.195  5.620   -2.174  1.00 26.13 ? 119  GLU A N   1 
ATOM   809  C  CA  . GLU A 1 104 ? -5.508  5.224   -0.959  1.00 27.10 ? 119  GLU A CA  1 
ATOM   810  C  C   . GLU A 1 104 ? -5.599  3.700   -0.880  1.00 26.80 ? 119  GLU A C   1 
ATOM   811  O  O   . GLU A 1 104 ? -6.680  3.139   -0.872  1.00 25.43 ? 119  GLU A O   1 
ATOM   812  C  CB  . GLU A 1 104 ? -6.122  5.857   0.301   1.00 27.39 ? 119  GLU A CB  1 
ATOM   813  C  CG  . GLU A 1 104 ? -5.524  5.331   1.605   1.00 29.32 ? 119  GLU A CG  1 
ATOM   814  C  CD  . GLU A 1 104 ? -4.008  5.471   1.684   1.00 29.56 ? 119  GLU A CD  1 
ATOM   815  O  OE1 . GLU A 1 104 ? -3.472  6.516   1.255   1.00 28.47 ? 119  GLU A OE1 1 
ATOM   816  O  OE2 . GLU A 1 104 ? -3.349  4.547   2.214   1.00 28.92 ? 119  GLU A OE2 1 
ATOM   817  N  N   . ILE A 1 105 ? -4.440  3.065   -0.864  1.00 25.16 ? 120  ILE A N   1 
ATOM   818  C  CA  . ILE A 1 105 ? -4.321  1.622   -0.758  1.00 26.81 ? 120  ILE A CA  1 
ATOM   819  C  C   . ILE A 1 105 ? -4.028  1.255   0.678   1.00 26.38 ? 120  ILE A C   1 
ATOM   820  O  O   . ILE A 1 105 ? -3.071  1.791   1.281   1.00 27.56 ? 120  ILE A O   1 
ATOM   821  C  CB  . ILE A 1 105 ? -3.159  1.103   -1.616  1.00 26.97 ? 120  ILE A CB  1 
ATOM   822  C  CG1 . ILE A 1 105 ? -3.462  1.359   -3.081  1.00 27.18 ? 120  ILE A CG1 1 
ATOM   823  C  CG2 . ILE A 1 105 ? -2.908  -0.392  -1.360  1.00 27.60 ? 120  ILE A CG2 1 
ATOM   824  C  CD1 . ILE A 1 105 ? -4.718  0.692   -3.539  1.00 27.42 ? 120  ILE A CD1 1 
ATOM   825  N  N   . GLY A 1 106 ? -4.837  0.328   1.192   1.00 28.62 ? 121  GLY A N   1 
ATOM   826  C  CA  . GLY A 1 106 ? -4.679  -0.215  2.531   1.00 28.05 ? 121  GLY A CA  1 
ATOM   827  C  C   . GLY A 1 106 ? -4.384  -1.704  2.480   1.00 26.60 ? 121  GLY A C   1 
ATOM   828  O  O   . GLY A 1 106 ? -4.993  -2.434  1.707   1.00 26.63 ? 121  GLY A O   1 
ATOM   829  N  N   . VAL A 1 107 ? -3.422  -2.136  3.281   1.00 25.51 ? 122  VAL A N   1 
ATOM   830  C  CA  . VAL A 1 107 ? -3.138  -3.560  3.489   1.00 25.51 ? 122  VAL A CA  1 
ATOM   831  C  C   . VAL A 1 107 ? -3.213  -3.856  4.978   1.00 26.73 ? 122  VAL A C   1 
ATOM   832  O  O   . VAL A 1 107 ? -2.475  -3.260  5.763   1.00 28.54 ? 122  VAL A O   1 
ATOM   833  C  CB  . VAL A 1 107 ? -1.746  -3.962  2.969   1.00 26.72 ? 122  VAL A CB  1 
ATOM   834  C  CG1 . VAL A 1 107 ? -1.499  -5.463  3.200   1.00 25.43 ? 122  VAL A CG1 1 
ATOM   835  C  CG2 . VAL A 1 107 ? -1.613  -3.615  1.492   1.00 26.02 ? 122  VAL A CG2 1 
ATOM   836  N  N   . THR A 1 108 ? -4.101  -4.765  5.365   1.00 28.72 ? 123  THR A N   1 
ATOM   837  C  CA  . THR A 1 108 ? -4.379  -5.008  6.779   1.00 30.21 ? 123  THR A CA  1 
ATOM   838  C  C   . THR A 1 108 ? -4.284  -6.484  7.149   1.00 31.00 ? 123  THR A C   1 
ATOM   839  O  O   . THR A 1 108 ? -4.674  -7.340  6.386   1.00 26.91 ? 123  THR A O   1 
ATOM   840  C  CB  . THR A 1 108 ? -5.796  -4.517  7.164   1.00 31.70 ? 123  THR A CB  1 
ATOM   841  O  OG1 . THR A 1 108 ? -6.010  -4.673  8.574   1.00 32.84 ? 123  THR A OG1 1 
ATOM   842  C  CG2 . THR A 1 108 ? -6.885  -5.297  6.426   1.00 31.21 ? 123  THR A CG2 1 
ATOM   843  N  N   . ARG A 1 109 ? -3.813  -6.738  8.365   1.00 31.20 ? 124  ARG A N   1 
ATOM   844  C  CA  . ARG A 1 109 ? -3.860  -8.062  8.975   1.00 34.31 ? 124  ARG A CA  1 
ATOM   845  C  C   . ARG A 1 109 ? -5.150  -8.266  9.765   1.00 36.67 ? 124  ARG A C   1 
ATOM   846  O  O   . ARG A 1 109 ? -5.365  -9.328  10.332  1.00 39.35 ? 124  ARG A O   1 
ATOM   847  C  CB  . ARG A 1 109 ? -2.688  -8.223  9.926   1.00 34.91 ? 124  ARG A CB  1 
ATOM   848  C  CG  . ARG A 1 109 ? -1.328  -8.323  9.269   1.00 37.05 ? 124  ARG A CG  1 
ATOM   849  C  CD  . ARG A 1 109 ? -0.284  -7.567  10.089  1.00 39.29 ? 124  ARG A CD  1 
ATOM   850  N  NE  . ARG A 1 109 ? -0.088  -6.242  9.573   1.00 39.23 ? 124  ARG A NE  1 
ATOM   851  C  CZ  . ARG A 1 109 ? 0.767   -5.345  10.043  1.00 39.08 ? 124  ARG A CZ  1 
ATOM   852  N  NH1 . ARG A 1 109 ? 1.532   -5.580  11.112  1.00 37.75 ? 124  ARG A NH1 1 
ATOM   853  N  NH2 . ARG A 1 109 ? 0.827   -4.178  9.438   1.00 38.43 ? 124  ARG A NH2 1 
ATOM   854  N  N   . ARG A 1 110 ? -5.965  -7.220  9.847   1.00 36.12 ? 125  ARG A N   1 
ATOM   855  C  CA  . ARG A 1 110 ? -7.249  -7.256  10.511  1.00 38.20 ? 125  ARG A CA  1 
ATOM   856  C  C   . ARG A 1 110 ? -8.350  -7.387  9.458   1.00 39.23 ? 125  ARG A C   1 
ATOM   857  O  O   . ARG A 1 110 ? -8.066  -7.591  8.273   1.00 38.59 ? 125  ARG A O   1 
ATOM   858  C  CB  . ARG A 1 110 ? -7.423  -5.979  11.335  1.00 37.92 ? 125  ARG A CB  1 
ATOM   859  C  CG  . ARG A 1 110 ? -6.452  -5.879  12.498  1.00 40.79 ? 125  ARG A CG  1 
ATOM   860  C  CD  . ARG A 1 110 ? -6.595  -4.536  13.194  1.00 42.22 ? 125  ARG A CD  1 
ATOM   861  N  NE  . ARG A 1 110 ? -5.990  -3.459  12.413  1.00 41.67 ? 125  ARG A NE  1 
ATOM   862  C  CZ  . ARG A 1 110 ? -6.253  -2.163  12.567  1.00 45.74 ? 125  ARG A CZ  1 
ATOM   863  N  NH1 . ARG A 1 110 ? -7.140  -1.737  13.461  1.00 49.23 ? 125  ARG A NH1 1 
ATOM   864  N  NH2 . ARG A 1 110 ? -5.630  -1.279  11.803  1.00 48.16 ? 125  ARG A NH2 1 
ATOM   865  N  N   . GLU A 1 111 ? -9.599  -7.281  9.894   1.00 38.64 ? 126  GLU A N   1 
ATOM   866  C  CA  . GLU A 1 111 ? -10.755 -7.364  8.997   1.00 40.53 ? 126  GLU A CA  1 
ATOM   867  C  C   . GLU A 1 111 ? -10.761 -6.132  8.100   1.00 37.48 ? 126  GLU A C   1 
ATOM   868  O  O   . GLU A 1 111 ? -10.523 -5.028  8.578   1.00 37.47 ? 126  GLU A O   1 
ATOM   869  C  CB  . GLU A 1 111 ? -12.056 -7.387  9.808   1.00 46.56 ? 126  GLU A CB  1 
ATOM   870  C  CG  . GLU A 1 111 ? -12.189 -8.530  10.811  1.00 52.06 ? 126  GLU A CG  1 
ATOM   871  C  CD  . GLU A 1 111 ? -13.064 -9.655  10.303  1.00 56.35 ? 126  GLU A CD  1 
ATOM   872  O  OE1 . GLU A 1 111 ? -12.628 -10.362 9.370   1.00 56.19 ? 126  GLU A OE1 1 
ATOM   873  O  OE2 . GLU A 1 111 ? -14.188 -9.828  10.834  1.00 59.53 ? 126  GLU A OE2 1 
ATOM   874  N  N   . VAL A 1 112 ? -11.032 -6.320  6.811   1.00 35.91 ? 127  VAL A N   1 
ATOM   875  C  CA  . VAL A 1 112 ? -11.004 -5.209  5.852   1.00 35.80 ? 127  VAL A CA  1 
ATOM   876  C  C   . VAL A 1 112 ? -11.993 -4.092  6.188   1.00 36.81 ? 127  VAL A C   1 
ATOM   877  O  O   . VAL A 1 112 ? -11.648 -2.925  6.060   1.00 36.96 ? 127  VAL A O   1 
ATOM   878  C  CB  . VAL A 1 112 ? -11.194 -5.674  4.386   1.00 33.04 ? 127  VAL A CB  1 
ATOM   879  C  CG1 . VAL A 1 112 ? -10.077 -6.633  3.997   1.00 33.27 ? 127  VAL A CG1 1 
ATOM   880  C  CG2 . VAL A 1 112 ? -12.565 -6.315  4.155   1.00 34.72 ? 127  VAL A CG2 1 
ATOM   881  N  N   . HIS A 1 113 ? -13.195 -4.430  6.656   1.00 39.86 ? 128  HIS A N   1 
ATOM   882  C  CA  . HIS A 1 113 ? -14.177 -3.381  7.012   1.00 41.90 ? 128  HIS A CA  1 
ATOM   883  C  C   . HIS A 1 113 ? -13.689 -2.507  8.135   1.00 41.17 ? 128  HIS A C   1 
ATOM   884  O  O   . HIS A 1 113 ? -13.941 -1.308  8.125   1.00 43.97 ? 128  HIS A O   1 
ATOM   885  C  CB  . HIS A 1 113 ? -15.561 -3.963  7.320   1.00 45.16 ? 128  HIS A CB  1 
ATOM   886  C  CG  . HIS A 1 113 ? -15.609 -4.830  8.561   1.00 50.29 ? 128  HIS A CG  1 
ATOM   887  N  ND1 . HIS A 1 113 ? -15.634 -6.177  8.503   1.00 54.67 ? 128  HIS A ND1 1 
ATOM   888  C  CD2 . HIS A 1 113 ? -15.652 -4.495  9.914   1.00 54.63 ? 128  HIS A CD2 1 
ATOM   889  C  CE1 . HIS A 1 113 ? -15.679 -6.682  9.751   1.00 55.06 ? 128  HIS A CE1 1 
ATOM   890  N  NE2 . HIS A 1 113 ? -15.685 -5.650  10.616  1.00 55.32 ? 128  HIS A NE2 1 
ATOM   891  N  N   . ILE A 1 114 ? -12.971 -3.103  9.090   1.00 39.99 ? 129  ILE A N   1 
ATOM   892  C  CA  . ILE A 1 114 ? -12.365 -2.395  10.220  1.00 41.41 ? 129  ILE A CA  1 
ATOM   893  C  C   . ILE A 1 114 ? -11.303 -1.398  9.754   1.00 39.53 ? 129  ILE A C   1 
ATOM   894  O  O   . ILE A 1 114 ? -11.306 -0.215  10.124  1.00 36.62 ? 129  ILE A O   1 
ATOM   895  C  CB  . ILE A 1 114 ? -11.735 -3.409  11.219  1.00 45.73 ? 129  ILE A CB  1 
ATOM   896  C  CG1 . ILE A 1 114 ? -12.833 -4.194  11.943  1.00 49.75 ? 129  ILE A CG1 1 
ATOM   897  C  CG2 . ILE A 1 114 ? -10.821 -2.734  12.228  1.00 47.39 ? 129  ILE A CG2 1 
ATOM   898  C  CD1 . ILE A 1 114 ? -12.311 -5.192  12.958  1.00 52.66 ? 129  ILE A CD1 1 
ATOM   899  N  N   . TYR A 1 115 ? -10.383 -1.882  8.929   1.00 35.84 ? 130  TYR A N   1 
ATOM   900  C  CA  . TYR A 1 115 ? -9.334  -1.028  8.415   1.00 33.95 ? 130  TYR A CA  1 
ATOM   901  C  C   . TYR A 1 115 ? -9.877  0.023   7.434   1.00 31.85 ? 130  TYR A C   1 
ATOM   902  O  O   . TYR A 1 115 ? -9.380  1.139   7.408   1.00 33.00 ? 130  TYR A O   1 
ATOM   903  C  CB  . TYR A 1 115 ? -8.259  -1.887  7.761   1.00 34.55 ? 130  TYR A CB  1 
ATOM   904  C  CG  . TYR A 1 115 ? -6.963  -1.173  7.556   1.00 32.58 ? 130  TYR A CG  1 
ATOM   905  C  CD1 . TYR A 1 115 ? -6.276  -0.617  8.624   1.00 34.92 ? 130  TYR A CD1 1 
ATOM   906  C  CD2 . TYR A 1 115 ? -6.414  -1.062  6.295   1.00 34.11 ? 130  TYR A CD2 1 
ATOM   907  C  CE1 . TYR A 1 115 ? -5.079  0.039   8.438   1.00 35.03 ? 130  TYR A CE1 1 
ATOM   908  C  CE2 . TYR A 1 115 ? -5.206  -0.430  6.097   1.00 33.33 ? 130  TYR A CE2 1 
ATOM   909  C  CZ  . TYR A 1 115 ? -4.543  0.113   7.162   1.00 33.65 ? 130  TYR A CZ  1 
ATOM   910  O  OH  . TYR A 1 115 ? -3.358  0.737   6.931   1.00 34.14 ? 130  TYR A OH  1 
ATOM   911  N  N   . TYR A 1 116 ? -10.890 -0.337  6.650   1.00 33.02 ? 131  TYR A N   1 
ATOM   912  C  CA  . TYR A 1 116 ? -11.541 0.611   5.746   1.00 34.39 ? 131  TYR A CA  1 
ATOM   913  C  C   . TYR A 1 116 ? -12.066 1.812   6.529   1.00 35.63 ? 131  TYR A C   1 
ATOM   914  O  O   . TYR A 1 116 ? -11.851 2.969   6.149   1.00 33.09 ? 131  TYR A O   1 
ATOM   915  C  CB  . TYR A 1 116 ? -12.702 -0.036  4.976   1.00 34.52 ? 131  TYR A CB  1 
ATOM   916  C  CG  . TYR A 1 116 ? -13.359 0.935   4.005   1.00 37.39 ? 131  TYR A CG  1 
ATOM   917  C  CD1 . TYR A 1 116 ? -14.377 1.798   4.420   1.00 39.93 ? 131  TYR A CD1 1 
ATOM   918  C  CD2 . TYR A 1 116 ? -12.940 1.011   2.681   1.00 39.14 ? 131  TYR A CD2 1 
ATOM   919  C  CE1 . TYR A 1 116 ? -14.956 2.700   3.542   1.00 40.95 ? 131  TYR A CE1 1 
ATOM   920  C  CE2 . TYR A 1 116 ? -13.516 1.903   1.795   1.00 39.62 ? 131  TYR A CE2 1 
ATOM   921  C  CZ  . TYR A 1 116 ? -14.524 2.742   2.232   1.00 41.41 ? 131  TYR A CZ  1 
ATOM   922  O  OH  . TYR A 1 116 ? -15.085 3.620   1.359   1.00 44.93 ? 131  TYR A OH  1 
ATOM   923  N  N   . LEU A 1 117 ? -12.768 1.517   7.622   1.00 37.21 ? 132  LEU A N   1 
ATOM   924  C  CA  . LEU A 1 117 ? -13.355 2.555   8.479   1.00 39.83 ? 132  LEU A CA  1 
ATOM   925  C  C   . LEU A 1 117 ? -12.276 3.443   9.062   1.00 38.43 ? 132  LEU A C   1 
ATOM   926  O  O   . LEU A 1 117 ? -12.394 4.670   9.049   1.00 41.52 ? 132  LEU A O   1 
ATOM   927  C  CB  . LEU A 1 117 ? -14.175 1.913   9.613   1.00 40.66 ? 132  LEU A CB  1 
ATOM   928  C  CG  . LEU A 1 117 ? -15.524 1.345   9.169   1.00 43.40 ? 132  LEU A CG  1 
ATOM   929  C  CD1 . LEU A 1 117 ? -16.100 0.402   10.210  1.00 44.63 ? 132  LEU A CD1 1 
ATOM   930  C  CD2 . LEU A 1 117 ? -16.495 2.481   8.899   1.00 43.95 ? 132  LEU A CD2 1 
ATOM   931  N  N   . GLU A 1 118 ? -11.220 2.818   9.560   1.00 37.14 ? 133  GLU A N   1 
ATOM   932  C  CA  . GLU A 1 118 ? -10.078 3.539   10.096  1.00 39.62 ? 133  GLU A CA  1 
ATOM   933  C  C   . GLU A 1 118 ? -9.452  4.472   9.054   1.00 37.42 ? 133  GLU A C   1 
ATOM   934  O  O   . GLU A 1 118 ? -9.116  5.620   9.361   1.00 36.94 ? 133  GLU A O   1 
ATOM   935  C  CB  . GLU A 1 118 ? -9.033  2.552   10.627  1.00 41.26 ? 133  GLU A CB  1 
ATOM   936  C  CG  . GLU A 1 118 ? -7.800  3.207   11.220  1.00 46.98 ? 133  GLU A CG  1 
ATOM   937  C  CD  . GLU A 1 118 ? -6.659  2.233   11.419  1.00 50.58 ? 133  GLU A CD  1 
ATOM   938  O  OE1 . GLU A 1 118 ? -6.897  1.165   12.023  1.00 55.47 ? 133  GLU A OE1 1 
ATOM   939  O  OE2 . GLU A 1 118 ? -5.533  2.538   10.964  1.00 52.52 ? 133  GLU A OE2 1 
ATOM   940  N  N   . LYS A 1 119 ? -9.305  3.983   7.826   1.00 37.60 ? 134  LYS A N   1 
ATOM   941  C  CA  . LYS A 1 119 ? -8.724  4.783   6.754   1.00 38.17 ? 134  LYS A CA  1 
ATOM   942  C  C   . LYS A 1 119 ? -9.644  5.925   6.358   1.00 37.30 ? 134  LYS A C   1 
ATOM   943  O  O   . LYS A 1 119 ? -9.208  7.073   6.265   1.00 34.70 ? 134  LYS A O   1 
ATOM   944  C  CB  . LYS A 1 119 ? -8.452  3.925   5.512   1.00 39.72 ? 134  LYS A CB  1 
ATOM   945  C  CG  . LYS A 1 119 ? -7.165  3.132   5.580   1.00 42.78 ? 134  LYS A CG  1 
ATOM   946  C  CD  . LYS A 1 119 ? -5.966  4.060   5.539   1.00 44.41 ? 134  LYS A CD  1 
ATOM   947  C  CE  . LYS A 1 119 ? -4.700  3.307   5.180   1.00 44.68 ? 134  LYS A CE  1 
ATOM   948  N  NZ  . LYS A 1 119 ? -3.527  3.977   5.784   1.00 46.67 ? 134  LYS A NZ  1 
ATOM   949  N  N   . ALA A 1 120 ? -10.902 5.582   6.080   1.00 38.99 ? 135  ALA A N   1 
ATOM   950  C  CA  . ALA A 1 120 ? -11.896 6.541   5.624   1.00 38.18 ? 135  ALA A CA  1 
ATOM   951  C  C   . ALA A 1 120 ? -12.067 7.657   6.644   1.00 40.21 ? 135  ALA A C   1 
ATOM   952  O  O   . ALA A 1 120 ? -12.166 8.833   6.278   1.00 37.26 ? 135  ALA A O   1 
ATOM   953  C  CB  . ALA A 1 120 ? -13.229 5.845   5.381   1.00 39.24 ? 135  ALA A CB  1 
ATOM   954  N  N   . ASN A 1 121 ? -12.095 7.275   7.918   1.00 40.76 ? 136  ASN A N   1 
ATOM   955  C  CA  . ASN A 1 121 ? -12.152 8.241   9.025   1.00 43.85 ? 136  ASN A CA  1 
ATOM   956  C  C   . ASN A 1 121 ? -10.919 9.139   9.050   1.00 48.36 ? 136  ASN A C   1 
ATOM   957  O  O   . ASN A 1 121 ? -11.023 10.359  9.245   1.00 49.69 ? 136  ASN A O   1 
ATOM   958  C  CB  . ASN A 1 121 ? -12.268 7.521   10.371  1.00 41.51 ? 136  ASN A CB  1 
ATOM   959  C  CG  . ASN A 1 121 ? -12.420 8.489   11.524  1.00 44.05 ? 136  ASN A CG  1 
ATOM   960  O  OD1 . ASN A 1 121 ? -13.370 9.269   11.554  1.00 43.80 ? 136  ASN A OD1 1 
ATOM   961  N  ND2 . ASN A 1 121 ? -11.482 8.461   12.471  1.00 40.50 ? 136  ASN A ND2 1 
ATOM   962  N  N   . LYS A 1 122 ? -9.758  8.527   8.841   1.00 51.17 ? 137  LYS A N   1 
ATOM   963  C  CA  . LYS A 1 122 ? -8.485  9.235   8.908   1.00 56.11 ? 137  LYS A CA  1 
ATOM   964  C  C   . LYS A 1 122 ? -8.322  10.270  7.801   1.00 56.82 ? 137  LYS A C   1 
ATOM   965  O  O   . LYS A 1 122 ? -7.872  11.380  8.068   1.00 57.21 ? 137  LYS A O   1 
ATOM   966  C  CB  . LYS A 1 122 ? -7.320  8.235   8.872   1.00 60.57 ? 137  LYS A CB  1 
ATOM   967  C  CG  . LYS A 1 122 ? -5.958  8.808   8.487   1.00 64.73 ? 137  LYS A CG  1 
ATOM   968  C  CD  . LYS A 1 122 ? -5.410  9.782   9.519   1.00 66.33 ? 137  LYS A CD  1 
ATOM   969  C  CE  . LYS A 1 122 ? -4.129  10.428  9.016   1.00 69.58 ? 137  LYS A CE  1 
ATOM   970  N  NZ  . LYS A 1 122 ? -3.419  11.187  10.084  1.00 71.74 ? 137  LYS A NZ  1 
ATOM   971  N  N   . ILE A 1 123 ? -8.678  9.917   6.565   1.00 59.30 ? 138  ILE A N   1 
ATOM   972  C  CA  . ILE A 1 123 ? -8.248  10.717  5.408   1.00 60.33 ? 138  ILE A CA  1 
ATOM   973  C  C   . ILE A 1 123 ? -9.243  11.791  4.983   1.00 64.14 ? 138  ILE A C   1 
ATOM   974  O  O   . ILE A 1 123 ? -8.831  12.895  4.619   1.00 68.47 ? 138  ILE A O   1 
ATOM   975  C  CB  . ILE A 1 123 ? -7.846  9.851   4.180   1.00 58.90 ? 138  ILE A CB  1 
ATOM   976  C  CG1 . ILE A 1 123 ? -9.059  9.213   3.495   1.00 57.86 ? 138  ILE A CG1 1 
ATOM   977  C  CG2 . ILE A 1 123 ? -6.828  8.787   4.577   1.00 59.97 ? 138  ILE A CG2 1 
ATOM   978  C  CD1 . ILE A 1 123 ? -8.672  8.352   2.308   1.00 54.17 ? 138  ILE A CD1 1 
ATOM   979  N  N   . LYS A 1 124 ? -10.534 11.464  5.021   1.00 66.43 ? 139  LYS A N   1 
ATOM   980  C  CA  . LYS A 1 124 ? -11.601 12.338  4.514   1.00 70.99 ? 139  LYS A CA  1 
ATOM   981  C  C   . LYS A 1 124 ? -11.165 13.264  3.380   1.00 71.42 ? 139  LYS A C   1 
ATOM   982  O  O   . LYS A 1 124 ? -11.174 14.487  3.521   1.00 74.34 ? 139  LYS A O   1 
ATOM   983  C  CB  . LYS A 1 124 ? -12.207 13.150  5.662   1.00 75.39 ? 139  LYS A CB  1 
ATOM   984  C  CG  . LYS A 1 124 ? -13.018 12.310  6.628   1.00 77.36 ? 139  LYS A CG  1 
ATOM   985  C  CD  . LYS A 1 124 ? -14.284 11.796  5.958   1.00 80.82 ? 139  LYS A CD  1 
ATOM   986  C  CE  . LYS A 1 124 ? -15.110 10.958  6.912   1.00 82.72 ? 139  LYS A CE  1 
ATOM   987  N  NZ  . LYS A 1 124 ? -15.416 11.695  8.166   1.00 83.63 ? 139  LYS A NZ  1 
ATOM   988  N  N   . GLU A 1 126 ? -13.072 12.850  0.973   1.00 58.97 ? 141  GLU A N   1 
ATOM   989  C  CA  . GLU A 1 126 ? -14.133 12.089  0.307   1.00 62.92 ? 141  GLU A CA  1 
ATOM   990  C  C   . GLU A 1 126 ? -13.927 11.894  -1.201  1.00 58.86 ? 141  GLU A C   1 
ATOM   991  O  O   . GLU A 1 126 ? -14.692 11.164  -1.832  1.00 61.01 ? 141  GLU A O   1 
ATOM   992  C  CB  . GLU A 1 126 ? -15.504 12.754  0.523   1.00 68.65 ? 141  GLU A CB  1 
ATOM   993  C  CG  . GLU A 1 126 ? -16.430 12.008  1.476   1.00 71.41 ? 141  GLU A CG  1 
ATOM   994  C  CD  . GLU A 1 126 ? -17.895 12.103  1.076   1.00 75.00 ? 141  GLU A CD  1 
ATOM   995  O  OE1 . GLU A 1 126 ? -18.311 13.152  0.534   1.00 77.39 ? 141  GLU A OE1 1 
ATOM   996  O  OE2 . GLU A 1 126 ? -18.637 11.123  1.313   1.00 77.53 ? 141  GLU A OE2 1 
ATOM   997  N  N   . LYS A 1 127 ? -12.933 12.553  -1.790  1.00 52.66 ? 142  LYS A N   1 
ATOM   998  C  CA  . LYS A 1 127 ? -12.654 12.355  -3.213  1.00 47.96 ? 142  LYS A CA  1 
ATOM   999  C  C   . LYS A 1 127 ? -11.636 11.221  -3.416  1.00 41.71 ? 142  LYS A C   1 
ATOM   1000 O  O   . LYS A 1 127 ? -11.637 10.575  -4.462  1.00 43.59 ? 142  LYS A O   1 
ATOM   1001 C  CB  . LYS A 1 127 ? -12.184 13.657  -3.871  1.00 50.84 ? 142  LYS A CB  1 
ATOM   1002 C  CG  . LYS A 1 127 ? -13.268 14.731  -3.978  1.00 51.32 ? 142  LYS A CG  1 
ATOM   1003 C  CD  . LYS A 1 127 ? -14.406 14.323  -4.909  1.00 51.42 ? 142  LYS A CD  1 
ATOM   1004 C  CE  . LYS A 1 127 ? -15.425 15.445  -5.072  1.00 54.02 ? 142  LYS A CE  1 
ATOM   1005 N  NZ  . LYS A 1 127 ? -16.674 15.007  -5.763  1.00 55.47 ? 142  LYS A NZ  1 
ATOM   1006 N  N   . THR A 1 128 ? -10.802 10.974  -2.410  1.00 37.94 ? 143  THR A N   1 
ATOM   1007 C  CA  . THR A 1 128 ? -9.818  9.887   -2.458  1.00 36.61 ? 143  THR A CA  1 
ATOM   1008 C  C   . THR A 1 128 ? -10.509 8.535   -2.306  1.00 35.24 ? 143  THR A C   1 
ATOM   1009 O  O   . THR A 1 128 ? -11.127 8.249   -1.276  1.00 35.71 ? 143  THR A O   1 
ATOM   1010 C  CB  . THR A 1 128 ? -8.720  10.034  -1.381  1.00 36.27 ? 143  THR A CB  1 
ATOM   1011 O  OG1 . THR A 1 128 ? -8.001  11.254  -1.589  1.00 37.42 ? 143  THR A OG1 1 
ATOM   1012 C  CG2 . THR A 1 128 ? -7.706  8.860   -1.456  1.00 36.02 ? 143  THR A CG2 1 
ATOM   1013 N  N   . HIS A 1 129 ? -10.402 7.731   -3.363  1.00 32.82 ? 144  HIS A N   1 
ATOM   1014 C  CA  . HIS A 1 129 ? -10.902 6.382   -3.403  1.00 31.03 ? 144  HIS A CA  1 
ATOM   1015 C  C   . HIS A 1 129 ? -10.070 5.470   -2.555  1.00 29.72 ? 144  HIS A C   1 
ATOM   1016 O  O   . HIS A 1 129 ? -8.855  5.440   -2.696  1.00 28.84 ? 144  HIS A O   1 
ATOM   1017 C  CB  . HIS A 1 129 ? -10.903 5.882   -4.834  1.00 30.98 ? 144  HIS A CB  1 
ATOM   1018 C  CG  . HIS A 1 129 ? -11.957 4.865   -5.116  1.00 32.27 ? 144  HIS A CG  1 
ATOM   1019 N  ND1 . HIS A 1 129 ? -13.249 5.209   -5.343  1.00 31.86 ? 144  HIS A ND1 1 
ATOM   1020 C  CD2 . HIS A 1 129 ? -11.890 3.473   -5.221  1.00 30.00 ? 144  HIS A CD2 1 
ATOM   1021 C  CE1 . HIS A 1 129 ? -13.967 4.091   -5.570  1.00 32.36 ? 144  HIS A CE1 1 
ATOM   1022 N  NE2 . HIS A 1 129 ? -13.132 3.031   -5.496  1.00 32.49 ? 144  HIS A NE2 1 
ATOM   1023 N  N   . ILE A 1 130 ? -10.722 4.697   -1.687  1.00 28.64 ? 145  ILE A N   1 
ATOM   1024 C  CA  . ILE A 1 130 ? -10.017 3.765   -0.794  1.00 29.19 ? 145  ILE A CA  1 
ATOM   1025 C  C   . ILE A 1 130 ? -10.169 2.340   -1.269  1.00 28.83 ? 145  ILE A C   1 
ATOM   1026 O  O   . ILE A 1 130 ? -11.256 1.923   -1.640  1.00 29.51 ? 145  ILE A O   1 
ATOM   1027 C  CB  . ILE A 1 130 ? -10.528 3.862   0.654   1.00 29.86 ? 145  ILE A CB  1 
ATOM   1028 C  CG1 . ILE A 1 130 ? -10.265 5.251   1.207   1.00 30.11 ? 145  ILE A CG1 1 
ATOM   1029 C  CG2 . ILE A 1 130 ? -9.824  2.834   1.567   1.00 29.71 ? 145  ILE A CG2 1 
ATOM   1030 C  CD1 . ILE A 1 130 ? -11.201 5.613   2.341   1.00 30.88 ? 145  ILE A CD1 1 
ATOM   1031 N  N   . HIS A 1 131 ? -9.069  1.594   -1.260  1.00 27.59 ? 146  HIS A N   1 
ATOM   1032 C  CA  . HIS A 1 131 ? -9.097  0.176   -1.598  1.00 26.07 ? 146  HIS A CA  1 
ATOM   1033 C  C   . HIS A 1 131 ? -8.271  -0.571  -0.581  1.00 26.31 ? 146  HIS A C   1 
ATOM   1034 O  O   . HIS A 1 131 ? -7.072  -0.324  -0.442  1.00 27.16 ? 146  HIS A O   1 
ATOM   1035 C  CB  . HIS A 1 131 ? -8.589  -0.042  -3.019  1.00 25.44 ? 146  HIS A CB  1 
ATOM   1036 C  CG  . HIS A 1 131 ? -8.970  -1.379  -3.613  1.00 25.68 ? 146  HIS A CG  1 
ATOM   1037 N  ND1 . HIS A 1 131 ? -9.098  -1.571  -4.941  1.00 26.49 ? 146  HIS A ND1 1 
ATOM   1038 C  CD2 . HIS A 1 131 ? -9.219  -2.613  -3.011  1.00 25.03 ? 146  HIS A CD2 1 
ATOM   1039 C  CE1 . HIS A 1 131 ? -9.415  -2.845  -5.174  1.00 26.56 ? 146  HIS A CE1 1 
ATOM   1040 N  NE2 . HIS A 1 131 ? -9.486  -3.484  -3.986  1.00 26.79 ? 146  HIS A NE2 1 
ATOM   1041 N  N   . ILE A 1 132 ? -8.923  -1.489  0.138   1.00 26.53 ? 147  ILE A N   1 
ATOM   1042 C  CA  . ILE A 1 132 ? -8.316  -2.254  1.217   1.00 26.58 ? 147  ILE A CA  1 
ATOM   1043 C  C   . ILE A 1 132 ? -8.183  -3.718  0.813   1.00 25.66 ? 147  ILE A C   1 
ATOM   1044 O  O   . ILE A 1 132 ? -9.107  -4.310  0.239   1.00 27.20 ? 147  ILE A O   1 
ATOM   1045 C  CB  . ILE A 1 132 ? -9.158  -2.206  2.525   1.00 28.43 ? 147  ILE A CB  1 
ATOM   1046 C  CG1 . ILE A 1 132 ? -9.462  -0.764  2.961   1.00 26.34 ? 147  ILE A CG1 1 
ATOM   1047 C  CG2 . ILE A 1 132 ? -8.453  -2.980  3.635   1.00 26.51 ? 147  ILE A CG2 1 
ATOM   1048 C  CD1 . ILE A 1 132 ? -8.264  0.131   3.219   1.00 27.60 ? 147  ILE A CD1 1 
ATOM   1049 N  N   . PHE A 1 133 ? -7.009  -4.288  1.085   1.00 25.11 ? 148  PHE A N   1 
ATOM   1050 C  CA  . PHE A 1 133 ? -6.741  -5.692  0.870   1.00 25.79 ? 148  PHE A CA  1 
ATOM   1051 C  C   . PHE A 1 133 ? -6.336  -6.324  2.193   1.00 25.98 ? 148  PHE A C   1 
ATOM   1052 O  O   . PHE A 1 133 ? -5.620  -5.692  2.985   1.00 25.90 ? 148  PHE A O   1 
ATOM   1053 C  CB  . PHE A 1 133 ? -5.567  -5.881  -0.105  1.00 24.37 ? 148  PHE A CB  1 
ATOM   1054 C  CG  . PHE A 1 133 ? -5.839  -5.427  -1.498  1.00 25.25 ? 148  PHE A CG  1 
ATOM   1055 C  CD1 . PHE A 1 133 ? -6.453  -6.267  -2.412  1.00 25.59 ? 148  PHE A CD1 1 
ATOM   1056 C  CD2 . PHE A 1 133 ? -5.449  -4.157  -1.915  1.00 25.36 ? 148  PHE A CD2 1 
ATOM   1057 C  CE1 . PHE A 1 133 ? -6.698  -5.853  -3.711  1.00 26.57 ? 148  PHE A CE1 1 
ATOM   1058 C  CE2 . PHE A 1 133 ? -5.678  -3.749  -3.213  1.00 25.32 ? 148  PHE A CE2 1 
ATOM   1059 C  CZ  . PHE A 1 133 ? -6.310  -4.593  -4.112  1.00 25.71 ? 148  PHE A CZ  1 
ATOM   1060 N  N   . SER A 1 134 ? -6.761  -7.567  2.406   1.00 26.43 ? 149  SER A N   1 
ATOM   1061 C  CA  . SER A 1 134 ? -6.308  -8.350  3.533   1.00 26.87 ? 149  SER A CA  1 
ATOM   1062 C  C   . SER A 1 134 ? -5.308  -9.400  3.065   1.00 28.26 ? 149  SER A C   1 
ATOM   1063 O  O   . SER A 1 134 ? -5.045  -9.527  1.875   1.00 28.05 ? 149  SER A O   1 
ATOM   1064 C  CB  . SER A 1 134 ? -7.488  -9.035  4.236   1.00 27.71 ? 149  SER A CB  1 
ATOM   1065 O  OG  . SER A 1 134 ? -8.026  -10.084 3.450   1.00 29.27 ? 149  SER A OG  1 
ATOM   1066 N  N   . PHE A 1 135 ? -4.755  -10.143 4.017   1.00 27.83 ? 150  PHE A N   1 
ATOM   1067 C  CA  . PHE A 1 135 ? -3.954  -11.319 3.712   1.00 29.10 ? 150  PHE A CA  1 
ATOM   1068 C  C   . PHE A 1 135 ? -4.840  -12.571 3.625   1.00 30.20 ? 150  PHE A C   1 
ATOM   1069 O  O   . PHE A 1 135 ? -4.336  -13.681 3.642   1.00 31.60 ? 150  PHE A O   1 
ATOM   1070 C  CB  . PHE A 1 135 ? -2.880  -11.504 4.781   1.00 29.72 ? 150  PHE A CB  1 
ATOM   1071 C  CG  . PHE A 1 135 ? -1.852  -10.407 4.807   1.00 28.61 ? 150  PHE A CG  1 
ATOM   1072 C  CD1 . PHE A 1 135 ? -2.109  -9.215  5.470   1.00 29.03 ? 150  PHE A CD1 1 
ATOM   1073 C  CD2 . PHE A 1 135 ? -0.636  -10.561 4.160   1.00 26.74 ? 150  PHE A CD2 1 
ATOM   1074 C  CE1 . PHE A 1 135 ? -1.165  -8.206  5.506   1.00 29.31 ? 150  PHE A CE1 1 
ATOM   1075 C  CE2 . PHE A 1 135 ? 0.311   -9.569  4.195   1.00 27.32 ? 150  PHE A CE2 1 
ATOM   1076 C  CZ  . PHE A 1 135 ? 0.050   -8.382  4.860   1.00 28.46 ? 150  PHE A CZ  1 
ATOM   1077 N  N   . THR A 1 136 ? -6.161  -12.375 3.561   1.00 32.22 ? 151  THR A N   1 
ATOM   1078 C  CA  . THR A 1 136 ? -7.136  -13.452 3.513   1.00 33.35 ? 151  THR A CA  1 
ATOM   1079 C  C   . THR A 1 136 ? -7.896  -13.463 2.174   1.00 32.95 ? 151  THR A C   1 
ATOM   1080 O  O   . THR A 1 136 ? -8.844  -14.225 2.016   1.00 32.24 ? 151  THR A O   1 
ATOM   1081 C  CB  . THR A 1 136 ? -8.169  -13.303 4.653   1.00 34.33 ? 151  THR A CB  1 
ATOM   1082 O  OG1 . THR A 1 136 ? -8.988  -12.135 4.417   1.00 37.27 ? 151  THR A OG1 1 
ATOM   1083 C  CG2 . THR A 1 136 ? -7.469  -13.193 5.989   1.00 34.23 ? 151  THR A CG2 1 
ATOM   1084 N  N   . GLY A 1 137 ? -7.511  -12.596 1.235   1.00 30.27 ? 152  GLY A N   1 
ATOM   1085 C  CA  . GLY A 1 137 ? -8.177  -12.543 -0.057  1.00 31.90 ? 152  GLY A CA  1 
ATOM   1086 C  C   . GLY A 1 137 ? -9.427  -11.707 -0.014  1.00 32.50 ? 152  GLY A C   1 
ATOM   1087 O  O   . GLY A 1 137 ? -10.248 -11.760 -0.936  1.00 30.47 ? 152  GLY A O   1 
ATOM   1088 N  N   . GLU A 1 138 ? -9.585  -10.943 1.062   1.00 30.59 ? 153  GLU A N   1 
ATOM   1089 C  CA  . GLU A 1 138 ? -10.696 -10.018 1.150   1.00 34.08 ? 153  GLU A CA  1 
ATOM   1090 C  C   . GLU A 1 138 ? -10.292 -8.631  0.659   1.00 31.94 ? 153  GLU A C   1 
ATOM   1091 O  O   . GLU A 1 138 ? -9.130  -8.240  0.731   1.00 29.48 ? 153  GLU A O   1 
ATOM   1092 C  CB  . GLU A 1 138 ? -11.227 -9.971  2.575   1.00 35.72 ? 153  GLU A CB  1 
ATOM   1093 C  CG  . GLU A 1 138 ? -11.902 -11.268 2.968   1.00 41.52 ? 153  GLU A CG  1 
ATOM   1094 C  CD  . GLU A 1 138 ? -13.187 -11.485 2.186   1.00 48.73 ? 153  GLU A CD  1 
ATOM   1095 O  OE1 . GLU A 1 138 ? -14.176 -10.762 2.456   1.00 56.81 ? 153  GLU A OE1 1 
ATOM   1096 O  OE2 . GLU A 1 138 ? -13.208 -12.356 1.289   1.00 54.02 ? 153  GLU A OE2 1 
ATOM   1097 N  N   . GLU A 1 139 ? -11.270 -7.893  0.165   1.00 31.27 ? 154  GLU A N   1 
ATOM   1098 C  CA  . GLU A 1 139 ? -11.056 -6.509  -0.181  1.00 32.19 ? 154  GLU A CA  1 
ATOM   1099 C  C   . GLU A 1 139 ? -12.319 -5.727  0.110   1.00 31.36 ? 154  GLU A C   1 
ATOM   1100 O  O   . GLU A 1 139 ? -13.422 -6.284  0.127   1.00 33.78 ? 154  GLU A O   1 
ATOM   1101 C  CB  . GLU A 1 139 ? -10.635 -6.369  -1.657  1.00 31.72 ? 154  GLU A CB  1 
ATOM   1102 C  CG  . GLU A 1 139 ? -11.608 -6.989  -2.642  1.00 31.79 ? 154  GLU A CG  1 
ATOM   1103 C  CD  . GLU A 1 139 ? -11.144 -6.941  -4.090  1.00 32.95 ? 154  GLU A CD  1 
ATOM   1104 O  OE1 . GLU A 1 139 ? -10.255 -6.114  -4.452  1.00 31.87 ? 154  GLU A OE1 1 
ATOM   1105 O  OE2 . GLU A 1 139 ? -11.689 -7.743  -4.887  1.00 32.53 ? 154  GLU A OE2 1 
ATOM   1106 N  N   . MET A 1 140 ? -12.140 -4.442  0.345   1.00 30.96 ? 155  MET A N   1 
ATOM   1107 C  CA  . MET A 1 140 ? -13.235 -3.493  0.444   1.00 32.38 ? 155  MET A CA  1 
ATOM   1108 C  C   . MET A 1 140 ? -12.770 -2.188  -0.183  1.00 31.73 ? 155  MET A C   1 
ATOM   1109 O  O   . MET A 1 140 ? -11.648 -1.748  0.052   1.00 31.11 ? 155  MET A O   1 
ATOM   1110 C  CB  . MET A 1 140 ? -13.642 -3.269  1.896   1.00 30.66 ? 155  MET A CB  1 
ATOM   1111 C  CG  . MET A 1 140 ? -14.819 -2.316  2.071   1.00 34.32 ? 155  MET A CG  1 
ATOM   1112 S  SD  . MET A 1 140 ? -15.370 -2.231  3.780   1.00 38.05 ? 155  MET A SD  1 
ATOM   1113 C  CE  . MET A 1 140 ? -16.431 -3.680  3.804   1.00 40.27 ? 155  MET A CE  1 
ATOM   1114 N  N   . ALA A 1 141 ? -13.644 -1.584  -0.982  1.00 33.38 ? 156  ALA A N   1 
ATOM   1115 C  CA  . ALA A 1 141 ? -13.313 -0.365  -1.708  1.00 32.85 ? 156  ALA A CA  1 
ATOM   1116 C  C   . ALA A 1 141 ? -14.481 0.601   -1.654  1.00 34.93 ? 156  ALA A C   1 
ATOM   1117 O  O   . ALA A 1 141 ? -15.640 0.179   -1.565  1.00 33.62 ? 156  ALA A O   1 
ATOM   1118 C  CB  . ALA A 1 141 ? -12.953 -0.708  -3.150  1.00 33.42 ? 156  ALA A CB  1 
ATOM   1119 N  N   . THR A 1 142 ? -14.175 1.894   -1.694  1.00 33.20 ? 157  THR A N   1 
ATOM   1120 C  CA  . THR A 1 142 ? -15.208 2.922   -1.768  1.00 34.11 ? 157  THR A CA  1 
ATOM   1121 C  C   . THR A 1 142 ? -16.257 2.540   -2.799  1.00 34.86 ? 157  THR A C   1 
ATOM   1122 O  O   . THR A 1 142 ? -15.916 2.202   -3.924  1.00 35.07 ? 157  THR A O   1 
ATOM   1123 C  CB  . THR A 1 142 ? -14.607 4.269   -2.158  1.00 32.20 ? 157  THR A CB  1 
ATOM   1124 O  OG1 . THR A 1 142 ? -13.534 4.574   -1.272  1.00 31.75 ? 157  THR A OG1 1 
ATOM   1125 C  CG2 . THR A 1 142 ? -15.690 5.399   -2.127  1.00 34.57 ? 157  THR A CG2 1 
ATOM   1126 N  N   . LYS A 1 143 ? -17.531 2.590   -2.396  1.00 37.19 ? 158  LYS A N   1 
ATOM   1127 C  CA  . LYS A 1 143 ? -18.679 2.335   -3.279  1.00 40.69 ? 158  LYS A CA  1 
ATOM   1128 C  C   . LYS A 1 143 ? -18.650 0.934   -3.866  1.00 37.77 ? 158  LYS A C   1 
ATOM   1129 O  O   . LYS A 1 143 ? -19.273 0.663   -4.887  1.00 39.26 ? 158  LYS A O   1 
ATOM   1130 C  CB  . LYS A 1 143 ? -18.775 3.399   -4.388  1.00 42.78 ? 158  LYS A CB  1 
ATOM   1131 C  CG  . LYS A 1 143 ? -19.219 4.752   -3.871  1.00 47.41 ? 158  LYS A CG  1 
ATOM   1132 C  CD  . LYS A 1 143 ? -19.073 5.840   -4.919  1.00 51.08 ? 158  LYS A CD  1 
ATOM   1133 C  CE  . LYS A 1 143 ? -19.096 7.227   -4.290  1.00 52.63 ? 158  LYS A CE  1 
ATOM   1134 N  NZ  . LYS A 1 143 ? -18.870 8.294   -5.307  1.00 55.41 ? 158  LYS A NZ  1 
ATOM   1135 N  N   . ALA A 1 144 ? -17.923 0.033   -3.207  1.00 38.67 ? 159  ALA A N   1 
ATOM   1136 C  CA  . ALA A 1 144 ? -17.638 -1.282  -3.766  1.00 37.03 ? 159  ALA A CA  1 
ATOM   1137 C  C   . ALA A 1 144 ? -17.173 -1.194  -5.222  1.00 35.96 ? 159  ALA A C   1 
ATOM   1138 O  O   . ALA A 1 144 ? -17.489 -2.047  -6.043  1.00 38.34 ? 159  ALA A O   1 
ATOM   1139 C  CB  . ALA A 1 144 ? -18.856 -2.196  -3.631  1.00 37.62 ? 159  ALA A CB  1 
ATOM   1140 N  N   . ASP A 1 145 ? -16.410 -0.149  -5.530  1.00 35.99 ? 160  ASP A N   1 
ATOM   1141 C  CA  . ASP A 1 145 ? -15.810 0.017   -6.833  1.00 33.99 ? 160  ASP A CA  1 
ATOM   1142 C  C   . ASP A 1 145 ? -14.362 -0.415  -6.669  1.00 32.38 ? 160  ASP A C   1 
ATOM   1143 O  O   . ASP A 1 145 ? -13.571 0.311   -6.083  1.00 31.73 ? 160  ASP A O   1 
ATOM   1144 C  CB  . ASP A 1 145 ? -15.904 1.481   -7.259  1.00 34.65 ? 160  ASP A CB  1 
ATOM   1145 C  CG  . ASP A 1 145 ? -15.255 1.752   -8.596  1.00 34.94 ? 160  ASP A CG  1 
ATOM   1146 O  OD1 . ASP A 1 145 ? -14.595 0.862   -9.178  1.00 37.71 ? 160  ASP A OD1 1 
ATOM   1147 O  OD2 . ASP A 1 145 ? -15.398 2.886   -9.081  1.00 37.25 ? 160  ASP A OD2 1 
ATOM   1148 N  N   . TYR A 1 146 ? -14.044 -1.613  -7.147  1.00 33.48 ? 161  TYR A N   1 
ATOM   1149 C  CA  . TYR A 1 146 ? -12.715 -2.206  -6.960  1.00 32.09 ? 161  TYR A CA  1 
ATOM   1150 C  C   . TYR A 1 146 ? -11.688 -1.788  -8.034  1.00 31.28 ? 161  TYR A C   1 
ATOM   1151 O  O   . TYR A 1 146 ? -10.555 -2.272  -8.031  1.00 27.66 ? 161  TYR A O   1 
ATOM   1152 C  CB  . TYR A 1 146 ? -12.837 -3.726  -6.879  1.00 33.95 ? 161  TYR A CB  1 
ATOM   1153 C  CG  . TYR A 1 146 ? -13.707 -4.174  -5.723  1.00 34.33 ? 161  TYR A CG  1 
ATOM   1154 C  CD1 . TYR A 1 146 ? -13.281 -4.027  -4.410  1.00 34.00 ? 161  TYR A CD1 1 
ATOM   1155 C  CD2 . TYR A 1 146 ? -14.964 -4.731  -5.950  1.00 37.29 ? 161  TYR A CD2 1 
ATOM   1156 C  CE1 . TYR A 1 146 ? -14.075 -4.438  -3.347  1.00 35.17 ? 161  TYR A CE1 1 
ATOM   1157 C  CE2 . TYR A 1 146 ? -15.768 -5.143  -4.899  1.00 36.06 ? 161  TYR A CE2 1 
ATOM   1158 C  CZ  . TYR A 1 146 ? -15.327 -4.993  -3.604  1.00 38.12 ? 161  TYR A CZ  1 
ATOM   1159 O  OH  . TYR A 1 146 ? -16.144 -5.412  -2.573  1.00 40.05 ? 161  TYR A OH  1 
ATOM   1160 N  N   . THR A 1 147 ? -12.086 -0.883  -8.934  1.00 32.44 ? 162  THR A N   1 
ATOM   1161 C  CA  . THR A 1 147 ? -11.178 -0.221  -9.889  1.00 30.61 ? 162  THR A CA  1 
ATOM   1162 C  C   . THR A 1 147 ? -10.555 -1.167  -10.910 1.00 31.36 ? 162  THR A C   1 
ATOM   1163 O  O   . THR A 1 147 ? -10.750 -0.987  -12.109 1.00 32.87 ? 162  THR A O   1 
ATOM   1164 C  CB  . THR A 1 147 ? -10.043 0.575   -9.180  1.00 29.21 ? 162  THR A CB  1 
ATOM   1165 O  OG1 . THR A 1 147 ? -10.601 1.616   -8.374  1.00 28.08 ? 162  THR A OG1 1 
ATOM   1166 C  CG2 . THR A 1 147 ? -9.095  1.193   -10.185 1.00 27.97 ? 162  THR A CG2 1 
ATOM   1167 N  N   . LEU A 1 148 ? -9.788  -2.160  -10.446 1.00 30.48 ? 163  LEU A N   1 
ATOM   1168 C  CA  . LEU A 1 148 ? -9.099  -3.102  -11.322 1.00 29.47 ? 163  LEU A CA  1 
ATOM   1169 C  C   . LEU A 1 148 ? -10.017 -4.252  -11.745 1.00 30.35 ? 163  LEU A C   1 
ATOM   1170 O  O   . LEU A 1 148 ? -11.047 -4.497  -11.134 1.00 31.66 ? 163  LEU A O   1 
ATOM   1171 C  CB  . LEU A 1 148 ? -7.869  -3.688  -10.619 1.00 30.97 ? 163  LEU A CB  1 
ATOM   1172 C  CG  . LEU A 1 148 ? -6.807  -2.685  -10.179 1.00 31.78 ? 163  LEU A CG  1 
ATOM   1173 C  CD1 . LEU A 1 148 ? -5.796  -3.340  -9.250  1.00 31.49 ? 163  LEU A CD1 1 
ATOM   1174 C  CD2 . LEU A 1 148 ? -6.112  -2.117  -11.413 1.00 30.44 ? 163  LEU A CD2 1 
ATOM   1175 N  N   . ASP A 1 149 ? -9.614  -4.964  -12.783 1.00 31.69 ? 164  ASP A N   1 
ATOM   1176 C  CA  . ASP A 1 149 ? -10.322 -6.188  -13.189 1.00 34.35 ? 164  ASP A CA  1 
ATOM   1177 C  C   . ASP A 1 149 ? -10.025 -7.310  -12.187 1.00 34.91 ? 164  ASP A C   1 
ATOM   1178 O  O   . ASP A 1 149 ? -9.158  -7.174  -11.304 1.00 31.54 ? 164  ASP A O   1 
ATOM   1179 C  CB  . ASP A 1 149 ? -9.991  -6.601  -14.637 1.00 35.89 ? 164  ASP A CB  1 
ATOM   1180 C  CG  . ASP A 1 149 ? -8.530  -7.028  -14.836 1.00 40.95 ? 164  ASP A CG  1 
ATOM   1181 O  OD1 . ASP A 1 149 ? -7.784  -7.218  -13.844 1.00 42.91 ? 164  ASP A OD1 1 
ATOM   1182 O  OD2 . ASP A 1 149 ? -8.122  -7.179  -16.015 1.00 41.89 ? 164  ASP A OD2 1 
ATOM   1183 N  N   . GLU A 1 150 ? -10.759 -8.408  -12.324 1.00 35.70 ? 165  GLU A N   1 
ATOM   1184 C  CA  . GLU A 1 150 ? -10.701 -9.518  -11.366 1.00 37.88 ? 165  GLU A CA  1 
ATOM   1185 C  C   . GLU A 1 150 ? -9.311  -10.137 -11.298 1.00 35.25 ? 165  GLU A C   1 
ATOM   1186 O  O   . GLU A 1 150 ? -8.827  -10.443 -10.206 1.00 33.26 ? 165  GLU A O   1 
ATOM   1187 C  CB  . GLU A 1 150 ? -11.730 -10.595 -11.724 1.00 39.57 ? 165  GLU A CB  1 
ATOM   1188 C  CG  . GLU A 1 150 ? -13.175 -10.133 -11.579 1.00 41.37 ? 165  GLU A CG  1 
ATOM   1189 C  CD  . GLU A 1 150 ? -13.645 -10.064 -10.140 1.00 46.04 ? 165  GLU A CD  1 
ATOM   1190 O  OE1 . GLU A 1 150 ? -12.977 -10.622 -9.232  1.00 48.72 ? 165  GLU A OE1 1 
ATOM   1191 O  OE2 . GLU A 1 150 ? -14.706 -9.451  -9.904  1.00 49.82 ? 165  GLU A OE2 1 
ATOM   1192 N  N   . GLU A 1 151 ? -8.678  -10.307 -12.457 1.00 32.91 ? 166  GLU A N   1 
ATOM   1193 C  CA  . GLU A 1 151 ? -7.363  -10.926 -12.513 1.00 35.54 ? 166  GLU A CA  1 
ATOM   1194 C  C   . GLU A 1 151 ? -6.295  -10.105 -11.800 1.00 33.17 ? 166  GLU A C   1 
ATOM   1195 O  O   . GLU A 1 151 ? -5.398  -10.667 -11.171 1.00 29.27 ? 166  GLU A O   1 
ATOM   1196 C  CB  . GLU A 1 151 ? -6.917  -11.210 -13.942 1.00 37.75 ? 166  GLU A CB  1 
ATOM   1197 C  CG  . GLU A 1 151 ? -5.497  -11.755 -13.998 1.00 41.93 ? 166  GLU A CG  1 
ATOM   1198 C  CD  . GLU A 1 151 ? -5.130  -12.415 -15.305 1.00 47.31 ? 166  GLU A CD  1 
ATOM   1199 O  OE1 . GLU A 1 151 ? -6.016  -12.624 -16.160 1.00 53.56 ? 166  GLU A OE1 1 
ATOM   1200 O  OE2 . GLU A 1 151 ? -3.935  -12.736 -15.469 1.00 52.74 ? 166  GLU A OE2 1 
ATOM   1201 N  N   . SER A 1 152 ? -6.394  -8.783  -11.886 1.00 31.72 ? 167  SER A N   1 
ATOM   1202 C  CA  . SER A 1 152 ? -5.390  -7.937  -11.263 1.00 32.45 ? 167  SER A CA  1 
ATOM   1203 C  C   . SER A 1 152 ? -5.523  -8.033  -9.758  1.00 31.28 ? 167  SER A C   1 
ATOM   1204 O  O   . SER A 1 152 ? -4.521  -8.144  -9.045  1.00 29.61 ? 167  SER A O   1 
ATOM   1205 C  CB  . SER A 1 152 ? -5.514  -6.497  -11.744 1.00 33.04 ? 167  SER A CB  1 
ATOM   1206 O  OG  . SER A 1 152 ? -5.075  -6.404  -13.083 1.00 33.03 ? 167  SER A OG  1 
ATOM   1207 N  N   . ARG A 1 153 ? -6.764  -8.019  -9.281  1.00 29.33 ? 168  ARG A N   1 
ATOM   1208 C  CA  . ARG A 1 153 ? -7.006  -8.089  -7.856  1.00 30.47 ? 168  ARG A CA  1 
ATOM   1209 C  C   . ARG A 1 153 ? -6.627  -9.471  -7.324  1.00 30.02 ? 168  ARG A C   1 
ATOM   1210 O  O   . ARG A 1 153 ? -6.048  -9.574  -6.246  1.00 28.69 ? 168  ARG A O   1 
ATOM   1211 C  CB  . ARG A 1 153 ? -8.449  -7.767  -7.553  1.00 31.20 ? 168  ARG A CB  1 
ATOM   1212 C  CG  . ARG A 1 153 ? -8.736  -6.277  -7.599  1.00 34.01 ? 168  ARG A CG  1 
ATOM   1213 C  CD  . ARG A 1 153 ? -10.203 -6.068  -7.326  1.00 39.02 ? 168  ARG A CD  1 
ATOM   1214 N  NE  . ARG A 1 153 ? -10.971 -6.256  -8.520  1.00 42.47 ? 168  ARG A NE  1 
ATOM   1215 C  CZ  . ARG A 1 153 ? -12.201 -6.759  -8.601  1.00 41.27 ? 168  ARG A CZ  1 
ATOM   1216 N  NH1 . ARG A 1 153 ? -12.875 -7.192  -7.543  1.00 42.34 ? 168  ARG A NH1 1 
ATOM   1217 N  NH2 . ARG A 1 153 ? -12.748 -6.838  -9.800  1.00 41.24 ? 168  ARG A NH2 1 
ATOM   1218 N  N   . ALA A 1 154 ? -6.947  -10.505 -8.094  1.00 29.61 ? 169  ALA A N   1 
ATOM   1219 C  CA  . ALA A 1 154 ? -6.548  -11.886 -7.752  1.00 30.34 ? 169  ALA A CA  1 
ATOM   1220 C  C   . ALA A 1 154 ? -5.029  -12.042 -7.593  1.00 29.44 ? 169  ALA A C   1 
ATOM   1221 O  O   . ALA A 1 154 ? -4.568  -12.712 -6.669  1.00 28.92 ? 169  ALA A O   1 
ATOM   1222 C  CB  . ALA A 1 154 ? -7.080  -12.864 -8.788  1.00 29.22 ? 169  ALA A CB  1 
ATOM   1223 N  N   . ARG A 1 155 ? -4.246  -11.428 -8.478  1.00 30.62 ? 170  ARG A N   1 
ATOM   1224 C  CA  . ARG A 1 155 ? -2.788  -11.498 -8.380  1.00 31.79 ? 170  ARG A CA  1 
ATOM   1225 C  C   . ARG A 1 155 ? -2.280  -10.781 -7.132  1.00 29.62 ? 170  ARG A C   1 
ATOM   1226 O  O   . ARG A 1 155 ? -1.338  -11.236 -6.489  1.00 26.67 ? 170  ARG A O   1 
ATOM   1227 C  CB  . ARG A 1 155 ? -2.099  -10.910 -9.606  1.00 36.31 ? 170  ARG A CB  1 
ATOM   1228 C  CG  . ARG A 1 155 ? -2.301  -11.710 -10.891 1.00 43.44 ? 170  ARG A CG  1 
ATOM   1229 C  CD  . ARG A 1 155 ? -1.269  -11.314 -11.946 1.00 48.25 ? 170  ARG A CD  1 
ATOM   1230 N  NE  . ARG A 1 155 ? -1.367  -12.121 -13.167 1.00 57.08 ? 170  ARG A NE  1 
ATOM   1231 C  CZ  . ARG A 1 155 ? -0.537  -12.030 -14.209 1.00 61.25 ? 170  ARG A CZ  1 
ATOM   1232 N  NH1 . ARG A 1 155 ? 0.479   -11.163 -14.202 1.00 60.83 ? 170  ARG A NH1 1 
ATOM   1233 N  NH2 . ARG A 1 155 ? -0.721  -12.811 -15.272 1.00 62.49 ? 170  ARG A NH2 1 
ATOM   1234 N  N   . ILE A 1 156 ? -2.887  -9.647  -6.804  1.00 25.87 ? 171  ILE A N   1 
ATOM   1235 C  CA  . ILE A 1 156 ? -2.524  -8.935  -5.571  1.00 25.60 ? 171  ILE A CA  1 
ATOM   1236 C  C   . ILE A 1 156 ? -2.872  -9.801  -4.344  1.00 25.26 ? 171  ILE A C   1 
ATOM   1237 O  O   . ILE A 1 156 ? -2.052  -9.988  -3.433  1.00 22.91 ? 171  ILE A O   1 
ATOM   1238 C  CB  . ILE A 1 156 ? -3.231  -7.569  -5.495  1.00 25.00 ? 171  ILE A CB  1 
ATOM   1239 C  CG1 . ILE A 1 156 ? -2.640  -6.627  -6.538  1.00 26.91 ? 171  ILE A CG1 1 
ATOM   1240 C  CG2 . ILE A 1 156 ? -3.126  -6.963  -4.093  1.00 25.25 ? 171  ILE A CG2 1 
ATOM   1241 C  CD1 . ILE A 1 156 ? -3.532  -5.447  -6.886  1.00 27.69 ? 171  ILE A CD1 1 
ATOM   1242 N  N   . LYS A 1 157 ? -4.076  -10.354 -4.349  1.00 24.61 ? 172  LYS A N   1 
ATOM   1243 C  CA  . LYS A 1 157 ? -4.539  -11.192 -3.256  1.00 25.08 ? 172  LYS A CA  1 
ATOM   1244 C  C   . LYS A 1 157 ? -3.616  -12.397 -3.076  1.00 25.34 ? 172  LYS A C   1 
ATOM   1245 O  O   . LYS A 1 157 ? -3.296  -12.772 -1.935  1.00 23.76 ? 172  LYS A O   1 
ATOM   1246 C  CB  . LYS A 1 157 ? -5.980  -11.647 -3.495  1.00 24.68 ? 172  LYS A CB  1 
ATOM   1247 C  CG  . LYS A 1 157 ? -7.003  -10.541 -3.334  1.00 26.28 ? 172  LYS A CG  1 
ATOM   1248 C  CD  . LYS A 1 157 ? -8.349  -10.960 -3.924  1.00 26.83 ? 172  LYS A CD  1 
ATOM   1249 C  CE  . LYS A 1 157 ? -9.430  -9.926  -3.680  1.00 28.63 ? 172  LYS A CE  1 
ATOM   1250 N  NZ  . LYS A 1 157 ? -10.702 -10.263 -4.399  1.00 29.49 ? 172  LYS A NZ  1 
ATOM   1251 N  N   . THR A 1 158 ? -3.181  -12.982 -4.195  1.00 23.38 ? 173  THR A N   1 
ATOM   1252 C  CA  . THR A 1 158 ? -2.300  -14.152 -4.161  1.00 24.84 ? 173  THR A CA  1 
ATOM   1253 C  C   . THR A 1 158 ? -0.944  -13.803 -3.566  1.00 24.85 ? 173  THR A C   1 
ATOM   1254 O  O   . THR A 1 158 ? -0.416  -14.531 -2.716  1.00 24.32 ? 173  THR A O   1 
ATOM   1255 C  CB  . THR A 1 158 ? -2.125  -14.776 -5.555  1.00 25.30 ? 173  THR A CB  1 
ATOM   1256 O  OG1 . THR A 1 158 ? -3.413  -15.172 -6.038  1.00 24.96 ? 173  THR A OG1 1 
ATOM   1257 C  CG2 . THR A 1 158 ? -1.176  -15.987 -5.500  1.00 24.24 ? 173  THR A CG2 1 
ATOM   1258 N  N   . ARG A 1 159 ? -0.400  -12.666 -3.966  1.00 25.14 ? 174  ARG A N   1 
ATOM   1259 C  CA  . ARG A 1 159 ? 0.899   -12.251 -3.444  1.00 25.10 ? 174  ARG A CA  1 
ATOM   1260 C  C   . ARG A 1 159 ? 0.838   -12.000 -1.936  1.00 24.74 ? 174  ARG A C   1 
ATOM   1261 O  O   . ARG A 1 159 ? 1.745   -12.413 -1.208  1.00 24.28 ? 174  ARG A O   1 
ATOM   1262 C  CB  . ARG A 1 159 ? 1.396   -11.016 -4.179  1.00 25.70 ? 174  ARG A CB  1 
ATOM   1263 C  CG  . ARG A 1 159 ? 2.702   -10.441 -3.640  1.00 26.92 ? 174  ARG A CG  1 
ATOM   1264 C  CD  . ARG A 1 159 ? 3.872   -11.420 -3.698  1.00 28.44 ? 174  ARG A CD  1 
ATOM   1265 N  NE  . ARG A 1 159 ? 5.076   -10.778 -3.158  1.00 29.93 ? 174  ARG A NE  1 
ATOM   1266 C  CZ  . ARG A 1 159 ? 6.115   -11.404 -2.611  1.00 33.28 ? 174  ARG A CZ  1 
ATOM   1267 N  NH1 . ARG A 1 159 ? 6.142   -12.730 -2.466  1.00 32.83 ? 174  ARG A NH1 1 
ATOM   1268 N  NH2 . ARG A 1 159 ? 7.130   -10.680 -2.169  1.00 33.97 ? 174  ARG A NH2 1 
ATOM   1269 N  N   . LEU A 1 160 ? -0.198  -11.281 -1.476  1.00 23.69 ? 175  LEU A N   1 
ATOM   1270 C  CA  . LEU A 1 160 ? -0.378  -11.012 -0.055  1.00 23.93 ? 175  LEU A CA  1 
ATOM   1271 C  C   . LEU A 1 160 ? -0.476  -12.327 0.731   1.00 25.63 ? 175  LEU A C   1 
ATOM   1272 O  O   . LEU A 1 160 ? 0.218   -12.518 1.732   1.00 23.95 ? 175  LEU A O   1 
ATOM   1273 C  CB  . LEU A 1 160 ? -1.623  -10.158 0.166   1.00 24.26 ? 175  LEU A CB  1 
ATOM   1274 C  CG  . LEU A 1 160 ? -1.461  -8.697  -0.275  1.00 22.99 ? 175  LEU A CG  1 
ATOM   1275 C  CD1 . LEU A 1 160 ? -2.764  -7.915  -0.214  1.00 23.80 ? 175  LEU A CD1 1 
ATOM   1276 C  CD2 . LEU A 1 160 ? -0.416  -8.039  0.616   1.00 23.11 ? 175  LEU A CD2 1 
ATOM   1277 N  N   . PHE A 1 161 ? -1.312  -13.241 0.244   1.00 25.76 ? 176  PHE A N   1 
ATOM   1278 C  CA  . PHE A 1 161 ? -1.504  -14.523 0.911   1.00 26.07 ? 176  PHE A CA  1 
ATOM   1279 C  C   . PHE A 1 161 ? -0.202  -15.325 0.920   1.00 25.09 ? 176  PHE A C   1 
ATOM   1280 O  O   . PHE A 1 161 ? 0.099   -16.029 1.892   1.00 26.24 ? 176  PHE A O   1 
ATOM   1281 C  CB  . PHE A 1 161 ? -2.620  -15.315 0.230   1.00 26.61 ? 176  PHE A CB  1 
ATOM   1282 C  CG  . PHE A 1 161 ? -3.018  -16.562 0.975   1.00 24.83 ? 176  PHE A CG  1 
ATOM   1283 C  CD1 . PHE A 1 161 ? -2.366  -17.748 0.743   1.00 26.61 ? 176  PHE A CD1 1 
ATOM   1284 C  CD2 . PHE A 1 161 ? -4.017  -16.528 1.938   1.00 28.02 ? 176  PHE A CD2 1 
ATOM   1285 C  CE1 . PHE A 1 161 ? -2.727  -18.888 1.427   1.00 25.81 ? 176  PHE A CE1 1 
ATOM   1286 C  CE2 . PHE A 1 161 ? -4.381  -17.673 2.627   1.00 28.12 ? 176  PHE A CE2 1 
ATOM   1287 C  CZ  . PHE A 1 161 ? -3.725  -18.851 2.362   1.00 26.99 ? 176  PHE A CZ  1 
ATOM   1288 N  N   . THR A 1 162 ? 0.574   -15.216 -0.146  1.00 25.78 ? 177  THR A N   1 
ATOM   1289 C  CA  . THR A 1 162 ? 1.849   -15.893 -0.224  1.00 25.61 ? 177  THR A CA  1 
ATOM   1290 C  C   . THR A 1 162 ? 2.830   -15.334 0.810   1.00 27.33 ? 177  THR A C   1 
ATOM   1291 O  O   . THR A 1 162 ? 3.501   -16.093 1.511   1.00 26.52 ? 177  THR A O   1 
ATOM   1292 C  CB  . THR A 1 162 ? 2.416   -15.800 -1.640  1.00 27.43 ? 177  THR A CB  1 
ATOM   1293 O  OG1 . THR A 1 162 ? 1.498   -16.446 -2.527  1.00 28.10 ? 177  THR A OG1 1 
ATOM   1294 C  CG2 . THR A 1 162 ? 3.791   -16.453 -1.737  1.00 28.51 ? 177  THR A CG2 1 
ATOM   1295 N  N   . ILE A 1 163 ? 2.896   -14.009 0.925   1.00 27.12 ? 178  ILE A N   1 
ATOM   1296 C  CA  . ILE A 1 163 ? 3.735   -13.375 1.961   1.00 25.66 ? 178  ILE A CA  1 
ATOM   1297 C  C   . ILE A 1 163 ? 3.356   -13.919 3.335   1.00 27.10 ? 178  ILE A C   1 
ATOM   1298 O  O   . ILE A 1 163 ? 4.225   -14.298 4.119   1.00 30.24 ? 178  ILE A O   1 
ATOM   1299 C  CB  . ILE A 1 163 ? 3.584   -11.844 1.960   1.00 26.12 ? 178  ILE A CB  1 
ATOM   1300 C  CG1 . ILE A 1 163 ? 4.233   -11.264 0.689   1.00 24.63 ? 178  ILE A CG1 1 
ATOM   1301 C  CG2 . ILE A 1 163 ? 4.168   -11.252 3.251   1.00 26.36 ? 178  ILE A CG2 1 
ATOM   1302 C  CD1 . ILE A 1 163 ? 3.745   -9.876  0.309   1.00 26.22 ? 178  ILE A CD1 1 
ATOM   1303 N  N   . ARG A 1 164 ? 2.062   -13.936 3.630   1.00 26.47 ? 179  ARG A N   1 
ATOM   1304 C  CA  . ARG A 1 164 ? 1.558   -14.432 4.897   1.00 27.03 ? 179  ARG A CA  1 
ATOM   1305 C  C   . ARG A 1 164 ? 2.054   -15.853 5.158   1.00 27.65 ? 179  ARG A C   1 
ATOM   1306 O  O   . ARG A 1 164 ? 2.538   -16.164 6.249   1.00 26.55 ? 179  ARG A O   1 
ATOM   1307 C  CB  . ARG A 1 164 ? 0.023   -14.388 4.891   1.00 28.70 ? 179  ARG A CB  1 
ATOM   1308 C  CG  . ARG A 1 164 ? -0.664  -15.175 5.988   1.00 29.57 ? 179  ARG A CG  1 
ATOM   1309 C  CD  . ARG A 1 164 ? -2.178  -15.102 5.881   1.00 33.00 ? 179  ARG A CD  1 
ATOM   1310 N  NE  . ARG A 1 164 ? -2.810  -16.224 6.582   1.00 33.96 ? 179  ARG A NE  1 
ATOM   1311 C  CZ  . ARG A 1 164 ? -4.107  -16.485 6.585   1.00 36.51 ? 179  ARG A CZ  1 
ATOM   1312 N  NH1 . ARG A 1 164 ? -4.966  -15.704 5.925   1.00 37.49 ? 179  ARG A NH1 1 
ATOM   1313 N  NH2 . ARG A 1 164 ? -4.557  -17.543 7.253   1.00 39.14 ? 179  ARG A NH2 1 
ATOM   1314 N  N   . GLN A 1 165 ? 1.912   -16.716 4.154   1.00 28.28 ? 180  GLN A N   1 
ATOM   1315 C  CA  . GLN A 1 165 ? 2.299   -18.123 4.309   1.00 28.46 ? 180  GLN A CA  1 
ATOM   1316 C  C   . GLN A 1 165 ? 3.815   -18.310 4.417   1.00 29.69 ? 180  GLN A C   1 
ATOM   1317 O  O   . GLN A 1 165 ? 4.280   -19.227 5.116   1.00 33.21 ? 180  GLN A O   1 
ATOM   1318 C  CB  . GLN A 1 165 ? 1.735   -18.949 3.156   1.00 27.81 ? 180  GLN A CB  1 
ATOM   1319 C  CG  . GLN A 1 165 ? 0.217   -19.046 3.178   1.00 26.56 ? 180  GLN A CG  1 
ATOM   1320 C  CD  . GLN A 1 165 ? -0.301  -19.635 4.466   1.00 26.73 ? 180  GLN A CD  1 
ATOM   1321 O  OE1 . GLN A 1 165 ? 0.322   -20.523 5.053   1.00 27.95 ? 180  GLN A OE1 1 
ATOM   1322 N  NE2 . GLN A 1 165 ? -1.433  -19.150 4.921   1.00 25.97 ? 180  GLN A NE2 1 
ATOM   1323 N  N   . GLU A 1 166 ? 4.587   -17.471 3.733   1.00 29.01 ? 181  GLU A N   1 
ATOM   1324 C  CA  . GLU A 1 166 ? 6.036   -17.510 3.859   1.00 31.06 ? 181  GLU A CA  1 
ATOM   1325 C  C   . GLU A 1 166 ? 6.440   -17.063 5.258   1.00 31.00 ? 181  GLU A C   1 
ATOM   1326 O  O   . GLU A 1 166 ? 7.359   -17.637 5.852   1.00 31.65 ? 181  GLU A O   1 
ATOM   1327 C  CB  . GLU A 1 166 ? 6.717   -16.663 2.786   1.00 32.42 ? 181  GLU A CB  1 
ATOM   1328 C  CG  . GLU A 1 166 ? 6.555   -17.252 1.395   1.00 35.85 ? 181  GLU A CG  1 
ATOM   1329 C  CD  . GLU A 1 166 ? 7.199   -16.407 0.325   1.00 38.31 ? 181  GLU A CD  1 
ATOM   1330 O  OE1 . GLU A 1 166 ? 7.651   -15.285 0.638   1.00 42.56 ? 181  GLU A OE1 1 
ATOM   1331 O  OE2 . GLU A 1 166 ? 7.247   -16.861 -0.835  1.00 44.33 ? 181  GLU A OE2 1 
ATOM   1332 N  N   . MET A 1 167 ? 5.729   -16.085 5.813   1.00 30.08 ? 182  MET A N   1 
ATOM   1333 C  CA  . MET A 1 167 ? 5.924   -15.729 7.224   1.00 29.02 ? 182  MET A CA  1 
ATOM   1334 C  C   . MET A 1 167 ? 5.496   -16.864 8.134   1.00 30.56 ? 182  MET A C   1 
ATOM   1335 O  O   . MET A 1 167 ? 6.189   -17.167 9.109   1.00 31.84 ? 182  MET A O   1 
ATOM   1336 C  CB  . MET A 1 167 ? 5.159   -14.473 7.616   1.00 28.44 ? 182  MET A CB  1 
ATOM   1337 C  CG  . MET A 1 167 ? 5.634   -13.218 6.907   1.00 28.66 ? 182  MET A CG  1 
ATOM   1338 S  SD  . MET A 1 167 ? 4.686   -11.834 7.531   1.00 31.54 ? 182  MET A SD  1 
ATOM   1339 C  CE  . MET A 1 167 ? 5.561   -10.501 6.746   1.00 30.34 ? 182  MET A CE  1 
ATOM   1340 N  N   . ALA A 1 168 ? 4.360   -17.496 7.830   1.00 30.69 ? 183  ALA A N   1 
ATOM   1341 C  CA  . ALA A 1 168 ? 3.881   -18.607 8.654   1.00 30.70 ? 183  ALA A CA  1 
ATOM   1342 C  C   . ALA A 1 168 ? 4.881   -19.762 8.613   1.00 31.45 ? 183  ALA A C   1 
ATOM   1343 O  O   . ALA A 1 168 ? 5.060   -20.456 9.611   1.00 33.73 ? 183  ALA A O   1 
ATOM   1344 C  CB  . ALA A 1 168 ? 2.484   -19.076 8.228   1.00 29.17 ? 183  ALA A CB  1 
ATOM   1345 N  N   . SER A 1 169 ? 5.536   -19.951 7.473   1.00 34.43 ? 184  SER A N   1 
ATOM   1346 C  CA  . SER A 1 169 ? 6.558   -20.979 7.325   1.00 36.57 ? 184  SER A CA  1 
ATOM   1347 C  C   . SER A 1 169 ? 7.674   -20.794 8.339   1.00 40.10 ? 184  SER A C   1 
ATOM   1348 O  O   . SER A 1 169 ? 8.202   -21.775 8.855   1.00 37.38 ? 184  SER A O   1 
ATOM   1349 C  CB  . SER A 1 169 ? 7.171   -20.956 5.929   1.00 36.89 ? 184  SER A CB  1 
ATOM   1350 O  OG  . SER A 1 169 ? 6.226   -21.359 4.957   1.00 41.71 ? 184  SER A OG  1 
ATOM   1351 N  N   . ARG A 1 170 ? 8.030   -19.536 8.596   1.00 40.90 ? 185  ARG A N   1 
ATOM   1352 C  CA  . ARG A 1 170 ? 9.114   -19.188 9.505   1.00 44.11 ? 185  ARG A CA  1 
ATOM   1353 C  C   . ARG A 1 170 ? 8.638   -18.776 10.894  1.00 41.42 ? 185  ARG A C   1 
ATOM   1354 O  O   . ARG A 1 170 ? 9.409   -18.225 11.666  1.00 43.23 ? 185  ARG A O   1 
ATOM   1355 C  CB  . ARG A 1 170 ? 9.963   -18.085 8.866   1.00 47.88 ? 185  ARG A CB  1 
ATOM   1356 C  CG  . ARG A 1 170 ? 10.543  -18.509 7.528   1.00 52.86 ? 185  ARG A CG  1 
ATOM   1357 C  CD  . ARG A 1 170 ? 11.510  -17.482 6.976   1.00 59.91 ? 185  ARG A CD  1 
ATOM   1358 N  NE  . ARG A 1 170 ? 12.234  -17.996 5.815   1.00 66.67 ? 185  ARG A NE  1 
ATOM   1359 C  CZ  . ARG A 1 170 ? 13.311  -17.429 5.266   1.00 69.12 ? 185  ARG A CZ  1 
ATOM   1360 N  NH1 . ARG A 1 170 ? 13.821  -16.298 5.761   1.00 68.08 ? 185  ARG A NH1 1 
ATOM   1361 N  NH2 . ARG A 1 170 ? 13.884  -18.003 4.210   1.00 69.41 ? 185  ARG A NH2 1 
ATOM   1362 N  N   . SER A 1 171 ? 7.382   -19.076 11.218  1.00 40.55 ? 186  SER A N   1 
ATOM   1363 C  CA  . SER A 1 171 ? 6.765   -18.721 12.499  1.00 41.58 ? 186  SER A CA  1 
ATOM   1364 C  C   . SER A 1 171 ? 6.852   -17.225 12.829  1.00 41.87 ? 186  SER A C   1 
ATOM   1365 O  O   . SER A 1 171 ? 6.992   -16.849 13.992  1.00 40.33 ? 186  SER A O   1 
ATOM   1366 C  CB  . SER A 1 171 ? 7.366   -19.561 13.646  1.00 45.60 ? 186  SER A CB  1 
ATOM   1367 O  OG  . SER A 1 171 ? 7.181   -20.949 13.419  1.00 45.00 ? 186  SER A OG  1 
ATOM   1368 N  N   . LEU A 1 172 ? 6.756   -16.380 11.797  1.00 40.62 ? 187  LEU A N   1 
ATOM   1369 C  CA  . LEU A 1 172 ? 6.798   -14.920 11.952  1.00 37.49 ? 187  LEU A CA  1 
ATOM   1370 C  C   . LEU A 1 172 ? 5.436   -14.258 11.758  1.00 37.34 ? 187  LEU A C   1 
ATOM   1371 O  O   . LEU A 1 172 ? 5.295   -13.057 12.029  1.00 38.91 ? 187  LEU A O   1 
ATOM   1372 C  CB  . LEU A 1 172 ? 7.765   -14.310 10.949  1.00 39.47 ? 187  LEU A CB  1 
ATOM   1373 C  CG  . LEU A 1 172 ? 9.209   -14.799 10.947  1.00 39.56 ? 187  LEU A CG  1 
ATOM   1374 C  CD1 . LEU A 1 172 ? 9.929   -14.126 9.803   1.00 38.75 ? 187  LEU A CD1 1 
ATOM   1375 C  CD2 . LEU A 1 172 ? 9.863   -14.520 12.293  1.00 41.23 ? 187  LEU A CD2 1 
ATOM   1376 N  N   . TRP A 1 173 ? 4.444   -15.022 11.286  1.00 35.77 ? 188  TRP A N   1 
ATOM   1377 C  CA  . TRP A 1 173 ? 3.122   -14.487 10.967  1.00 35.80 ? 188  TRP A CA  1 
ATOM   1378 C  C   . TRP A 1 173 ? 2.374   -13.985 12.181  1.00 36.93 ? 188  TRP A C   1 
ATOM   1379 O  O   . TRP A 1 173 ? 1.811   -12.896 12.172  1.00 35.90 ? 188  TRP A O   1 
ATOM   1380 C  CB  . TRP A 1 173 ? 2.257   -15.535 10.254  1.00 34.90 ? 188  TRP A CB  1 
ATOM   1381 C  CG  . TRP A 1 173 ? 0.842   -15.052 10.147  1.00 31.66 ? 188  TRP A CG  1 
ATOM   1382 C  CD1 . TRP A 1 173 ? -0.272  -15.505 10.849  1.00 32.14 ? 188  TRP A CD1 1 
ATOM   1383 C  CD2 . TRP A 1 173 ? 0.363   -13.913 9.363   1.00 30.01 ? 188  TRP A CD2 1 
ATOM   1384 N  NE1 . TRP A 1 173 ? -1.381  -14.774 10.527  1.00 32.06 ? 188  TRP A NE1 1 
ATOM   1385 C  CE2 . TRP A 1 173 ? -1.064  -13.795 9.641   1.00 30.00 ? 188  TRP A CE2 1 
ATOM   1386 C  CE3 . TRP A 1 173 ? 0.953   -13.030 8.468   1.00 29.93 ? 188  TRP A CE3 1 
ATOM   1387 C  CZ2 . TRP A 1 173 ? -1.845  -12.836 9.043   1.00 29.12 ? 188  TRP A CZ2 1 
ATOM   1388 C  CZ3 . TRP A 1 173 ? 0.147   -12.066 7.861   1.00 28.92 ? 188  TRP A CZ3 1 
ATOM   1389 C  CH2 . TRP A 1 173 ? -1.215  -11.967 8.149   1.00 27.79 ? 188  TRP A CH2 1 
ATOM   1390 N  N   . ASP A 1 174 ? 2.334   -14.788 13.235  1.00 37.34 ? 189  ASP A N   1 
ATOM   1391 C  CA  . ASP A 1 174 ? 1.566   -14.424 14.411  1.00 39.78 ? 189  ASP A CA  1 
ATOM   1392 C  C   . ASP A 1 174 ? 2.008   -13.067 14.996  1.00 37.77 ? 189  ASP A C   1 
ATOM   1393 O  O   . ASP A 1 174 ? 1.173   -12.223 15.321  1.00 39.05 ? 189  ASP A O   1 
ATOM   1394 C  CB  . ASP A 1 174 ? 1.661   -15.528 15.457  1.00 42.68 ? 189  ASP A CB  1 
ATOM   1395 C  CG  . ASP A 1 174 ? 0.742   -15.291 16.624  1.00 47.15 ? 189  ASP A CG  1 
ATOM   1396 O  OD1 . ASP A 1 174 ? -0.452  -15.648 16.528  1.00 53.69 ? 189  ASP A OD1 1 
ATOM   1397 O  OD2 . ASP A 1 174 ? 1.218   -14.752 17.640  1.00 49.62 ? 189  ASP A OD2 1 
ATOM   1398 N  N   . SER A 1 175 ? 3.318   -12.869 15.096  1.00 36.68 ? 190  SER A N   1 
ATOM   1399 C  CA  . SER A 1 175 ? 3.899   -11.607 15.545  1.00 37.46 ? 190  SER A CA  1 
ATOM   1400 C  C   . SER A 1 175 ? 3.454   -10.472 14.638  1.00 37.64 ? 190  SER A C   1 
ATOM   1401 O  O   . SER A 1 175 ? 2.888   -9.462  15.089  1.00 36.60 ? 190  SER A O   1 
ATOM   1402 C  CB  . SER A 1 175 ? 5.423   -11.696 15.519  1.00 37.46 ? 190  SER A CB  1 
ATOM   1403 O  OG  . SER A 1 175 ? 6.020   -10.429 15.755  1.00 37.82 ? 190  SER A OG  1 
ATOM   1404 N  N   . PHE A 1 176 ? 3.695   -10.664 13.346  1.00 36.98 ? 191  PHE A N   1 
ATOM   1405 C  CA  . PHE A 1 176 ? 3.351   -9.662  12.331  1.00 35.46 ? 191  PHE A CA  1 
ATOM   1406 C  C   . PHE A 1 176 ? 1.883   -9.298  12.412  1.00 36.32 ? 191  PHE A C   1 
ATOM   1407 O  O   . PHE A 1 176 ? 1.539   -8.109  12.419  1.00 42.25 ? 191  PHE A O   1 
ATOM   1408 C  CB  . PHE A 1 176 ? 3.727   -10.180 10.942  1.00 34.60 ? 191  PHE A CB  1 
ATOM   1409 C  CG  . PHE A 1 176 ? 3.426   -9.223  9.829   1.00 31.57 ? 191  PHE A CG  1 
ATOM   1410 C  CD1 . PHE A 1 176 ? 4.177   -8.067  9.657   1.00 30.48 ? 191  PHE A CD1 1 
ATOM   1411 C  CD2 . PHE A 1 176 ? 2.413   -9.500  8.926   1.00 31.85 ? 191  PHE A CD2 1 
ATOM   1412 C  CE1 . PHE A 1 176 ? 3.903   -7.199  8.609   1.00 30.90 ? 191  PHE A CE1 1 
ATOM   1413 C  CE2 . PHE A 1 176 ? 2.146   -8.640  7.872   1.00 32.20 ? 191  PHE A CE2 1 
ATOM   1414 C  CZ  . PHE A 1 176 ? 2.886   -7.487  7.718   1.00 30.94 ? 191  PHE A CZ  1 
ATOM   1415 N  N   . ARG A 1 177 ? 1.021   -10.306 12.493  1.00 37.86 ? 192  ARG A N   1 
ATOM   1416 C  CA  . ARG A 1 177 ? -0.424  -10.087 12.607  1.00 42.56 ? 192  ARG A CA  1 
ATOM   1417 C  C   . ARG A 1 177 ? -0.816  -9.244  13.827  1.00 45.19 ? 192  ARG A C   1 
ATOM   1418 O  O   . ARG A 1 177 ? -1.683  -8.378  13.737  1.00 44.65 ? 192  ARG A O   1 
ATOM   1419 C  CB  . ARG A 1 177 ? -1.180  -11.414 12.660  1.00 44.39 ? 192  ARG A CB  1 
ATOM   1420 C  CG  . ARG A 1 177 ? -2.685  -11.251 12.837  1.00 48.32 ? 192  ARG A CG  1 
ATOM   1421 C  CD  . ARG A 1 177 ? -3.386  -12.571 13.072  1.00 49.40 ? 192  ARG A CD  1 
ATOM   1422 N  NE  . ARG A 1 177 ? -2.805  -13.311 14.192  1.00 53.00 ? 192  ARG A NE  1 
ATOM   1423 C  CZ  . ARG A 1 177 ? -3.101  -13.128 15.478  1.00 54.38 ? 192  ARG A CZ  1 
ATOM   1424 N  NH1 . ARG A 1 177 ? -3.977  -12.207 15.860  1.00 55.93 ? 192  ARG A NH1 1 
ATOM   1425 N  NH2 . ARG A 1 177 ? -2.507  -13.875 16.398  1.00 55.94 ? 192  ARG A NH2 1 
ATOM   1426 N  N   . GLN A 1 178 ? -0.200  -9.507  14.973  1.00 43.69 ? 193  GLN A N   1 
ATOM   1427 C  CA  . GLN A 1 178 ? -0.569  -8.780  16.191  1.00 43.45 ? 193  GLN A CA  1 
ATOM   1428 C  C   . GLN A 1 178 ? 0.048   -7.368  16.257  1.00 45.23 ? 193  GLN A C   1 
ATOM   1429 O  O   . GLN A 1 178 ? -0.422  -6.534  17.029  1.00 48.81 ? 193  GLN A O   1 
ATOM   1430 C  CB  . GLN A 1 178 ? -0.229  -9.606  17.436  1.00 43.31 ? 193  GLN A CB  1 
ATOM   1431 C  CG  . GLN A 1 178 ? -1.002  -10.908 17.562  1.00 42.15 ? 193  GLN A CG  1 
ATOM   1432 C  CD  . GLN A 1 178 ? -0.805  -11.576 18.916  1.00 44.18 ? 193  GLN A CD  1 
ATOM   1433 O  OE1 . GLN A 1 178 ? -1.271  -11.080 19.942  1.00 40.22 ? 193  GLN A OE1 1 
ATOM   1434 N  NE2 . GLN A 1 178 ? -0.116  -12.714 18.920  1.00 44.40 ? 193  GLN A NE2 1 
ATOM   1435 N  N   . SER A 1 179 ? 1.047   -7.091  15.420  1.00 43.26 ? 194  SER A N   1 
ATOM   1436 C  CA  . SER A 1 179 ? 1.734   -5.785  15.392  1.00 45.96 ? 194  SER A CA  1 
ATOM   1437 C  C   . SER A 1 179 ? 0.963   -4.588  14.809  1.00 48.92 ? 194  SER A C   1 
ATOM   1438 O  O   . SER A 1 179 ? 1.464   -3.467  14.839  1.00 52.85 ? 194  SER A O   1 
ATOM   1439 C  CB  . SER A 1 179 ? 3.041   -5.902  14.612  1.00 45.34 ? 194  SER A CB  1 
ATOM   1440 O  OG  . SER A 1 179 ? 4.154   -5.825  15.479  1.00 49.68 ? 194  SER A OG  1 
ATOM   1441 N  N   . GLU A 1 180 ? -0.221  -4.800  14.250  1.00 47.42 ? 195  GLU A N   1 
ATOM   1442 C  CA  . GLU A 1 180 ? -0.925  -3.697  13.573  1.00 47.34 ? 195  GLU A CA  1 
ATOM   1443 C  C   . GLU A 1 180 ? -1.800  -2.929  14.564  1.00 44.44 ? 195  GLU A C   1 
ATOM   1444 O  O   . GLU A 1 180 ? -2.724  -3.507  15.125  1.00 47.32 ? 195  GLU A O   1 
ATOM   1445 C  CB  . GLU A 1 180 ? -1.775  -4.235  12.411  1.00 44.55 ? 195  GLU A CB  1 
ATOM   1446 C  CG  . GLU A 1 180 ? -2.381  -3.148  11.528  1.00 44.76 ? 195  GLU A CG  1 
ATOM   1447 C  CD  . GLU A 1 180 ? -3.107  -3.715  10.320  1.00 41.95 ? 195  GLU A CD  1 
ATOM   1448 O  OE1 . GLU A 1 180 ? -2.484  -4.474  9.559   1.00 41.67 ? 195  GLU A OE1 1 
ATOM   1449 O  OE2 . GLU A 1 180 ? -4.300  -3.425  10.149  1.00 38.87 ? 195  GLU A OE2 1 
HETATM 1450 O  O32 . CI1 B 2 .   ? 1.910   11.008  4.384   0.60 57.94 ? 801  CI1 A O32 1 
HETATM 1451 S  S30 . CI1 B 2 .   ? 3.020   10.154  4.087   0.60 56.22 ? 801  CI1 A S30 1 
HETATM 1452 O  O31 . CI1 B 2 .   ? 2.936   9.810   2.696   0.60 56.84 ? 801  CI1 A O31 1 
HETATM 1453 C  CP  . CI1 B 2 .   ? 4.437   11.008  4.359   1.00 57.21 ? 801  CI1 A CP  1 
HETATM 1454 C  CGB . CI1 B 2 .   ? 5.665   10.260  3.881   1.00 57.37 ? 801  CI1 A CGB 1 
HETATM 1455 C  CD2 . CI1 B 2 .   ? 6.462   9.588   4.804   1.00 58.52 ? 801  CI1 A CD2 1 
HETATM 1456 C  CE2 . CI1 B 2 .   ? 7.590   8.888   4.380   1.00 61.12 ? 801  CI1 A CE2 1 
HETATM 1457 C  CZ  . CI1 B 2 .   ? 7.933   8.868   3.027   1.00 61.85 ? 801  CI1 A CZ  1 
HETATM 1458 C  CE1 . CI1 B 2 .   ? 7.146   9.549   2.100   1.00 60.65 ? 801  CI1 A CE1 1 
HETATM 1459 C  CD1 . CI1 B 2 .   ? 6.013   10.241  2.529   1.00 57.44 ? 801  CI1 A CD1 1 
HETATM 1460 N  NJ  . CI1 B 2 .   ? 2.948   8.893   4.961   1.00 52.84 ? 801  CI1 A NJ  1 
HETATM 1461 C  CI  . CI1 B 2 .   ? 2.185   8.957   6.223   1.00 51.32 ? 801  CI1 A CI  1 
HETATM 1462 C  CK  . CI1 B 2 .   ? 1.490   7.631   6.493   1.00 48.23 ? 801  CI1 A CK  1 
HETATM 1463 C  CG  . CI1 B 2 .   ? 2.518   6.516   6.368   1.00 47.99 ? 801  CI1 A CG  1 
HETATM 1464 C  CH  . CI1 B 2 .   ? 3.683   7.689   4.542   1.00 47.89 ? 801  CI1 A CH  1 
HETATM 1465 C  CF  . CI1 B 2 .   ? 2.987   6.379   4.917   1.00 46.55 ? 801  CI1 A CF  1 
HETATM 1466 C  CB  . CI1 B 2 .   ? 1.826   6.080   3.981   1.00 39.62 ? 801  CI1 A CB  1 
HETATM 1467 O  O13 . CI1 B 2 .   ? 1.722   6.645   2.892   1.00 35.76 ? 801  CI1 A O13 1 
HETATM 1468 C  CM  . CI1 B 2 .   ? 0.870   5.040   4.432   1.00 36.06 ? 801  CI1 A CM  1 
HETATM 1469 C  CA  . CI1 B 2 .   ? -0.018  4.388   3.662   1.00 34.32 ? 801  CI1 A CA  1 
HETATM 1470 O  O14 . CI1 B 2 .   ? -0.187  4.681   2.386   1.00 28.27 ? 801  CI1 A O14 1 
HETATM 1471 C  CE  . CI1 B 2 .   ? -0.836  3.356   4.309   1.00 34.69 ? 801  CI1 A CE  1 
HETATM 1472 O  OAN . CI1 B 2 .   ? -0.857  3.331   5.558   1.00 36.95 ? 801  CI1 A OAN 1 
HETATM 1473 O  OAO . CI1 B 2 .   ? -1.540  2.571   3.653   1.00 32.66 ? 801  CI1 A OAO 1 
HETATM 1474 C  CO  . CI1 B 2 .   ? 3.951   5.205   4.689   1.00 50.19 ? 801  CI1 A CO  1 
HETATM 1475 C  CGA . CI1 B 2 .   ? 4.999   5.061   5.766   1.00 53.69 ? 801  CI1 A CGA 1 
HETATM 1476 C  CDB . CI1 B 2 .   ? 4.688   4.424   6.971   1.00 55.03 ? 801  CI1 A CDB 1 
HETATM 1477 C  CEB . CI1 B 2 .   ? 5.657   4.298   7.961   1.00 57.72 ? 801  CI1 A CEB 1 
HETATM 1478 C  CDA . CI1 B 2 .   ? 6.281   5.561   5.544   1.00 56.15 ? 801  CI1 A CDA 1 
HETATM 1479 C  CEA . CI1 B 2 .   ? 7.248   5.425   6.537   1.00 58.05 ? 801  CI1 A CEA 1 
HETATM 1480 C  CZB . CI1 B 2 .   ? 6.935   4.797   7.740   1.00 56.83 ? 801  CI1 A CZB 1 
HETATM 1481 CL CL  . CI1 B 2 .   ? 8.197   4.632   8.998   1.00 65.17 ? 801  CI1 A CL  1 
HETATM 1482 MN MN  . MN  C 3 .   ? -1.710  3.244   1.625   1.00 27.59 ? 901  MN  A MN  1 
HETATM 1483 MN MN  . MN  D 3 .   ? 0.814   5.934   1.140   1.00 33.82 ? 902  MN  A MN  1 
HETATM 1484 O  O   . HOH E 4 .   ? 12.004  -11.532 13.810  1.00 60.38 ? 2001 HOH A O   1 
HETATM 1485 O  O   . HOH E 4 .   ? 17.672  -6.120  -0.707  1.00 41.55 ? 2002 HOH A O   1 
HETATM 1486 O  O   . HOH E 4 .   ? 18.882  -6.207  2.206   1.00 56.42 ? 2003 HOH A O   1 
HETATM 1487 O  O   . HOH E 4 .   ? 8.412   -13.978 -1.508  1.00 40.01 ? 2004 HOH A O   1 
HETATM 1488 O  O   . HOH E 4 .   ? 9.203   -7.963  -4.337  1.00 38.65 ? 2005 HOH A O   1 
HETATM 1489 O  O   . HOH E 4 .   ? 17.936  -3.499  -1.119  1.00 42.74 ? 2006 HOH A O   1 
HETATM 1490 O  O   . HOH E 4 .   ? 0.350   -0.925  5.367   1.00 35.75 ? 2007 HOH A O   1 
HETATM 1491 O  O   . HOH E 4 .   ? 3.924   -7.944  17.138  0.50 26.54 ? 2008 HOH A O   1 
HETATM 1492 O  O   . HOH E 4 .   ? 1.195   -3.509  4.807   1.00 30.61 ? 2009 HOH A O   1 
HETATM 1493 O  O   . HOH E 4 .   ? 4.714   1.447   2.001   1.00 36.67 ? 2010 HOH A O   1 
HETATM 1494 O  O   . HOH E 4 .   ? -5.977  -13.822 9.240   1.00 48.73 ? 2011 HOH A O   1 
HETATM 1495 O  O   . HOH E 4 .   ? -10.808 0.607   -5.788  1.00 29.12 ? 2012 HOH A O   1 
HETATM 1496 O  O   . HOH E 4 .   ? -0.726  2.063   -14.923 1.00 42.42 ? 2013 HOH A O   1 
HETATM 1497 O  O   . HOH E 4 .   ? -12.652 -13.557 -4.926  1.00 45.29 ? 2014 HOH A O   1 
HETATM 1498 O  O   . HOH E 4 .   ? -12.460 1.382   -13.149 1.00 36.57 ? 2015 HOH A O   1 
HETATM 1499 O  O   . HOH E 4 .   ? 3.964   6.740   -11.880 1.00 46.15 ? 2016 HOH A O   1 
HETATM 1500 O  O   . HOH E 4 .   ? 2.316   -14.547 -5.652  1.00 43.81 ? 2017 HOH A O   1 
HETATM 1501 O  O   . HOH E 4 .   ? -0.558  -14.622 -9.326  1.00 53.25 ? 2018 HOH A O   1 
HETATM 1502 O  O   . HOH E 4 .   ? 5.467   8.767   -1.456  1.00 37.13 ? 2019 HOH A O   1 
HETATM 1503 O  O   . HOH E 4 .   ? 4.173   8.205   0.733   1.00 41.68 ? 2020 HOH A O   1 
HETATM 1504 O  O   . HOH E 4 .   ? 1.678   7.569   -0.081  1.00 34.04 ? 2021 HOH A O   1 
HETATM 1505 O  O   . HOH E 4 .   ? 4.845   -19.443 -3.933  1.00 52.55 ? 2022 HOH A O   1 
HETATM 1506 O  O   . HOH E 4 .   ? 10.187  10.636  -7.485  1.00 52.78 ? 2023 HOH A O   1 
HETATM 1507 O  O   . HOH E 4 .   ? 1.243   -18.873 11.966  1.00 50.23 ? 2024 HOH A O   1 
HETATM 1508 O  O   . HOH E 4 .   ? 11.683  10.069  -4.914  1.00 45.45 ? 2025 HOH A O   1 
HETATM 1509 O  O   . HOH E 4 .   ? 3.326   14.973  3.996   1.00 36.66 ? 2026 HOH A O   1 
HETATM 1510 O  O   . HOH E 4 .   ? 4.236   20.220  -9.272  1.00 40.42 ? 2027 HOH A O   1 
HETATM 1511 O  O   . HOH E 4 .   ? 1.434   20.121  -2.088  1.00 51.95 ? 2028 HOH A O   1 
HETATM 1512 O  O   . HOH E 4 .   ? 1.894   14.963  -13.798 1.00 43.77 ? 2029 HOH A O   1 
HETATM 1513 O  O   . HOH E 4 .   ? 2.146   21.921  -11.206 1.00 49.20 ? 2030 HOH A O   1 
HETATM 1514 O  O   . HOH E 4 .   ? -9.072  14.442  -4.376  1.00 50.00 ? 2031 HOH A O   1 
HETATM 1515 O  O   . HOH E 4 .   ? -8.929  17.824  0.286   1.00 60.66 ? 2032 HOH A O   1 
HETATM 1516 O  O   . HOH E 4 .   ? -6.555  13.196  1.884   1.00 39.10 ? 2033 HOH A O   1 
HETATM 1517 O  O   . HOH E 4 .   ? -8.243  15.041  1.611   1.00 54.44 ? 2034 HOH A O   1 
HETATM 1518 O  O   . HOH E 4 .   ? -5.135  11.133  0.607   1.00 36.49 ? 2035 HOH A O   1 
HETATM 1519 O  O   . HOH E 4 .   ? 0.547   13.219  4.018   1.00 41.30 ? 2036 HOH A O   1 
HETATM 1520 O  O   . HOH E 4 .   ? -1.000  7.137   1.221   1.00 31.51 ? 2037 HOH A O   1 
HETATM 1521 O  O   . HOH E 4 .   ? -4.285  9.033   1.684   1.00 36.77 ? 2038 HOH A O   1 
HETATM 1522 O  O   . HOH E 4 .   ? -9.835  4.165   -8.838  1.00 29.38 ? 2039 HOH A O   1 
HETATM 1523 O  O   . HOH E 4 .   ? -6.644  11.662  -16.729 1.00 40.33 ? 2040 HOH A O   1 
HETATM 1524 O  O   . HOH E 4 .   ? -10.953 8.902   -18.472 1.00 42.94 ? 2041 HOH A O   1 
HETATM 1525 O  O   . HOH E 4 .   ? -12.613 10.959  -15.476 1.00 45.50 ? 2042 HOH A O   1 
HETATM 1526 O  O   . HOH E 4 .   ? -13.163 12.433  -11.250 1.00 43.65 ? 2043 HOH A O   1 
HETATM 1527 O  O   . HOH E 4 .   ? -11.439 12.777  -7.912  1.00 35.08 ? 2044 HOH A O   1 
HETATM 1528 O  O   . HOH E 4 .   ? -17.009 4.659   -7.649  1.00 47.63 ? 2045 HOH A O   1 
HETATM 1529 O  O   . HOH E 4 .   ? -9.611  12.089  -5.977  1.00 28.87 ? 2046 HOH A O   1 
HETATM 1530 O  O   . HOH E 4 .   ? -2.037  0.126   4.640   1.00 26.41 ? 2047 HOH A O   1 
HETATM 1531 O  O   . HOH E 4 .   ? -0.477  -4.718  6.698   1.00 30.80 ? 2048 HOH A O   1 
HETATM 1532 O  O   . HOH E 4 .   ? -5.457  -10.080 6.747   1.00 33.48 ? 2049 HOH A O   1 
HETATM 1533 O  O   . HOH E 4 .   ? -4.831  -11.423 9.029   1.00 44.68 ? 2050 HOH A O   1 
HETATM 1534 O  O   . HOH E 4 .   ? 1.849   -1.634  10.351  1.00 58.65 ? 2051 HOH A O   1 
HETATM 1535 O  O   . HOH E 4 .   ? -8.514  -10.047 7.295   1.00 43.56 ? 2052 HOH A O   1 
HETATM 1536 O  O   . HOH E 4 .   ? -9.978  -7.579  12.634  1.00 47.03 ? 2053 HOH A O   1 
HETATM 1537 O  O   . HOH E 4 .   ? -11.053 -9.178  5.927   1.00 40.54 ? 2054 HOH A O   1 
HETATM 1538 O  O   . HOH E 4 .   ? -14.325 -7.190  6.924   1.00 42.08 ? 2055 HOH A O   1 
HETATM 1539 O  O   . HOH E 4 .   ? -9.292  6.690   11.817  1.00 46.63 ? 2056 HOH A O   1 
HETATM 1540 O  O   . HOH E 4 .   ? -13.547 9.826   -6.359  1.00 57.46 ? 2057 HOH A O   1 
HETATM 1541 O  O   . HOH E 4 .   ? -14.542 7.556   -5.292  1.00 40.77 ? 2058 HOH A O   1 
HETATM 1542 O  O   . HOH E 4 .   ? -6.838  -9.271  -0.328  1.00 41.14 ? 2059 HOH A O   1 
HETATM 1543 O  O   . HOH E 4 .   ? -5.015  -11.880 0.285   1.00 29.16 ? 2060 HOH A O   1 
HETATM 1544 O  O   . HOH E 4 .   ? -10.014 -16.659 2.707   1.00 43.16 ? 2061 HOH A O   1 
HETATM 1545 O  O   . HOH E 4 .   ? -10.887 -13.744 -2.711  1.00 33.36 ? 2062 HOH A O   1 
HETATM 1546 O  O   . HOH E 4 .   ? -12.555 -10.937 -2.543  1.00 45.89 ? 2063 HOH A O   1 
HETATM 1547 O  O   . HOH E 4 .   ? -13.819 -9.240  -0.168  1.00 36.52 ? 2064 HOH A O   1 
HETATM 1548 O  O   . HOH E 4 .   ? -15.322 -7.686  -1.764  1.00 37.32 ? 2065 HOH A O   1 
HETATM 1549 O  O   . HOH E 4 .   ? -16.173 -2.962  -1.158  1.00 38.28 ? 2066 HOH A O   1 
HETATM 1550 O  O   . HOH E 4 .   ? -18.002 -0.516  0.639   1.00 57.57 ? 2067 HOH A O   1 
HETATM 1551 O  O   . HOH E 4 .   ? -18.615 3.966   -0.015  1.00 46.17 ? 2068 HOH A O   1 
HETATM 1552 O  O   . HOH E 4 .   ? -19.103 -4.280  -6.642  1.00 55.27 ? 2069 HOH A O   1 
HETATM 1553 O  O   . HOH E 4 .   ? -14.091 -0.120  -11.867 1.00 37.84 ? 2070 HOH A O   1 
HETATM 1554 O  O   . HOH E 4 .   ? -15.464 -2.898  -9.188  1.00 40.26 ? 2071 HOH A O   1 
HETATM 1555 O  O   . HOH E 4 .   ? -18.640 -6.560  -3.328  1.00 49.28 ? 2072 HOH A O   1 
HETATM 1556 O  O   . HOH E 4 .   ? -7.242  -4.030  -14.533 1.00 42.98 ? 2073 HOH A O   1 
HETATM 1557 O  O   . HOH E 4 .   ? -10.214 -10.126 -15.055 1.00 43.67 ? 2074 HOH A O   1 
HETATM 1558 O  O   . HOH E 4 .   ? -12.773 -8.408  -14.340 1.00 42.98 ? 2075 HOH A O   1 
HETATM 1559 O  O   . HOH E 4 .   ? -10.518 -11.082 -8.224  1.00 43.03 ? 2076 HOH A O   1 
HETATM 1560 O  O   . HOH E 4 .   ? 0.737   -12.735 -7.465  1.00 41.71 ? 2077 HOH A O   1 
HETATM 1561 O  O   . HOH E 4 .   ? -3.281  -15.338 -9.021  1.00 44.84 ? 2078 HOH A O   1 
HETATM 1562 O  O   . HOH E 4 .   ? 4.930   -14.475 -4.367  1.00 37.25 ? 2079 HOH A O   1 
HETATM 1563 O  O   . HOH E 4 .   ? 2.641   -17.622 -4.429  1.00 37.25 ? 2080 HOH A O   1 
HETATM 1564 O  O   . HOH E 4 .   ? -1.162  -17.515 8.530   1.00 40.91 ? 2081 HOH A O   1 
HETATM 1565 O  O   . HOH E 4 .   ? -7.260  -18.075 7.632   1.00 44.41 ? 2082 HOH A O   1 
HETATM 1566 O  O   . HOH E 4 .   ? 0.142   -21.771 7.416   1.00 31.56 ? 2083 HOH A O   1 
HETATM 1567 O  O   . HOH E 4 .   ? 9.637   -18.421 4.003   1.00 53.40 ? 2084 HOH A O   1 
HETATM 1568 O  O   . HOH E 4 .   ? 3.008   -20.722 11.626  1.00 42.40 ? 2085 HOH A O   1 
HETATM 1569 O  O   . HOH E 4 .   ? 10.975  -22.019 6.882   1.00 60.35 ? 2086 HOH A O   1 
HETATM 1570 O  O   . HOH E 4 .   ? 4.173   -18.628 15.447  1.00 54.45 ? 2087 HOH A O   1 
HETATM 1571 O  O   . HOH E 4 .   ? 5.189   -15.024 15.331  1.00 40.07 ? 2088 HOH A O   1 
HETATM 1572 O  O   . HOH E 4 .   ? 3.445   -17.597 13.003  1.00 39.82 ? 2089 HOH A O   1 
HETATM 1573 O  O   . HOH E 4 .   ? -4.359  -15.197 11.188  1.00 44.62 ? 2090 HOH A O   1 
HETATM 1574 O  O   . HOH E 4 .   ? 8.350   -11.117 16.282  1.00 46.66 ? 2091 HOH A O   1 
HETATM 1575 O  O   . HOH E 4 .   ? -2.901  -9.198  20.910  1.00 38.23 ? 2092 HOH A O   1 
# 
loop_
_pdbx_poly_seq_scheme.asym_id 
_pdbx_poly_seq_scheme.entity_id 
_pdbx_poly_seq_scheme.seq_id 
_pdbx_poly_seq_scheme.mon_id 
_pdbx_poly_seq_scheme.ndb_seq_num 
_pdbx_poly_seq_scheme.pdb_seq_num 
_pdbx_poly_seq_scheme.auth_seq_num 
_pdbx_poly_seq_scheme.pdb_mon_id 
_pdbx_poly_seq_scheme.auth_mon_id 
_pdbx_poly_seq_scheme.pdb_strand_id 
_pdbx_poly_seq_scheme.pdb_ins_code 
_pdbx_poly_seq_scheme.hetero 
A 1 1   MET 1   -5  ?   ?   ?   A . n 
A 1 2   GLY 2   -4  ?   ?   ?   A . n 
A 1 3   SER 3   -3  ?   ?   ?   A . n 
A 1 4   GLY 4   -2  ?   ?   ?   A . n 
A 1 5   MET 5   -1  ?   ?   ?   A . n 
A 1 6   ALA 6   0   0   ALA ALA A . n 
A 1 7   MET 7   1   1   MET MET A . n 
A 1 8   GLU 8   2   2   GLU GLU A . n 
A 1 9   ASP 9   3   3   ASP ASP A . n 
A 1 10  PHE 10  4   4   PHE PHE A . n 
A 1 11  VAL 11  5   5   VAL VAL A . n 
A 1 12  ARG 12  6   6   ARG ARG A . n 
A 1 13  GLN 13  7   7   GLN GLN A . n 
A 1 14  CYS 14  8   8   CYS CYS A . n 
A 1 15  PHE 15  9   9   PHE PHE A . n 
A 1 16  ASN 16  10  10  ASN ASN A . n 
A 1 17  PRO 17  11  11  PRO PRO A . n 
A 1 18  MET 18  12  12  MET MET A . n 
A 1 19  ILE 19  13  13  ILE ILE A . n 
A 1 20  VAL 20  14  14  VAL VAL A . n 
A 1 21  GLU 21  15  15  GLU GLU A . n 
A 1 22  LEU 22  16  16  LEU LEU A . n 
A 1 23  ALA 23  17  17  ALA ALA A . n 
A 1 24  GLU 24  18  18  GLU GLU A . n 
A 1 25  LYS 25  19  19  LYS LYS A . n 
A 1 26  ALA 26  20  20  ALA ALA A . n 
A 1 27  MET 27  21  21  MET MET A . n 
A 1 28  LYS 28  22  22  LYS LYS A . n 
A 1 29  GLU 29  23  23  GLU GLU A . n 
A 1 30  TYR 30  24  24  TYR TYR A . n 
A 1 31  GLY 31  25  25  GLY GLY A . n 
A 1 32  GLU 32  26  26  GLU GLU A . n 
A 1 33  ASP 33  27  27  ASP ASP A . n 
A 1 34  PRO 34  28  28  PRO PRO A . n 
A 1 35  LYS 35  29  29  LYS LYS A . n 
A 1 36  ILE 36  30  30  ILE ILE A . n 
A 1 37  GLU 37  31  31  GLU GLU A . n 
A 1 38  THR 38  32  32  THR THR A . n 
A 1 39  ASN 39  33  33  ASN ASN A . n 
A 1 40  LYS 40  34  34  LYS LYS A . n 
A 1 41  PHE 41  35  35  PHE PHE A . n 
A 1 42  ALA 42  36  36  ALA ALA A . n 
A 1 43  ALA 43  37  37  ALA ALA A . n 
A 1 44  ILE 44  38  38  ILE ILE A . n 
A 1 45  CYS 45  39  39  CYS CYS A . n 
A 1 46  THR 46  40  40  THR THR A . n 
A 1 47  HIS 47  41  41  HIS HIS A . n 
A 1 48  LEU 48  42  42  LEU LEU A . n 
A 1 49  GLU 49  43  43  GLU GLU A . n 
A 1 50  VAL 50  44  44  VAL VAL A . n 
A 1 51  CYS 51  45  45  CYS CYS A . n 
A 1 52  PHE 52  46  46  PHE PHE A . n 
A 1 53  MET 53  47  47  MET MET A . n 
A 1 54  TYR 54  48  48  TYR TYR A . n 
A 1 55  SER 55  49  49  SER SER A . n 
A 1 56  ASP 56  50  50  ASP ASP A . n 
A 1 57  PHE 57  51  51  PHE PHE A . n 
A 1 58  GLY 58  52  52  GLY GLY A . n 
A 1 59  HIS 59  74  74  HIS HIS A . n 
A 1 60  ARG 60  75  75  ARG ARG A . n 
A 1 61  PHE 61  76  76  PHE PHE A . n 
A 1 62  GLU 62  77  77  GLU GLU A . n 
A 1 63  ILE 63  78  78  ILE ILE A . n 
A 1 64  ILE 64  79  79  ILE ILE A . n 
A 1 65  GLU 65  80  80  GLU GLU A . n 
A 1 66  GLY 66  81  81  GLY GLY A . n 
A 1 67  ARG 67  82  82  ARG ARG A . n 
A 1 68  ASP 68  83  83  ASP ASP A . n 
A 1 69  ARG 69  84  84  ARG ARG A . n 
A 1 70  ILE 70  85  85  ILE ILE A . n 
A 1 71  MET 71  86  86  MET MET A . n 
A 1 72  ALA 72  87  87  ALA ALA A . n 
A 1 73  TRP 73  88  88  TRP TRP A . n 
A 1 74  THR 74  89  89  THR THR A . n 
A 1 75  VAL 75  90  90  VAL VAL A . n 
A 1 76  VAL 76  91  91  VAL VAL A . n 
A 1 77  ASN 77  92  92  ASN ASN A . n 
A 1 78  SER 78  93  93  SER SER A . n 
A 1 79  ILE 79  94  94  ILE ILE A . n 
A 1 80  CYS 80  95  95  CYS CYS A . n 
A 1 81  ASN 81  96  96  ASN ASN A . n 
A 1 82  THR 82  97  97  THR THR A . n 
A 1 83  THR 83  98  98  THR THR A . n 
A 1 84  GLY 84  99  99  GLY GLY A . n 
A 1 85  VAL 85  100 100 VAL VAL A . n 
A 1 86  GLU 86  101 101 GLU GLU A . n 
A 1 87  LYS 87  102 102 LYS LYS A . n 
A 1 88  PRO 88  103 103 PRO PRO A . n 
A 1 89  LYS 89  104 104 LYS LYS A . n 
A 1 90  PHE 90  105 105 PHE PHE A . n 
A 1 91  LEU 91  106 106 LEU LEU A . n 
A 1 92  PRO 92  107 107 PRO PRO A . n 
A 1 93  ASP 93  108 108 ASP ASP A . n 
A 1 94  LEU 94  109 109 LEU LEU A . n 
A 1 95  TYR 95  110 110 TYR TYR A . n 
A 1 96  ASP 96  111 111 ASP ASP A . n 
A 1 97  TYR 97  112 112 TYR TYR A . n 
A 1 98  LYS 98  113 113 LYS LYS A . n 
A 1 99  GLU 99  114 114 GLU GLU A . n 
A 1 100 ASN 100 115 115 ASN ASN A . n 
A 1 101 ARG 101 116 116 ARG ARG A . n 
A 1 102 PHE 102 117 117 PHE PHE A . n 
A 1 103 ILE 103 118 118 ILE ILE A . n 
A 1 104 GLU 104 119 119 GLU GLU A . n 
A 1 105 ILE 105 120 120 ILE ILE A . n 
A 1 106 GLY 106 121 121 GLY GLY A . n 
A 1 107 VAL 107 122 122 VAL VAL A . n 
A 1 108 THR 108 123 123 THR THR A . n 
A 1 109 ARG 109 124 124 ARG ARG A . n 
A 1 110 ARG 110 125 125 ARG ARG A . n 
A 1 111 GLU 111 126 126 GLU GLU A . n 
A 1 112 VAL 112 127 127 VAL VAL A . n 
A 1 113 HIS 113 128 128 HIS HIS A . n 
A 1 114 ILE 114 129 129 ILE ILE A . n 
A 1 115 TYR 115 130 130 TYR TYR A . n 
A 1 116 TYR 116 131 131 TYR TYR A . n 
A 1 117 LEU 117 132 132 LEU LEU A . n 
A 1 118 GLU 118 133 133 GLU GLU A . n 
A 1 119 LYS 119 134 134 LYS LYS A . n 
A 1 120 ALA 120 135 135 ALA ALA A . n 
A 1 121 ASN 121 136 136 ASN ASN A . n 
A 1 122 LYS 122 137 137 LYS LYS A . n 
A 1 123 ILE 123 138 138 ILE ILE A . n 
A 1 124 LYS 124 139 139 LYS LYS A . n 
A 1 125 SER 125 140 ?   ?   ?   A . n 
A 1 126 GLU 126 141 141 GLU GLU A . n 
A 1 127 LYS 127 142 142 LYS LYS A . n 
A 1 128 THR 128 143 143 THR THR A . n 
A 1 129 HIS 129 144 144 HIS HIS A . n 
A 1 130 ILE 130 145 145 ILE ILE A . n 
A 1 131 HIS 131 146 146 HIS HIS A . n 
A 1 132 ILE 132 147 147 ILE ILE A . n 
A 1 133 PHE 133 148 148 PHE PHE A . n 
A 1 134 SER 134 149 149 SER SER A . n 
A 1 135 PHE 135 150 150 PHE PHE A . n 
A 1 136 THR 136 151 151 THR THR A . n 
A 1 137 GLY 137 152 152 GLY GLY A . n 
A 1 138 GLU 138 153 153 GLU GLU A . n 
A 1 139 GLU 139 154 154 GLU GLU A . n 
A 1 140 MET 140 155 155 MET MET A . n 
A 1 141 ALA 141 156 156 ALA ALA A . n 
A 1 142 THR 142 157 157 THR THR A . n 
A 1 143 LYS 143 158 158 LYS LYS A . n 
A 1 144 ALA 144 159 159 ALA ALA A . n 
A 1 145 ASP 145 160 160 ASP ASP A . n 
A 1 146 TYR 146 161 161 TYR TYR A . n 
A 1 147 THR 147 162 162 THR THR A . n 
A 1 148 LEU 148 163 163 LEU LEU A . n 
A 1 149 ASP 149 164 164 ASP ASP A . n 
A 1 150 GLU 150 165 165 GLU GLU A . n 
A 1 151 GLU 151 166 166 GLU GLU A . n 
A 1 152 SER 152 167 167 SER SER A . n 
A 1 153 ARG 153 168 168 ARG ARG A . n 
A 1 154 ALA 154 169 169 ALA ALA A . n 
A 1 155 ARG 155 170 170 ARG ARG A . n 
A 1 156 ILE 156 171 171 ILE ILE A . n 
A 1 157 LYS 157 172 172 LYS LYS A . n 
A 1 158 THR 158 173 173 THR THR A . n 
A 1 159 ARG 159 174 174 ARG ARG A . n 
A 1 160 LEU 160 175 175 LEU LEU A . n 
A 1 161 PHE 161 176 176 PHE PHE A . n 
A 1 162 THR 162 177 177 THR THR A . n 
A 1 163 ILE 163 178 178 ILE ILE A . n 
A 1 164 ARG 164 179 179 ARG ARG A . n 
A 1 165 GLN 165 180 180 GLN GLN A . n 
A 1 166 GLU 166 181 181 GLU GLU A . n 
A 1 167 MET 167 182 182 MET MET A . n 
A 1 168 ALA 168 183 183 ALA ALA A . n 
A 1 169 SER 169 184 184 SER SER A . n 
A 1 170 ARG 170 185 185 ARG ARG A . n 
A 1 171 SER 171 186 186 SER SER A . n 
A 1 172 LEU 172 187 187 LEU LEU A . n 
A 1 173 TRP 173 188 188 TRP TRP A . n 
A 1 174 ASP 174 189 189 ASP ASP A . n 
A 1 175 SER 175 190 190 SER SER A . n 
A 1 176 PHE 176 191 191 PHE PHE A . n 
A 1 177 ARG 177 192 192 ARG ARG A . n 
A 1 178 GLN 178 193 193 GLN GLN A . n 
A 1 179 SER 179 194 194 SER SER A . n 
A 1 180 GLU 180 195 195 GLU GLU A . n 
A 1 181 ARG 181 196 ?   ?   ?   A . n 
A 1 182 GLY 182 197 ?   ?   ?   A . n 
A 1 183 GLU 183 198 ?   ?   ?   A . n 
# 
loop_
_pdbx_nonpoly_scheme.asym_id 
_pdbx_nonpoly_scheme.entity_id 
_pdbx_nonpoly_scheme.mon_id 
_pdbx_nonpoly_scheme.ndb_seq_num 
_pdbx_nonpoly_scheme.pdb_seq_num 
_pdbx_nonpoly_scheme.auth_seq_num 
_pdbx_nonpoly_scheme.pdb_mon_id 
_pdbx_nonpoly_scheme.auth_mon_id 
_pdbx_nonpoly_scheme.pdb_strand_id 
_pdbx_nonpoly_scheme.pdb_ins_code 
B 2 CI1 1  801  801  CI1 CI1 A . 
C 3 MN  1  901  901  MN  MN  A . 
D 3 MN  1  902  902  MN  MN  A . 
E 4 HOH 1  2001 2001 HOH HOH A . 
E 4 HOH 2  2002 2002 HOH HOH A . 
E 4 HOH 3  2003 2003 HOH HOH A . 
E 4 HOH 4  2004 2004 HOH HOH A . 
E 4 HOH 5  2005 2005 HOH HOH A . 
E 4 HOH 6  2006 2006 HOH HOH A . 
E 4 HOH 7  2007 2007 HOH HOH A . 
E 4 HOH 8  2008 2008 HOH HOH A . 
E 4 HOH 9  2009 2009 HOH HOH A . 
E 4 HOH 10 2010 2010 HOH HOH A . 
E 4 HOH 11 2011 2011 HOH HOH A . 
E 4 HOH 12 2012 2012 HOH HOH A . 
E 4 HOH 13 2013 2013 HOH HOH A . 
E 4 HOH 14 2014 2014 HOH HOH A . 
E 4 HOH 15 2015 2015 HOH HOH A . 
E 4 HOH 16 2016 2016 HOH HOH A . 
E 4 HOH 17 2017 2017 HOH HOH A . 
E 4 HOH 18 2018 2018 HOH HOH A . 
E 4 HOH 19 2019 2019 HOH HOH A . 
E 4 HOH 20 2020 2020 HOH HOH A . 
E 4 HOH 21 2021 2021 HOH HOH A . 
E 4 HOH 22 2022 2022 HOH HOH A . 
E 4 HOH 23 2023 2023 HOH HOH A . 
E 4 HOH 24 2024 2024 HOH HOH A . 
E 4 HOH 25 2025 2025 HOH HOH A . 
E 4 HOH 26 2026 2026 HOH HOH A . 
E 4 HOH 27 2027 2027 HOH HOH A . 
E 4 HOH 28 2028 2028 HOH HOH A . 
E 4 HOH 29 2029 2029 HOH HOH A . 
E 4 HOH 30 2030 2030 HOH HOH A . 
E 4 HOH 31 2031 2031 HOH HOH A . 
E 4 HOH 32 2032 2032 HOH HOH A . 
E 4 HOH 33 2033 2033 HOH HOH A . 
E 4 HOH 34 2034 2034 HOH HOH A . 
E 4 HOH 35 2035 2035 HOH HOH A . 
E 4 HOH 36 2036 2036 HOH HOH A . 
E 4 HOH 37 2037 2037 HOH HOH A . 
E 4 HOH 38 2038 2038 HOH HOH A . 
E 4 HOH 39 2039 2039 HOH HOH A . 
E 4 HOH 40 2040 2040 HOH HOH A . 
E 4 HOH 41 2041 2041 HOH HOH A . 
E 4 HOH 42 2042 2042 HOH HOH A . 
E 4 HOH 43 2043 2043 HOH HOH A . 
E 4 HOH 44 2044 2044 HOH HOH A . 
E 4 HOH 45 2045 2045 HOH HOH A . 
E 4 HOH 46 2046 2046 HOH HOH A . 
E 4 HOH 47 2047 2047 HOH HOH A . 
E 4 HOH 48 2048 2048 HOH HOH A . 
E 4 HOH 49 2049 2049 HOH HOH A . 
E 4 HOH 50 2050 2050 HOH HOH A . 
E 4 HOH 51 2051 2051 HOH HOH A . 
E 4 HOH 52 2052 2052 HOH HOH A . 
E 4 HOH 53 2053 2053 HOH HOH A . 
E 4 HOH 54 2054 2054 HOH HOH A . 
E 4 HOH 55 2055 2055 HOH HOH A . 
E 4 HOH 56 2056 2056 HOH HOH A . 
E 4 HOH 57 2057 2057 HOH HOH A . 
E 4 HOH 58 2058 2058 HOH HOH A . 
E 4 HOH 59 2059 2059 HOH HOH A . 
E 4 HOH 60 2060 2060 HOH HOH A . 
E 4 HOH 61 2061 2061 HOH HOH A . 
E 4 HOH 62 2062 2062 HOH HOH A . 
E 4 HOH 63 2063 2063 HOH HOH A . 
E 4 HOH 64 2064 2064 HOH HOH A . 
E 4 HOH 65 2065 2065 HOH HOH A . 
E 4 HOH 66 2066 2066 HOH HOH A . 
E 4 HOH 67 2067 2067 HOH HOH A . 
E 4 HOH 68 2068 2068 HOH HOH A . 
E 4 HOH 69 2069 2069 HOH HOH A . 
E 4 HOH 70 2070 2070 HOH HOH A . 
E 4 HOH 71 2071 2071 HOH HOH A . 
E 4 HOH 72 2072 2072 HOH HOH A . 
E 4 HOH 73 2073 2073 HOH HOH A . 
E 4 HOH 74 2074 2074 HOH HOH A . 
E 4 HOH 75 2075 2075 HOH HOH A . 
E 4 HOH 76 2076 2076 HOH HOH A . 
E 4 HOH 77 2077 2077 HOH HOH A . 
E 4 HOH 78 2078 2078 HOH HOH A . 
E 4 HOH 79 2079 2079 HOH HOH A . 
E 4 HOH 80 2080 2080 HOH HOH A . 
E 4 HOH 81 2081 2081 HOH HOH A . 
E 4 HOH 82 2082 2082 HOH HOH A . 
E 4 HOH 83 2083 2083 HOH HOH A . 
E 4 HOH 84 2084 2084 HOH HOH A . 
E 4 HOH 85 2085 2085 HOH HOH A . 
E 4 HOH 86 2086 2086 HOH HOH A . 
E 4 HOH 87 2087 2087 HOH HOH A . 
E 4 HOH 88 2088 2088 HOH HOH A . 
E 4 HOH 89 2089 2089 HOH HOH A . 
E 4 HOH 90 2090 2090 HOH HOH A . 
E 4 HOH 91 2091 2091 HOH HOH A . 
E 4 HOH 92 2092 2092 HOH HOH A . 
# 
_pdbx_struct_assembly.id                   1 
_pdbx_struct_assembly.details              author_and_software_defined_assembly 
_pdbx_struct_assembly.method_details       PISA 
_pdbx_struct_assembly.oligomeric_details   monomeric 
_pdbx_struct_assembly.oligomeric_count     1 
# 
_pdbx_struct_assembly_gen.assembly_id       1 
_pdbx_struct_assembly_gen.oper_expression   1 
_pdbx_struct_assembly_gen.asym_id_list      A,B,C,D,E 
# 
_pdbx_struct_oper_list.id                   1 
_pdbx_struct_oper_list.type                 'identity operation' 
_pdbx_struct_oper_list.name                 1_555 
_pdbx_struct_oper_list.symmetry_operation   x,y,z 
_pdbx_struct_oper_list.matrix[1][1]         1.0000000000 
_pdbx_struct_oper_list.matrix[1][2]         0.0000000000 
_pdbx_struct_oper_list.matrix[1][3]         0.0000000000 
_pdbx_struct_oper_list.vector[1]            0.0000000000 
_pdbx_struct_oper_list.matrix[2][1]         0.0000000000 
_pdbx_struct_oper_list.matrix[2][2]         1.0000000000 
_pdbx_struct_oper_list.matrix[2][3]         0.0000000000 
_pdbx_struct_oper_list.vector[2]            0.0000000000 
_pdbx_struct_oper_list.matrix[3][1]         0.0000000000 
_pdbx_struct_oper_list.matrix[3][2]         0.0000000000 
_pdbx_struct_oper_list.matrix[3][3]         1.0000000000 
_pdbx_struct_oper_list.vector[3]            0.0000000000 
# 
loop_
_pdbx_struct_conn_angle.id 
_pdbx_struct_conn_angle.ptnr1_label_atom_id 
_pdbx_struct_conn_angle.ptnr1_label_alt_id 
_pdbx_struct_conn_angle.ptnr1_label_asym_id 
_pdbx_struct_conn_angle.ptnr1_label_comp_id 
_pdbx_struct_conn_angle.ptnr1_label_seq_id 
_pdbx_struct_conn_angle.ptnr1_auth_atom_id 
_pdbx_struct_conn_angle.ptnr1_auth_asym_id 
_pdbx_struct_conn_angle.ptnr1_auth_comp_id 
_pdbx_struct_conn_angle.ptnr1_auth_seq_id 
_pdbx_struct_conn_angle.ptnr1_PDB_ins_code 
_pdbx_struct_conn_angle.ptnr1_symmetry 
_pdbx_struct_conn_angle.ptnr2_label_atom_id 
_pdbx_struct_conn_angle.ptnr2_label_alt_id 
_pdbx_struct_conn_angle.ptnr2_label_asym_id 
_pdbx_struct_conn_angle.ptnr2_label_comp_id 
_pdbx_struct_conn_angle.ptnr2_label_seq_id 
_pdbx_struct_conn_angle.ptnr2_auth_atom_id 
_pdbx_struct_conn_angle.ptnr2_auth_asym_id 
_pdbx_struct_conn_angle.ptnr2_auth_comp_id 
_pdbx_struct_conn_angle.ptnr2_auth_seq_id 
_pdbx_struct_conn_angle.ptnr2_PDB_ins_code 
_pdbx_struct_conn_angle.ptnr2_symmetry 
_pdbx_struct_conn_angle.ptnr3_label_atom_id 
_pdbx_struct_conn_angle.ptnr3_label_alt_id 
_pdbx_struct_conn_angle.ptnr3_label_asym_id 
_pdbx_struct_conn_angle.ptnr3_label_comp_id 
_pdbx_struct_conn_angle.ptnr3_label_seq_id 
_pdbx_struct_conn_angle.ptnr3_auth_atom_id 
_pdbx_struct_conn_angle.ptnr3_auth_asym_id 
_pdbx_struct_conn_angle.ptnr3_auth_comp_id 
_pdbx_struct_conn_angle.ptnr3_auth_seq_id 
_pdbx_struct_conn_angle.ptnr3_PDB_ins_code 
_pdbx_struct_conn_angle.ptnr3_symmetry 
_pdbx_struct_conn_angle.value 
_pdbx_struct_conn_angle.value_esd 
1 O14 ? B CI1 . ? A CI1 801 ? 1_555 MN ? C MN . ? A MN 901 ? 1_555 OAO ? B CI1 . ? A CI1 801 ? 1_555 79.9 ? 
2 O13 ? B CI1 . ? A CI1 801 ? 1_555 MN ? D MN . ? A MN 902 ? 1_555 O14 ? B CI1 . ? A CI1 801 ? 1_555 84.9 ? 
# 
loop_
_pdbx_audit_revision_history.ordinal 
_pdbx_audit_revision_history.data_content_type 
_pdbx_audit_revision_history.major_revision 
_pdbx_audit_revision_history.minor_revision 
_pdbx_audit_revision_history.revision_date 
1 'Structure model' 1 0 2012-08-29 
2 'Structure model' 1 1 2023-12-20 
# 
_pdbx_audit_revision_details.ordinal             1 
_pdbx_audit_revision_details.revision_ordinal    1 
_pdbx_audit_revision_details.data_content_type   'Structure model' 
_pdbx_audit_revision_details.provider            repository 
_pdbx_audit_revision_details.type                'Initial release' 
_pdbx_audit_revision_details.description         ? 
_pdbx_audit_revision_details.details             ? 
# 
loop_
_pdbx_audit_revision_group.ordinal 
_pdbx_audit_revision_group.revision_ordinal 
_pdbx_audit_revision_group.data_content_type 
_pdbx_audit_revision_group.group 
1 2 'Structure model' 'Data collection'        
2 2 'Structure model' 'Database references'    
3 2 'Structure model' 'Derived calculations'   
4 2 'Structure model' Other                    
5 2 'Structure model' 'Refinement description' 
# 
loop_
_pdbx_audit_revision_category.ordinal 
_pdbx_audit_revision_category.revision_ordinal 
_pdbx_audit_revision_category.data_content_type 
_pdbx_audit_revision_category.category 
1 2 'Structure model' chem_comp_atom                
2 2 'Structure model' chem_comp_bond                
3 2 'Structure model' database_2                    
4 2 'Structure model' pdbx_database_status          
5 2 'Structure model' pdbx_initial_refinement_model 
6 2 'Structure model' pdbx_struct_conn_angle        
7 2 'Structure model' struct_conn                   
8 2 'Structure model' struct_site                   
# 
loop_
_pdbx_audit_revision_item.ordinal 
_pdbx_audit_revision_item.revision_ordinal 
_pdbx_audit_revision_item.data_content_type 
_pdbx_audit_revision_item.item 
1  2 'Structure model' '_database_2.pdbx_DOI'                        
2  2 'Structure model' '_database_2.pdbx_database_accession'         
3  2 'Structure model' '_pdbx_database_status.status_code_sf'        
4  2 'Structure model' '_pdbx_struct_conn_angle.ptnr1_label_atom_id' 
5  2 'Structure model' '_pdbx_struct_conn_angle.ptnr2_auth_seq_id'   
6  2 'Structure model' '_pdbx_struct_conn_angle.ptnr2_label_asym_id' 
7  2 'Structure model' '_pdbx_struct_conn_angle.ptnr3_label_atom_id' 
8  2 'Structure model' '_pdbx_struct_conn_angle.value'               
9  2 'Structure model' '_struct_conn.pdbx_dist_value'                
10 2 'Structure model' '_struct_conn.ptnr1_label_atom_id'            
11 2 'Structure model' '_struct_conn.ptnr2_auth_seq_id'              
12 2 'Structure model' '_struct_conn.ptnr2_label_asym_id'            
13 2 'Structure model' '_struct_site.pdbx_auth_asym_id'              
14 2 'Structure model' '_struct_site.pdbx_auth_comp_id'              
15 2 'Structure model' '_struct_site.pdbx_auth_seq_id'               
# 
loop_
_software.name 
_software.classification 
_software.version 
_software.citation_id 
_software.pdbx_ordinal 
REFMAC refinement       5.6.0116 ? 1 
XDS    'data reduction' .        ? 2 
XSCALE 'data scaling'   .        ? 3 
PHASER phasing          .        ? 4 
# 
_pdbx_entry_details.entry_id                 4AWK 
_pdbx_entry_details.compound_details         ? 
_pdbx_entry_details.source_details           ? 
_pdbx_entry_details.nonpolymer_details       ? 
_pdbx_entry_details.sequence_details         
;ADDITIONAL MGSGMA AT N-TERMINUS. INTERNAL DELETION OF
RESIDUES 52-64 AND REPLACEMENT WITH A GLYCINE
;
_pdbx_entry_details.has_ligand_of_interest   ? 
# 
_pdbx_validate_symm_contact.id                1 
_pdbx_validate_symm_contact.PDB_model_num     1 
_pdbx_validate_symm_contact.auth_atom_id_1    O 
_pdbx_validate_symm_contact.auth_asym_id_1    A 
_pdbx_validate_symm_contact.auth_comp_id_1    HOH 
_pdbx_validate_symm_contact.auth_seq_id_1     2026 
_pdbx_validate_symm_contact.PDB_ins_code_1    ? 
_pdbx_validate_symm_contact.label_alt_id_1    ? 
_pdbx_validate_symm_contact.site_symmetry_1   1_555 
_pdbx_validate_symm_contact.auth_atom_id_2    O 
_pdbx_validate_symm_contact.auth_asym_id_2    A 
_pdbx_validate_symm_contact.auth_comp_id_2    HOH 
_pdbx_validate_symm_contact.auth_seq_id_2     2026 
_pdbx_validate_symm_contact.PDB_ins_code_2    ? 
_pdbx_validate_symm_contact.label_alt_id_2    ? 
_pdbx_validate_symm_contact.site_symmetry_2   9_765 
_pdbx_validate_symm_contact.dist              2.11 
# 
_pdbx_validate_torsion.id              1 
_pdbx_validate_torsion.PDB_model_num   1 
_pdbx_validate_torsion.auth_comp_id    THR 
_pdbx_validate_torsion.auth_asym_id    A 
_pdbx_validate_torsion.auth_seq_id     162 
_pdbx_validate_torsion.PDB_ins_code    ? 
_pdbx_validate_torsion.label_alt_id    ? 
_pdbx_validate_torsion.phi             65.34 
_pdbx_validate_torsion.psi             -61.00 
# 
_pdbx_validate_polymer_linkage.id               1 
_pdbx_validate_polymer_linkage.PDB_model_num    1 
_pdbx_validate_polymer_linkage.auth_atom_id_1   C 
_pdbx_validate_polymer_linkage.auth_asym_id_1   A 
_pdbx_validate_polymer_linkage.auth_comp_id_1   GLY 
_pdbx_validate_polymer_linkage.auth_seq_id_1    52 
_pdbx_validate_polymer_linkage.PDB_ins_code_1   ? 
_pdbx_validate_polymer_linkage.label_alt_id_1   ? 
_pdbx_validate_polymer_linkage.auth_atom_id_2   N 
_pdbx_validate_polymer_linkage.auth_asym_id_2   A 
_pdbx_validate_polymer_linkage.auth_comp_id_2   HIS 
_pdbx_validate_polymer_linkage.auth_seq_id_2    74 
_pdbx_validate_polymer_linkage.PDB_ins_code_2   ? 
_pdbx_validate_polymer_linkage.label_alt_id_2   ? 
_pdbx_validate_polymer_linkage.dist             4.27 
# 
loop_
_pdbx_unobs_or_zero_occ_residues.id 
_pdbx_unobs_or_zero_occ_residues.PDB_model_num 
_pdbx_unobs_or_zero_occ_residues.polymer_flag 
_pdbx_unobs_or_zero_occ_residues.occupancy_flag 
_pdbx_unobs_or_zero_occ_residues.auth_asym_id 
_pdbx_unobs_or_zero_occ_residues.auth_comp_id 
_pdbx_unobs_or_zero_occ_residues.auth_seq_id 
_pdbx_unobs_or_zero_occ_residues.PDB_ins_code 
_pdbx_unobs_or_zero_occ_residues.label_asym_id 
_pdbx_unobs_or_zero_occ_residues.label_comp_id 
_pdbx_unobs_or_zero_occ_residues.label_seq_id 
1 1 Y 1 A MET -5  ? A MET 1   
2 1 Y 1 A GLY -4  ? A GLY 2   
3 1 Y 1 A SER -3  ? A SER 3   
4 1 Y 1 A GLY -2  ? A GLY 4   
5 1 Y 1 A MET -1  ? A MET 5   
6 1 Y 1 A SER 140 ? A SER 125 
7 1 Y 1 A ARG 196 ? A ARG 181 
8 1 Y 1 A GLY 197 ? A GLY 182 
9 1 Y 1 A GLU 198 ? A GLU 183 
# 
loop_
_chem_comp_atom.comp_id 
_chem_comp_atom.atom_id 
_chem_comp_atom.type_symbol 
_chem_comp_atom.pdbx_aromatic_flag 
_chem_comp_atom.pdbx_stereo_config 
_chem_comp_atom.pdbx_ordinal 
ALA N    N  N N 1   
ALA CA   C  N S 2   
ALA C    C  N N 3   
ALA O    O  N N 4   
ALA CB   C  N N 5   
ALA OXT  O  N N 6   
ALA H    H  N N 7   
ALA H2   H  N N 8   
ALA HA   H  N N 9   
ALA HB1  H  N N 10  
ALA HB2  H  N N 11  
ALA HB3  H  N N 12  
ALA HXT  H  N N 13  
ARG N    N  N N 14  
ARG CA   C  N S 15  
ARG C    C  N N 16  
ARG O    O  N N 17  
ARG CB   C  N N 18  
ARG CG   C  N N 19  
ARG CD   C  N N 20  
ARG NE   N  N N 21  
ARG CZ   C  N N 22  
ARG NH1  N  N N 23  
ARG NH2  N  N N 24  
ARG OXT  O  N N 25  
ARG H    H  N N 26  
ARG H2   H  N N 27  
ARG HA   H  N N 28  
ARG HB2  H  N N 29  
ARG HB3  H  N N 30  
ARG HG2  H  N N 31  
ARG HG3  H  N N 32  
ARG HD2  H  N N 33  
ARG HD3  H  N N 34  
ARG HE   H  N N 35  
ARG HH11 H  N N 36  
ARG HH12 H  N N 37  
ARG HH21 H  N N 38  
ARG HH22 H  N N 39  
ARG HXT  H  N N 40  
ASN N    N  N N 41  
ASN CA   C  N S 42  
ASN C    C  N N 43  
ASN O    O  N N 44  
ASN CB   C  N N 45  
ASN CG   C  N N 46  
ASN OD1  O  N N 47  
ASN ND2  N  N N 48  
ASN OXT  O  N N 49  
ASN H    H  N N 50  
ASN H2   H  N N 51  
ASN HA   H  N N 52  
ASN HB2  H  N N 53  
ASN HB3  H  N N 54  
ASN HD21 H  N N 55  
ASN HD22 H  N N 56  
ASN HXT  H  N N 57  
ASP N    N  N N 58  
ASP CA   C  N S 59  
ASP C    C  N N 60  
ASP O    O  N N 61  
ASP CB   C  N N 62  
ASP CG   C  N N 63  
ASP OD1  O  N N 64  
ASP OD2  O  N N 65  
ASP OXT  O  N N 66  
ASP H    H  N N 67  
ASP H2   H  N N 68  
ASP HA   H  N N 69  
ASP HB2  H  N N 70  
ASP HB3  H  N N 71  
ASP HD2  H  N N 72  
ASP HXT  H  N N 73  
CI1 O32  O  N N 74  
CI1 S30  S  N N 75  
CI1 O31  O  N N 76  
CI1 CP   C  N N 77  
CI1 CGB  C  Y N 78  
CI1 CD2  C  Y N 79  
CI1 CE2  C  Y N 80  
CI1 CZ   C  Y N 81  
CI1 CE1  C  Y N 82  
CI1 CD1  C  Y N 83  
CI1 NJ   N  N N 84  
CI1 CI   C  N N 85  
CI1 CK   C  N N 86  
CI1 CG   C  N N 87  
CI1 CH   C  N N 88  
CI1 CF   C  N S 89  
CI1 CB   C  N N 90  
CI1 O13  O  N N 91  
CI1 CM   C  N N 92  
CI1 CA   C  N N 93  
CI1 O14  O  N N 94  
CI1 CE   C  N N 95  
CI1 OAN  O  N N 96  
CI1 OAO  O  N N 97  
CI1 CO   C  N N 98  
CI1 CGA  C  Y N 99  
CI1 CDB  C  Y N 100 
CI1 CEB  C  Y N 101 
CI1 CDA  C  Y N 102 
CI1 CEA  C  Y N 103 
CI1 CZB  C  Y N 104 
CI1 CL   CL N N 105 
CI1 HP1C H  N N 106 
CI1 HP2C H  N N 107 
CI1 HD2  H  N N 108 
CI1 HD1  H  N N 109 
CI1 HE2  H  N N 110 
CI1 HZ   H  N N 111 
CI1 HE1  H  N N 112 
CI1 HI1C H  N N 113 
CI1 HI2C H  N N 114 
CI1 HH1C H  N N 115 
CI1 HH2C H  N N 116 
CI1 HK1C H  N N 117 
CI1 HK2C H  N N 118 
CI1 HG1C H  N N 119 
CI1 HG2C H  N N 120 
CI1 HO1C H  N N 121 
CI1 HO2C H  N N 122 
CI1 HM   H  N N 123 
CI1 H14  H  N N 124 
CI1 HAN  H  N N 125 
CI1 HDB  H  N N 126 
CI1 HDA  H  N N 127 
CI1 HEB  H  N N 128 
CI1 HEA  H  N N 129 
CYS N    N  N N 130 
CYS CA   C  N R 131 
CYS C    C  N N 132 
CYS O    O  N N 133 
CYS CB   C  N N 134 
CYS SG   S  N N 135 
CYS OXT  O  N N 136 
CYS H    H  N N 137 
CYS H2   H  N N 138 
CYS HA   H  N N 139 
CYS HB2  H  N N 140 
CYS HB3  H  N N 141 
CYS HG   H  N N 142 
CYS HXT  H  N N 143 
GLN N    N  N N 144 
GLN CA   C  N S 145 
GLN C    C  N N 146 
GLN O    O  N N 147 
GLN CB   C  N N 148 
GLN CG   C  N N 149 
GLN CD   C  N N 150 
GLN OE1  O  N N 151 
GLN NE2  N  N N 152 
GLN OXT  O  N N 153 
GLN H    H  N N 154 
GLN H2   H  N N 155 
GLN HA   H  N N 156 
GLN HB2  H  N N 157 
GLN HB3  H  N N 158 
GLN HG2  H  N N 159 
GLN HG3  H  N N 160 
GLN HE21 H  N N 161 
GLN HE22 H  N N 162 
GLN HXT  H  N N 163 
GLU N    N  N N 164 
GLU CA   C  N S 165 
GLU C    C  N N 166 
GLU O    O  N N 167 
GLU CB   C  N N 168 
GLU CG   C  N N 169 
GLU CD   C  N N 170 
GLU OE1  O  N N 171 
GLU OE2  O  N N 172 
GLU OXT  O  N N 173 
GLU H    H  N N 174 
GLU H2   H  N N 175 
GLU HA   H  N N 176 
GLU HB2  H  N N 177 
GLU HB3  H  N N 178 
GLU HG2  H  N N 179 
GLU HG3  H  N N 180 
GLU HE2  H  N N 181 
GLU HXT  H  N N 182 
GLY N    N  N N 183 
GLY CA   C  N N 184 
GLY C    C  N N 185 
GLY O    O  N N 186 
GLY OXT  O  N N 187 
GLY H    H  N N 188 
GLY H2   H  N N 189 
GLY HA2  H  N N 190 
GLY HA3  H  N N 191 
GLY HXT  H  N N 192 
HIS N    N  N N 193 
HIS CA   C  N S 194 
HIS C    C  N N 195 
HIS O    O  N N 196 
HIS CB   C  N N 197 
HIS CG   C  Y N 198 
HIS ND1  N  Y N 199 
HIS CD2  C  Y N 200 
HIS CE1  C  Y N 201 
HIS NE2  N  Y N 202 
HIS OXT  O  N N 203 
HIS H    H  N N 204 
HIS H2   H  N N 205 
HIS HA   H  N N 206 
HIS HB2  H  N N 207 
HIS HB3  H  N N 208 
HIS HD1  H  N N 209 
HIS HD2  H  N N 210 
HIS HE1  H  N N 211 
HIS HE2  H  N N 212 
HIS HXT  H  N N 213 
HOH O    O  N N 214 
HOH H1   H  N N 215 
HOH H2   H  N N 216 
ILE N    N  N N 217 
ILE CA   C  N S 218 
ILE C    C  N N 219 
ILE O    O  N N 220 
ILE CB   C  N S 221 
ILE CG1  C  N N 222 
ILE CG2  C  N N 223 
ILE CD1  C  N N 224 
ILE OXT  O  N N 225 
ILE H    H  N N 226 
ILE H2   H  N N 227 
ILE HA   H  N N 228 
ILE HB   H  N N 229 
ILE HG12 H  N N 230 
ILE HG13 H  N N 231 
ILE HG21 H  N N 232 
ILE HG22 H  N N 233 
ILE HG23 H  N N 234 
ILE HD11 H  N N 235 
ILE HD12 H  N N 236 
ILE HD13 H  N N 237 
ILE HXT  H  N N 238 
LEU N    N  N N 239 
LEU CA   C  N S 240 
LEU C    C  N N 241 
LEU O    O  N N 242 
LEU CB   C  N N 243 
LEU CG   C  N N 244 
LEU CD1  C  N N 245 
LEU CD2  C  N N 246 
LEU OXT  O  N N 247 
LEU H    H  N N 248 
LEU H2   H  N N 249 
LEU HA   H  N N 250 
LEU HB2  H  N N 251 
LEU HB3  H  N N 252 
LEU HG   H  N N 253 
LEU HD11 H  N N 254 
LEU HD12 H  N N 255 
LEU HD13 H  N N 256 
LEU HD21 H  N N 257 
LEU HD22 H  N N 258 
LEU HD23 H  N N 259 
LEU HXT  H  N N 260 
LYS N    N  N N 261 
LYS CA   C  N S 262 
LYS C    C  N N 263 
LYS O    O  N N 264 
LYS CB   C  N N 265 
LYS CG   C  N N 266 
LYS CD   C  N N 267 
LYS CE   C  N N 268 
LYS NZ   N  N N 269 
LYS OXT  O  N N 270 
LYS H    H  N N 271 
LYS H2   H  N N 272 
LYS HA   H  N N 273 
LYS HB2  H  N N 274 
LYS HB3  H  N N 275 
LYS HG2  H  N N 276 
LYS HG3  H  N N 277 
LYS HD2  H  N N 278 
LYS HD3  H  N N 279 
LYS HE2  H  N N 280 
LYS HE3  H  N N 281 
LYS HZ1  H  N N 282 
LYS HZ2  H  N N 283 
LYS HZ3  H  N N 284 
LYS HXT  H  N N 285 
MET N    N  N N 286 
MET CA   C  N S 287 
MET C    C  N N 288 
MET O    O  N N 289 
MET CB   C  N N 290 
MET CG   C  N N 291 
MET SD   S  N N 292 
MET CE   C  N N 293 
MET OXT  O  N N 294 
MET H    H  N N 295 
MET H2   H  N N 296 
MET HA   H  N N 297 
MET HB2  H  N N 298 
MET HB3  H  N N 299 
MET HG2  H  N N 300 
MET HG3  H  N N 301 
MET HE1  H  N N 302 
MET HE2  H  N N 303 
MET HE3  H  N N 304 
MET HXT  H  N N 305 
MN  MN   MN N N 306 
PHE N    N  N N 307 
PHE CA   C  N S 308 
PHE C    C  N N 309 
PHE O    O  N N 310 
PHE CB   C  N N 311 
PHE CG   C  Y N 312 
PHE CD1  C  Y N 313 
PHE CD2  C  Y N 314 
PHE CE1  C  Y N 315 
PHE CE2  C  Y N 316 
PHE CZ   C  Y N 317 
PHE OXT  O  N N 318 
PHE H    H  N N 319 
PHE H2   H  N N 320 
PHE HA   H  N N 321 
PHE HB2  H  N N 322 
PHE HB3  H  N N 323 
PHE HD1  H  N N 324 
PHE HD2  H  N N 325 
PHE HE1  H  N N 326 
PHE HE2  H  N N 327 
PHE HZ   H  N N 328 
PHE HXT  H  N N 329 
PRO N    N  N N 330 
PRO CA   C  N S 331 
PRO C    C  N N 332 
PRO O    O  N N 333 
PRO CB   C  N N 334 
PRO CG   C  N N 335 
PRO CD   C  N N 336 
PRO OXT  O  N N 337 
PRO H    H  N N 338 
PRO HA   H  N N 339 
PRO HB2  H  N N 340 
PRO HB3  H  N N 341 
PRO HG2  H  N N 342 
PRO HG3  H  N N 343 
PRO HD2  H  N N 344 
PRO HD3  H  N N 345 
PRO HXT  H  N N 346 
SER N    N  N N 347 
SER CA   C  N S 348 
SER C    C  N N 349 
SER O    O  N N 350 
SER CB   C  N N 351 
SER OG   O  N N 352 
SER OXT  O  N N 353 
SER H    H  N N 354 
SER H2   H  N N 355 
SER HA   H  N N 356 
SER HB2  H  N N 357 
SER HB3  H  N N 358 
SER HG   H  N N 359 
SER HXT  H  N N 360 
THR N    N  N N 361 
THR CA   C  N S 362 
THR C    C  N N 363 
THR O    O  N N 364 
THR CB   C  N R 365 
THR OG1  O  N N 366 
THR CG2  C  N N 367 
THR OXT  O  N N 368 
THR H    H  N N 369 
THR H2   H  N N 370 
THR HA   H  N N 371 
THR HB   H  N N 372 
THR HG1  H  N N 373 
THR HG21 H  N N 374 
THR HG22 H  N N 375 
THR HG23 H  N N 376 
THR HXT  H  N N 377 
TRP N    N  N N 378 
TRP CA   C  N S 379 
TRP C    C  N N 380 
TRP O    O  N N 381 
TRP CB   C  N N 382 
TRP CG   C  Y N 383 
TRP CD1  C  Y N 384 
TRP CD2  C  Y N 385 
TRP NE1  N  Y N 386 
TRP CE2  C  Y N 387 
TRP CE3  C  Y N 388 
TRP CZ2  C  Y N 389 
TRP CZ3  C  Y N 390 
TRP CH2  C  Y N 391 
TRP OXT  O  N N 392 
TRP H    H  N N 393 
TRP H2   H  N N 394 
TRP HA   H  N N 395 
TRP HB2  H  N N 396 
TRP HB3  H  N N 397 
TRP HD1  H  N N 398 
TRP HE1  H  N N 399 
TRP HE3  H  N N 400 
TRP HZ2  H  N N 401 
TRP HZ3  H  N N 402 
TRP HH2  H  N N 403 
TRP HXT  H  N N 404 
TYR N    N  N N 405 
TYR CA   C  N S 406 
TYR C    C  N N 407 
TYR O    O  N N 408 
TYR CB   C  N N 409 
TYR CG   C  Y N 410 
TYR CD1  C  Y N 411 
TYR CD2  C  Y N 412 
TYR CE1  C  Y N 413 
TYR CE2  C  Y N 414 
TYR CZ   C  Y N 415 
TYR OH   O  N N 416 
TYR OXT  O  N N 417 
TYR H    H  N N 418 
TYR H2   H  N N 419 
TYR HA   H  N N 420 
TYR HB2  H  N N 421 
TYR HB3  H  N N 422 
TYR HD1  H  N N 423 
TYR HD2  H  N N 424 
TYR HE1  H  N N 425 
TYR HE2  H  N N 426 
TYR HH   H  N N 427 
TYR HXT  H  N N 428 
VAL N    N  N N 429 
VAL CA   C  N S 430 
VAL C    C  N N 431 
VAL O    O  N N 432 
VAL CB   C  N N 433 
VAL CG1  C  N N 434 
VAL CG2  C  N N 435 
VAL OXT  O  N N 436 
VAL H    H  N N 437 
VAL H2   H  N N 438 
VAL HA   H  N N 439 
VAL HB   H  N N 440 
VAL HG11 H  N N 441 
VAL HG12 H  N N 442 
VAL HG13 H  N N 443 
VAL HG21 H  N N 444 
VAL HG22 H  N N 445 
VAL HG23 H  N N 446 
VAL HXT  H  N N 447 
# 
loop_
_chem_comp_bond.comp_id 
_chem_comp_bond.atom_id_1 
_chem_comp_bond.atom_id_2 
_chem_comp_bond.value_order 
_chem_comp_bond.pdbx_aromatic_flag 
_chem_comp_bond.pdbx_stereo_config 
_chem_comp_bond.pdbx_ordinal 
ALA N   CA   sing N N 1   
ALA N   H    sing N N 2   
ALA N   H2   sing N N 3   
ALA CA  C    sing N N 4   
ALA CA  CB   sing N N 5   
ALA CA  HA   sing N N 6   
ALA C   O    doub N N 7   
ALA C   OXT  sing N N 8   
ALA CB  HB1  sing N N 9   
ALA CB  HB2  sing N N 10  
ALA CB  HB3  sing N N 11  
ALA OXT HXT  sing N N 12  
ARG N   CA   sing N N 13  
ARG N   H    sing N N 14  
ARG N   H2   sing N N 15  
ARG CA  C    sing N N 16  
ARG CA  CB   sing N N 17  
ARG CA  HA   sing N N 18  
ARG C   O    doub N N 19  
ARG C   OXT  sing N N 20  
ARG CB  CG   sing N N 21  
ARG CB  HB2  sing N N 22  
ARG CB  HB3  sing N N 23  
ARG CG  CD   sing N N 24  
ARG CG  HG2  sing N N 25  
ARG CG  HG3  sing N N 26  
ARG CD  NE   sing N N 27  
ARG CD  HD2  sing N N 28  
ARG CD  HD3  sing N N 29  
ARG NE  CZ   sing N N 30  
ARG NE  HE   sing N N 31  
ARG CZ  NH1  sing N N 32  
ARG CZ  NH2  doub N N 33  
ARG NH1 HH11 sing N N 34  
ARG NH1 HH12 sing N N 35  
ARG NH2 HH21 sing N N 36  
ARG NH2 HH22 sing N N 37  
ARG OXT HXT  sing N N 38  
ASN N   CA   sing N N 39  
ASN N   H    sing N N 40  
ASN N   H2   sing N N 41  
ASN CA  C    sing N N 42  
ASN CA  CB   sing N N 43  
ASN CA  HA   sing N N 44  
ASN C   O    doub N N 45  
ASN C   OXT  sing N N 46  
ASN CB  CG   sing N N 47  
ASN CB  HB2  sing N N 48  
ASN CB  HB3  sing N N 49  
ASN CG  OD1  doub N N 50  
ASN CG  ND2  sing N N 51  
ASN ND2 HD21 sing N N 52  
ASN ND2 HD22 sing N N 53  
ASN OXT HXT  sing N N 54  
ASP N   CA   sing N N 55  
ASP N   H    sing N N 56  
ASP N   H2   sing N N 57  
ASP CA  C    sing N N 58  
ASP CA  CB   sing N N 59  
ASP CA  HA   sing N N 60  
ASP C   O    doub N N 61  
ASP C   OXT  sing N N 62  
ASP CB  CG   sing N N 63  
ASP CB  HB2  sing N N 64  
ASP CB  HB3  sing N N 65  
ASP CG  OD1  doub N N 66  
ASP CG  OD2  sing N N 67  
ASP OD2 HD2  sing N N 68  
ASP OXT HXT  sing N N 69  
CI1 O32 S30  doub N N 70  
CI1 S30 O31  doub N N 71  
CI1 S30 CP   sing N N 72  
CI1 S30 NJ   sing N N 73  
CI1 CP  CGB  sing N N 74  
CI1 CGB CD2  sing Y N 75  
CI1 CGB CD1  doub Y N 76  
CI1 CD2 CE2  doub Y N 77  
CI1 CE2 CZ   sing Y N 78  
CI1 CZ  CE1  doub Y N 79  
CI1 CE1 CD1  sing Y N 80  
CI1 NJ  CI   sing N N 81  
CI1 NJ  CH   sing N N 82  
CI1 CI  CK   sing N N 83  
CI1 CK  CG   sing N N 84  
CI1 CG  CF   sing N N 85  
CI1 CH  CF   sing N N 86  
CI1 CF  CB   sing N N 87  
CI1 CF  CO   sing N N 88  
CI1 CB  O13  doub N N 89  
CI1 CB  CM   sing N N 90  
CI1 CM  CA   doub N Z 91  
CI1 CA  O14  sing N N 92  
CI1 CA  CE   sing N N 93  
CI1 CE  OAN  sing N N 94  
CI1 CE  OAO  doub N N 95  
CI1 CO  CGA  sing N N 96  
CI1 CGA CDB  sing Y N 97  
CI1 CGA CDA  doub Y N 98  
CI1 CDB CEB  doub Y N 99  
CI1 CEB CZB  sing Y N 100 
CI1 CDA CEA  sing Y N 101 
CI1 CEA CZB  doub Y N 102 
CI1 CZB CL   sing N N 103 
CI1 CP  HP1C sing N N 104 
CI1 CP  HP2C sing N N 105 
CI1 CD2 HD2  sing N N 106 
CI1 CD1 HD1  sing N N 107 
CI1 CE2 HE2  sing N N 108 
CI1 CZ  HZ   sing N N 109 
CI1 CE1 HE1  sing N N 110 
CI1 CI  HI1C sing N N 111 
CI1 CI  HI2C sing N N 112 
CI1 CH  HH1C sing N N 113 
CI1 CH  HH2C sing N N 114 
CI1 CK  HK1C sing N N 115 
CI1 CK  HK2C sing N N 116 
CI1 CG  HG1C sing N N 117 
CI1 CG  HG2C sing N N 118 
CI1 CO  HO1C sing N N 119 
CI1 CO  HO2C sing N N 120 
CI1 CM  HM   sing N N 121 
CI1 O14 H14  sing N N 122 
CI1 OAN HAN  sing N N 123 
CI1 CDB HDB  sing N N 124 
CI1 CDA HDA  sing N N 125 
CI1 CEB HEB  sing N N 126 
CI1 CEA HEA  sing N N 127 
CYS N   CA   sing N N 128 
CYS N   H    sing N N 129 
CYS N   H2   sing N N 130 
CYS CA  C    sing N N 131 
CYS CA  CB   sing N N 132 
CYS CA  HA   sing N N 133 
CYS C   O    doub N N 134 
CYS C   OXT  sing N N 135 
CYS CB  SG   sing N N 136 
CYS CB  HB2  sing N N 137 
CYS CB  HB3  sing N N 138 
CYS SG  HG   sing N N 139 
CYS OXT HXT  sing N N 140 
GLN N   CA   sing N N 141 
GLN N   H    sing N N 142 
GLN N   H2   sing N N 143 
GLN CA  C    sing N N 144 
GLN CA  CB   sing N N 145 
GLN CA  HA   sing N N 146 
GLN C   O    doub N N 147 
GLN C   OXT  sing N N 148 
GLN CB  CG   sing N N 149 
GLN CB  HB2  sing N N 150 
GLN CB  HB3  sing N N 151 
GLN CG  CD   sing N N 152 
GLN CG  HG2  sing N N 153 
GLN CG  HG3  sing N N 154 
GLN CD  OE1  doub N N 155 
GLN CD  NE2  sing N N 156 
GLN NE2 HE21 sing N N 157 
GLN NE2 HE22 sing N N 158 
GLN OXT HXT  sing N N 159 
GLU N   CA   sing N N 160 
GLU N   H    sing N N 161 
GLU N   H2   sing N N 162 
GLU CA  C    sing N N 163 
GLU CA  CB   sing N N 164 
GLU CA  HA   sing N N 165 
GLU C   O    doub N N 166 
GLU C   OXT  sing N N 167 
GLU CB  CG   sing N N 168 
GLU CB  HB2  sing N N 169 
GLU CB  HB3  sing N N 170 
GLU CG  CD   sing N N 171 
GLU CG  HG2  sing N N 172 
GLU CG  HG3  sing N N 173 
GLU CD  OE1  doub N N 174 
GLU CD  OE2  sing N N 175 
GLU OE2 HE2  sing N N 176 
GLU OXT HXT  sing N N 177 
GLY N   CA   sing N N 178 
GLY N   H    sing N N 179 
GLY N   H2   sing N N 180 
GLY CA  C    sing N N 181 
GLY CA  HA2  sing N N 182 
GLY CA  HA3  sing N N 183 
GLY C   O    doub N N 184 
GLY C   OXT  sing N N 185 
GLY OXT HXT  sing N N 186 
HIS N   CA   sing N N 187 
HIS N   H    sing N N 188 
HIS N   H2   sing N N 189 
HIS CA  C    sing N N 190 
HIS CA  CB   sing N N 191 
HIS CA  HA   sing N N 192 
HIS C   O    doub N N 193 
HIS C   OXT  sing N N 194 
HIS CB  CG   sing N N 195 
HIS CB  HB2  sing N N 196 
HIS CB  HB3  sing N N 197 
HIS CG  ND1  sing Y N 198 
HIS CG  CD2  doub Y N 199 
HIS ND1 CE1  doub Y N 200 
HIS ND1 HD1  sing N N 201 
HIS CD2 NE2  sing Y N 202 
HIS CD2 HD2  sing N N 203 
HIS CE1 NE2  sing Y N 204 
HIS CE1 HE1  sing N N 205 
HIS NE2 HE2  sing N N 206 
HIS OXT HXT  sing N N 207 
HOH O   H1   sing N N 208 
HOH O   H2   sing N N 209 
ILE N   CA   sing N N 210 
ILE N   H    sing N N 211 
ILE N   H2   sing N N 212 
ILE CA  C    sing N N 213 
ILE CA  CB   sing N N 214 
ILE CA  HA   sing N N 215 
ILE C   O    doub N N 216 
ILE C   OXT  sing N N 217 
ILE CB  CG1  sing N N 218 
ILE CB  CG2  sing N N 219 
ILE CB  HB   sing N N 220 
ILE CG1 CD1  sing N N 221 
ILE CG1 HG12 sing N N 222 
ILE CG1 HG13 sing N N 223 
ILE CG2 HG21 sing N N 224 
ILE CG2 HG22 sing N N 225 
ILE CG2 HG23 sing N N 226 
ILE CD1 HD11 sing N N 227 
ILE CD1 HD12 sing N N 228 
ILE CD1 HD13 sing N N 229 
ILE OXT HXT  sing N N 230 
LEU N   CA   sing N N 231 
LEU N   H    sing N N 232 
LEU N   H2   sing N N 233 
LEU CA  C    sing N N 234 
LEU CA  CB   sing N N 235 
LEU CA  HA   sing N N 236 
LEU C   O    doub N N 237 
LEU C   OXT  sing N N 238 
LEU CB  CG   sing N N 239 
LEU CB  HB2  sing N N 240 
LEU CB  HB3  sing N N 241 
LEU CG  CD1  sing N N 242 
LEU CG  CD2  sing N N 243 
LEU CG  HG   sing N N 244 
LEU CD1 HD11 sing N N 245 
LEU CD1 HD12 sing N N 246 
LEU CD1 HD13 sing N N 247 
LEU CD2 HD21 sing N N 248 
LEU CD2 HD22 sing N N 249 
LEU CD2 HD23 sing N N 250 
LEU OXT HXT  sing N N 251 
LYS N   CA   sing N N 252 
LYS N   H    sing N N 253 
LYS N   H2   sing N N 254 
LYS CA  C    sing N N 255 
LYS CA  CB   sing N N 256 
LYS CA  HA   sing N N 257 
LYS C   O    doub N N 258 
LYS C   OXT  sing N N 259 
LYS CB  CG   sing N N 260 
LYS CB  HB2  sing N N 261 
LYS CB  HB3  sing N N 262 
LYS CG  CD   sing N N 263 
LYS CG  HG2  sing N N 264 
LYS CG  HG3  sing N N 265 
LYS CD  CE   sing N N 266 
LYS CD  HD2  sing N N 267 
LYS CD  HD3  sing N N 268 
LYS CE  NZ   sing N N 269 
LYS CE  HE2  sing N N 270 
LYS CE  HE3  sing N N 271 
LYS NZ  HZ1  sing N N 272 
LYS NZ  HZ2  sing N N 273 
LYS NZ  HZ3  sing N N 274 
LYS OXT HXT  sing N N 275 
MET N   CA   sing N N 276 
MET N   H    sing N N 277 
MET N   H2   sing N N 278 
MET CA  C    sing N N 279 
MET CA  CB   sing N N 280 
MET CA  HA   sing N N 281 
MET C   O    doub N N 282 
MET C   OXT  sing N N 283 
MET CB  CG   sing N N 284 
MET CB  HB2  sing N N 285 
MET CB  HB3  sing N N 286 
MET CG  SD   sing N N 287 
MET CG  HG2  sing N N 288 
MET CG  HG3  sing N N 289 
MET SD  CE   sing N N 290 
MET CE  HE1  sing N N 291 
MET CE  HE2  sing N N 292 
MET CE  HE3  sing N N 293 
MET OXT HXT  sing N N 294 
PHE N   CA   sing N N 295 
PHE N   H    sing N N 296 
PHE N   H2   sing N N 297 
PHE CA  C    sing N N 298 
PHE CA  CB   sing N N 299 
PHE CA  HA   sing N N 300 
PHE C   O    doub N N 301 
PHE C   OXT  sing N N 302 
PHE CB  CG   sing N N 303 
PHE CB  HB2  sing N N 304 
PHE CB  HB3  sing N N 305 
PHE CG  CD1  doub Y N 306 
PHE CG  CD2  sing Y N 307 
PHE CD1 CE1  sing Y N 308 
PHE CD1 HD1  sing N N 309 
PHE CD2 CE2  doub Y N 310 
PHE CD2 HD2  sing N N 311 
PHE CE1 CZ   doub Y N 312 
PHE CE1 HE1  sing N N 313 
PHE CE2 CZ   sing Y N 314 
PHE CE2 HE2  sing N N 315 
PHE CZ  HZ   sing N N 316 
PHE OXT HXT  sing N N 317 
PRO N   CA   sing N N 318 
PRO N   CD   sing N N 319 
PRO N   H    sing N N 320 
PRO CA  C    sing N N 321 
PRO CA  CB   sing N N 322 
PRO CA  HA   sing N N 323 
PRO C   O    doub N N 324 
PRO C   OXT  sing N N 325 
PRO CB  CG   sing N N 326 
PRO CB  HB2  sing N N 327 
PRO CB  HB3  sing N N 328 
PRO CG  CD   sing N N 329 
PRO CG  HG2  sing N N 330 
PRO CG  HG3  sing N N 331 
PRO CD  HD2  sing N N 332 
PRO CD  HD3  sing N N 333 
PRO OXT HXT  sing N N 334 
SER N   CA   sing N N 335 
SER N   H    sing N N 336 
SER N   H2   sing N N 337 
SER CA  C    sing N N 338 
SER CA  CB   sing N N 339 
SER CA  HA   sing N N 340 
SER C   O    doub N N 341 
SER C   OXT  sing N N 342 
SER CB  OG   sing N N 343 
SER CB  HB2  sing N N 344 
SER CB  HB3  sing N N 345 
SER OG  HG   sing N N 346 
SER OXT HXT  sing N N 347 
THR N   CA   sing N N 348 
THR N   H    sing N N 349 
THR N   H2   sing N N 350 
THR CA  C    sing N N 351 
THR CA  CB   sing N N 352 
THR CA  HA   sing N N 353 
THR C   O    doub N N 354 
THR C   OXT  sing N N 355 
THR CB  OG1  sing N N 356 
THR CB  CG2  sing N N 357 
THR CB  HB   sing N N 358 
THR OG1 HG1  sing N N 359 
THR CG2 HG21 sing N N 360 
THR CG2 HG22 sing N N 361 
THR CG2 HG23 sing N N 362 
THR OXT HXT  sing N N 363 
TRP N   CA   sing N N 364 
TRP N   H    sing N N 365 
TRP N   H2   sing N N 366 
TRP CA  C    sing N N 367 
TRP CA  CB   sing N N 368 
TRP CA  HA   sing N N 369 
TRP C   O    doub N N 370 
TRP C   OXT  sing N N 371 
TRP CB  CG   sing N N 372 
TRP CB  HB2  sing N N 373 
TRP CB  HB3  sing N N 374 
TRP CG  CD1  doub Y N 375 
TRP CG  CD2  sing Y N 376 
TRP CD1 NE1  sing Y N 377 
TRP CD1 HD1  sing N N 378 
TRP CD2 CE2  doub Y N 379 
TRP CD2 CE3  sing Y N 380 
TRP NE1 CE2  sing Y N 381 
TRP NE1 HE1  sing N N 382 
TRP CE2 CZ2  sing Y N 383 
TRP CE3 CZ3  doub Y N 384 
TRP CE3 HE3  sing N N 385 
TRP CZ2 CH2  doub Y N 386 
TRP CZ2 HZ2  sing N N 387 
TRP CZ3 CH2  sing Y N 388 
TRP CZ3 HZ3  sing N N 389 
TRP CH2 HH2  sing N N 390 
TRP OXT HXT  sing N N 391 
TYR N   CA   sing N N 392 
TYR N   H    sing N N 393 
TYR N   H2   sing N N 394 
TYR CA  C    sing N N 395 
TYR CA  CB   sing N N 396 
TYR CA  HA   sing N N 397 
TYR C   O    doub N N 398 
TYR C   OXT  sing N N 399 
TYR CB  CG   sing N N 400 
TYR CB  HB2  sing N N 401 
TYR CB  HB3  sing N N 402 
TYR CG  CD1  doub Y N 403 
TYR CG  CD2  sing Y N 404 
TYR CD1 CE1  sing Y N 405 
TYR CD1 HD1  sing N N 406 
TYR CD2 CE2  doub Y N 407 
TYR CD2 HD2  sing N N 408 
TYR CE1 CZ   doub Y N 409 
TYR CE1 HE1  sing N N 410 
TYR CE2 CZ   sing Y N 411 
TYR CE2 HE2  sing N N 412 
TYR CZ  OH   sing N N 413 
TYR OH  HH   sing N N 414 
TYR OXT HXT  sing N N 415 
VAL N   CA   sing N N 416 
VAL N   H    sing N N 417 
VAL N   H2   sing N N 418 
VAL CA  C    sing N N 419 
VAL CA  CB   sing N N 420 
VAL CA  HA   sing N N 421 
VAL C   O    doub N N 422 
VAL C   OXT  sing N N 423 
VAL CB  CG1  sing N N 424 
VAL CB  CG2  sing N N 425 
VAL CB  HB   sing N N 426 
VAL CG1 HG11 sing N N 427 
VAL CG1 HG12 sing N N 428 
VAL CG1 HG13 sing N N 429 
VAL CG2 HG21 sing N N 430 
VAL CG2 HG22 sing N N 431 
VAL CG2 HG23 sing N N 432 
VAL OXT HXT  sing N N 433 
# 
loop_
_pdbx_entity_nonpoly.entity_id 
_pdbx_entity_nonpoly.name 
_pdbx_entity_nonpoly.comp_id 
2 '(2Z)-4-[(3S)-1-(benzylsulfonyl)-3-(4-chlorobenzyl)piperidin-3-yl]-2-hydroxy-4-oxobut-2-enoic acid' CI1 
3 'MANGANESE (II) ION'                                                                                MN  
4 water                                                                                               HOH 
# 
_pdbx_initial_refinement_model.id               1 
_pdbx_initial_refinement_model.entity_id_list   ? 
_pdbx_initial_refinement_model.type             'experimental model' 
_pdbx_initial_refinement_model.source_name      PDB 
_pdbx_initial_refinement_model.accession_code   2W69 
_pdbx_initial_refinement_model.details          'PDB ENTRY 2W69' 
# 
